data_5W3C
# 
_entry.id   5W3C 
# 
_audit_conform.dict_name       mmcif_pdbx.dic 
_audit_conform.dict_version    5.398 
_audit_conform.dict_location   http://mmcif.pdb.org/dictionaries/ascii/mmcif_pdbx.dic 
# 
loop_
_database_2.database_id 
_database_2.database_code 
_database_2.pdbx_database_accession 
_database_2.pdbx_DOI 
PDB   5W3C         pdb_00005w3c 10.2210/pdb5w3c/pdb 
WWPDB D_1000228358 ?            ?                   
# 
loop_
_pdbx_audit_revision_history.ordinal 
_pdbx_audit_revision_history.data_content_type 
_pdbx_audit_revision_history.major_revision 
_pdbx_audit_revision_history.minor_revision 
_pdbx_audit_revision_history.revision_date 
1 'Structure model' 1 0 2018-01-03 
2 'Structure model' 1 1 2018-01-31 
3 'Structure model' 1 2 2018-03-07 
4 'Structure model' 1 3 2023-10-04 
5 'Structure model' 1 4 2024-11-06 
# 
_pdbx_audit_revision_details.ordinal             1 
_pdbx_audit_revision_details.revision_ordinal    1 
_pdbx_audit_revision_details.data_content_type   'Structure model' 
_pdbx_audit_revision_details.provider            repository 
_pdbx_audit_revision_details.type                'Initial release' 
_pdbx_audit_revision_details.description         ? 
_pdbx_audit_revision_details.details             ? 
# 
loop_
_pdbx_audit_revision_group.ordinal 
_pdbx_audit_revision_group.revision_ordinal 
_pdbx_audit_revision_group.data_content_type 
_pdbx_audit_revision_group.group 
1 2 'Structure model' 'Database references'    
2 3 'Structure model' 'Data collection'        
3 4 'Structure model' 'Data collection'        
4 4 'Structure model' 'Database references'    
5 4 'Structure model' 'Refinement description' 
6 5 'Structure model' 'Structure summary'      
# 
loop_
_pdbx_audit_revision_category.ordinal 
_pdbx_audit_revision_category.revision_ordinal 
_pdbx_audit_revision_category.data_content_type 
_pdbx_audit_revision_category.category 
1 2 'Structure model' citation                      
2 3 'Structure model' diffrn_source                 
3 4 'Structure model' chem_comp_atom                
4 4 'Structure model' chem_comp_bond                
5 4 'Structure model' database_2                    
6 4 'Structure model' diffrn_radiation_wavelength   
7 4 'Structure model' pdbx_initial_refinement_model 
8 5 'Structure model' pdbx_entry_details            
9 5 'Structure model' pdbx_modification_feature     
# 
loop_
_pdbx_audit_revision_item.ordinal 
_pdbx_audit_revision_item.revision_ordinal 
_pdbx_audit_revision_item.data_content_type 
_pdbx_audit_revision_item.item 
1 2 'Structure model' '_citation.journal_volume'            
2 2 'Structure model' '_citation.page_first'                
3 2 'Structure model' '_citation.page_last'                 
4 2 'Structure model' '_citation.year'                      
5 3 'Structure model' '_diffrn_source.source'               
6 4 'Structure model' '_database_2.pdbx_DOI'                
7 4 'Structure model' '_database_2.pdbx_database_accession' 
# 
_pdbx_database_status.status_code                     REL 
_pdbx_database_status.status_code_sf                  REL 
_pdbx_database_status.status_code_mr                  ? 
_pdbx_database_status.entry_id                        5W3C 
_pdbx_database_status.recvd_initial_deposition_date   2017-06-07 
_pdbx_database_status.SG_entry                        N 
_pdbx_database_status.deposit_site                    RCSB 
_pdbx_database_status.process_site                    RCSB 
_pdbx_database_status.status_code_cs                  ? 
_pdbx_database_status.methods_development_category    ? 
_pdbx_database_status.pdb_format_compatible           Y 
_pdbx_database_status.status_code_nmr_data            ? 
# 
loop_
_pdbx_database_related.db_name 
_pdbx_database_related.details 
_pdbx_database_related.db_id 
_pdbx_database_related.content_type 
PDB 'CJ without thiol' 5W17 unspecified 
PDB CJ-N182C           5W37 unspecified 
# 
loop_
_audit_author.name 
_audit_author.pdbx_ordinal 
_audit_author.identifier_ORCID 
'Huber, T.R.' 1 ? 
'Snow, C.D.'  2 ? 
# 
_citation.abstract                  ? 
_citation.abstract_id_CAS           ? 
_citation.book_id_ISBN              ? 
_citation.book_publisher            ? 
_citation.book_publisher_city       ? 
_citation.book_title                ? 
_citation.coordinate_linkage        ? 
_citation.country                   US 
_citation.database_id_Medline       ? 
_citation.details                   ? 
_citation.id                        primary 
_citation.journal_abbrev            'Bioconjug. Chem.' 
_citation.journal_id_ASTM           BCCHES 
_citation.journal_id_CSD            2063 
_citation.journal_id_ISSN           1520-4812 
_citation.journal_full              ? 
_citation.journal_issue             ? 
_citation.journal_volume            29 
_citation.language                  ? 
_citation.page_first                17 
_citation.page_last                 22 
_citation.title                     'Installing Guest Molecules at Specific Sites within Scaffold Protein Crystals.' 
_citation.year                      2018 
_citation.database_id_CSD           ? 
_citation.pdbx_database_id_DOI      10.1021/acs.bioconjchem.7b00668 
_citation.pdbx_database_id_PubMed   29232505 
_citation.unpublished_flag          ? 
# 
loop_
_citation_author.citation_id 
_citation_author.name 
_citation_author.ordinal 
_citation_author.identifier_ORCID 
primary 'Huber, T.R.'     1 ? 
primary 'McPherson, E.C.' 2 ? 
primary 'Keating, C.E.'   3 ? 
primary 'Snow, C.D.'      4 ? 
# 
loop_
_entity.id 
_entity.type 
_entity.src_method 
_entity.pdbx_description 
_entity.formula_weight 
_entity.pdbx_number_of_molecules 
_entity.pdbx_ec 
_entity.pdbx_mutation 
_entity.pdbx_fragment 
_entity.details 
1 polymer     man 'Polyisoprenoid-binding protein' 20188.832 1  ? N182C 'UNP residues 22-190' ? 
2 non-polymer syn EICOSANE                         282.547   1  ? ?     ?                     ? 
3 non-polymer syn 'SULFATE ION'                    96.063    2  ? ?     ?                     ? 
4 non-polymer syn SELENOCYSTEINE                   168.053   1  ? ?     ?                     ? 
5 water       nat water                            18.015    19 ? ?     ?                     ? 
# 
_entity_name_com.entity_id   1 
_entity_name_com.name        'YCEI periplasmic protein, Protein yceI, periplasmic protein' 
# 
_entity_poly.entity_id                      1 
_entity_poly.type                           'polypeptide(L)' 
_entity_poly.nstd_linkage                   no 
_entity_poly.nstd_monomer                   no 
_entity_poly.pdbx_seq_one_letter_code       
;MKEYTLDKAHTDVGFKIKHLQISNVKGNFKDYSAVIDFDPASAEFKKLDVTIKIASVNTENQTRDNHLQQDDFFKAKKYP
DMTFTMKKYEKIDNEKGKMTGTLTIAGVSKDIVLDAEIGGVAKGKDGKEKIGFSLNGKIKRSDFKFATSTSTITLSDDIN
LCIEVEANEKEGGSHHHHHH
;
_entity_poly.pdbx_seq_one_letter_code_can   
;MKEYTLDKAHTDVGFKIKHLQISNVKGNFKDYSAVIDFDPASAEFKKLDVTIKIASVNTENQTRDNHLQQDDFFKAKKYP
DMTFTMKKYEKIDNEKGKMTGTLTIAGVSKDIVLDAEIGGVAKGKDGKEKIGFSLNGKIKRSDFKFATSTSTITLSDDIN
LCIEVEANEKEGGSHHHHHH
;
_entity_poly.pdbx_strand_id                 A 
_entity_poly.pdbx_target_identifier         ? 
# 
loop_
_pdbx_entity_nonpoly.entity_id 
_pdbx_entity_nonpoly.name 
_pdbx_entity_nonpoly.comp_id 
2 EICOSANE       LFA 
3 'SULFATE ION'  SO4 
4 SELENOCYSTEINE SEC 
5 water          HOH 
# 
loop_
_entity_poly_seq.entity_id 
_entity_poly_seq.num 
_entity_poly_seq.mon_id 
_entity_poly_seq.hetero 
1 1   MET n 
1 2   LYS n 
1 3   GLU n 
1 4   TYR n 
1 5   THR n 
1 6   LEU n 
1 7   ASP n 
1 8   LYS n 
1 9   ALA n 
1 10  HIS n 
1 11  THR n 
1 12  ASP n 
1 13  VAL n 
1 14  GLY n 
1 15  PHE n 
1 16  LYS n 
1 17  ILE n 
1 18  LYS n 
1 19  HIS n 
1 20  LEU n 
1 21  GLN n 
1 22  ILE n 
1 23  SER n 
1 24  ASN n 
1 25  VAL n 
1 26  LYS n 
1 27  GLY n 
1 28  ASN n 
1 29  PHE n 
1 30  LYS n 
1 31  ASP n 
1 32  TYR n 
1 33  SER n 
1 34  ALA n 
1 35  VAL n 
1 36  ILE n 
1 37  ASP n 
1 38  PHE n 
1 39  ASP n 
1 40  PRO n 
1 41  ALA n 
1 42  SER n 
1 43  ALA n 
1 44  GLU n 
1 45  PHE n 
1 46  LYS n 
1 47  LYS n 
1 48  LEU n 
1 49  ASP n 
1 50  VAL n 
1 51  THR n 
1 52  ILE n 
1 53  LYS n 
1 54  ILE n 
1 55  ALA n 
1 56  SER n 
1 57  VAL n 
1 58  ASN n 
1 59  THR n 
1 60  GLU n 
1 61  ASN n 
1 62  GLN n 
1 63  THR n 
1 64  ARG n 
1 65  ASP n 
1 66  ASN n 
1 67  HIS n 
1 68  LEU n 
1 69  GLN n 
1 70  GLN n 
1 71  ASP n 
1 72  ASP n 
1 73  PHE n 
1 74  PHE n 
1 75  LYS n 
1 76  ALA n 
1 77  LYS n 
1 78  LYS n 
1 79  TYR n 
1 80  PRO n 
1 81  ASP n 
1 82  MET n 
1 83  THR n 
1 84  PHE n 
1 85  THR n 
1 86  MET n 
1 87  LYS n 
1 88  LYS n 
1 89  TYR n 
1 90  GLU n 
1 91  LYS n 
1 92  ILE n 
1 93  ASP n 
1 94  ASN n 
1 95  GLU n 
1 96  LYS n 
1 97  GLY n 
1 98  LYS n 
1 99  MET n 
1 100 THR n 
1 101 GLY n 
1 102 THR n 
1 103 LEU n 
1 104 THR n 
1 105 ILE n 
1 106 ALA n 
1 107 GLY n 
1 108 VAL n 
1 109 SER n 
1 110 LYS n 
1 111 ASP n 
1 112 ILE n 
1 113 VAL n 
1 114 LEU n 
1 115 ASP n 
1 116 ALA n 
1 117 GLU n 
1 118 ILE n 
1 119 GLY n 
1 120 GLY n 
1 121 VAL n 
1 122 ALA n 
1 123 LYS n 
1 124 GLY n 
1 125 LYS n 
1 126 ASP n 
1 127 GLY n 
1 128 LYS n 
1 129 GLU n 
1 130 LYS n 
1 131 ILE n 
1 132 GLY n 
1 133 PHE n 
1 134 SER n 
1 135 LEU n 
1 136 ASN n 
1 137 GLY n 
1 138 LYS n 
1 139 ILE n 
1 140 LYS n 
1 141 ARG n 
1 142 SER n 
1 143 ASP n 
1 144 PHE n 
1 145 LYS n 
1 146 PHE n 
1 147 ALA n 
1 148 THR n 
1 149 SER n 
1 150 THR n 
1 151 SER n 
1 152 THR n 
1 153 ILE n 
1 154 THR n 
1 155 LEU n 
1 156 SER n 
1 157 ASP n 
1 158 ASP n 
1 159 ILE n 
1 160 ASN n 
1 161 LEU n 
1 162 CYS n 
1 163 ILE n 
1 164 GLU n 
1 165 VAL n 
1 166 GLU n 
1 167 ALA n 
1 168 ASN n 
1 169 GLU n 
1 170 LYS n 
1 171 GLU n 
1 172 GLY n 
1 173 GLY n 
1 174 SER n 
1 175 HIS n 
1 176 HIS n 
1 177 HIS n 
1 178 HIS n 
1 179 HIS n 
1 180 HIS n 
# 
_entity_src_gen.entity_id                          1 
_entity_src_gen.pdbx_src_id                        1 
_entity_src_gen.pdbx_alt_source_flag               sample 
_entity_src_gen.pdbx_seq_type                      'Biological sequence' 
_entity_src_gen.pdbx_beg_seq_num                   1 
_entity_src_gen.pdbx_end_seq_num                   180 
_entity_src_gen.gene_src_common_name               ? 
_entity_src_gen.gene_src_genus                     ? 
_entity_src_gen.pdbx_gene_src_gene                 'A0L11_08945, A0M64_02260, A0M70_03345, AD53_02580' 
_entity_src_gen.gene_src_species                   ? 
_entity_src_gen.gene_src_strain                    ? 
_entity_src_gen.gene_src_tissue                    ? 
_entity_src_gen.gene_src_tissue_fraction           ? 
_entity_src_gen.gene_src_details                   ? 
_entity_src_gen.pdbx_gene_src_fragment             ? 
_entity_src_gen.pdbx_gene_src_scientific_name      'Campylobacter jejuni' 
_entity_src_gen.pdbx_gene_src_ncbi_taxonomy_id     197 
_entity_src_gen.pdbx_gene_src_variant              ? 
_entity_src_gen.pdbx_gene_src_cell_line            ? 
_entity_src_gen.pdbx_gene_src_atcc                 ? 
_entity_src_gen.pdbx_gene_src_organ                ? 
_entity_src_gen.pdbx_gene_src_organelle            ? 
_entity_src_gen.pdbx_gene_src_cell                 ? 
_entity_src_gen.pdbx_gene_src_cellular_location    ? 
_entity_src_gen.host_org_common_name               ? 
_entity_src_gen.pdbx_host_org_scientific_name      'Escherichia coli BL21(DE3)' 
_entity_src_gen.pdbx_host_org_ncbi_taxonomy_id     469008 
_entity_src_gen.host_org_genus                     ? 
_entity_src_gen.pdbx_host_org_gene                 ? 
_entity_src_gen.pdbx_host_org_organ                ? 
_entity_src_gen.host_org_species                   ? 
_entity_src_gen.pdbx_host_org_tissue               ? 
_entity_src_gen.pdbx_host_org_tissue_fraction      ? 
_entity_src_gen.pdbx_host_org_strain               'C41(DE3)' 
_entity_src_gen.pdbx_host_org_variant              ? 
_entity_src_gen.pdbx_host_org_cell_line            ? 
_entity_src_gen.pdbx_host_org_atcc                 ? 
_entity_src_gen.pdbx_host_org_culture_collection   ? 
_entity_src_gen.pdbx_host_org_cell                 ? 
_entity_src_gen.pdbx_host_org_organelle            ? 
_entity_src_gen.pdbx_host_org_cellular_location    ? 
_entity_src_gen.pdbx_host_org_vector_type          plasmid 
_entity_src_gen.pdbx_host_org_vector               ? 
_entity_src_gen.host_org_details                   ? 
_entity_src_gen.expression_system_id               ? 
_entity_src_gen.plasmid_name                       pSB3 
_entity_src_gen.plasmid_details                    ? 
_entity_src_gen.pdbx_description                   ? 
# 
loop_
_chem_comp.id 
_chem_comp.type 
_chem_comp.mon_nstd_flag 
_chem_comp.name 
_chem_comp.pdbx_synonyms 
_chem_comp.formula 
_chem_comp.formula_weight 
ALA 'L-peptide linking' y ALANINE         ?                'C3 H7 N O2'     89.093  
ARG 'L-peptide linking' y ARGININE        ?                'C6 H15 N4 O2 1' 175.209 
ASN 'L-peptide linking' y ASPARAGINE      ?                'C4 H8 N2 O3'    132.118 
ASP 'L-peptide linking' y 'ASPARTIC ACID' ?                'C4 H7 N O4'     133.103 
CYS 'L-peptide linking' y CYSTEINE        ?                'C3 H7 N O2 S'   121.158 
GLN 'L-peptide linking' y GLUTAMINE       ?                'C5 H10 N2 O3'   146.144 
GLU 'L-peptide linking' y 'GLUTAMIC ACID' ?                'C5 H9 N O4'     147.129 
GLY 'peptide linking'   y GLYCINE         ?                'C2 H5 N O2'     75.067  
HIS 'L-peptide linking' y HISTIDINE       ?                'C6 H10 N3 O2 1' 156.162 
HOH non-polymer         . WATER           ?                'H2 O'           18.015  
ILE 'L-peptide linking' y ISOLEUCINE      ?                'C6 H13 N O2'    131.173 
LEU 'L-peptide linking' y LEUCINE         ?                'C6 H13 N O2'    131.173 
LFA non-polymer         . EICOSANE        'LIPID FRAGMENT' 'C20 H42'        282.547 
LYS 'L-peptide linking' y LYSINE          ?                'C6 H15 N2 O2 1' 147.195 
MET 'L-peptide linking' y METHIONINE      ?                'C5 H11 N O2 S'  149.211 
PHE 'L-peptide linking' y PHENYLALANINE   ?                'C9 H11 N O2'    165.189 
PRO 'L-peptide linking' y PROLINE         ?                'C5 H9 N O2'     115.130 
SEC 'L-peptide linking' y SELENOCYSTEINE  ?                'C3 H7 N O2 Se'  168.053 
SER 'L-peptide linking' y SERINE          ?                'C3 H7 N O3'     105.093 
SO4 non-polymer         . 'SULFATE ION'   ?                'O4 S -2'        96.063  
THR 'L-peptide linking' y THREONINE       ?                'C4 H9 N O3'     119.119 
TYR 'L-peptide linking' y TYROSINE        ?                'C9 H11 N O3'    181.189 
VAL 'L-peptide linking' y VALINE          ?                'C5 H11 N O2'    117.146 
# 
loop_
_pdbx_poly_seq_scheme.asym_id 
_pdbx_poly_seq_scheme.entity_id 
_pdbx_poly_seq_scheme.seq_id 
_pdbx_poly_seq_scheme.mon_id 
_pdbx_poly_seq_scheme.ndb_seq_num 
_pdbx_poly_seq_scheme.pdb_seq_num 
_pdbx_poly_seq_scheme.auth_seq_num 
_pdbx_poly_seq_scheme.pdb_mon_id 
_pdbx_poly_seq_scheme.auth_mon_id 
_pdbx_poly_seq_scheme.pdb_strand_id 
_pdbx_poly_seq_scheme.pdb_ins_code 
_pdbx_poly_seq_scheme.hetero 
A 1 1   MET 1   21  21  MET MET A . n 
A 1 2   LYS 2   22  22  LYS LYS A . n 
A 1 3   GLU 3   23  23  GLU GLU A . n 
A 1 4   TYR 4   24  24  TYR TYR A . n 
A 1 5   THR 5   25  25  THR THR A . n 
A 1 6   LEU 6   26  26  LEU LEU A . n 
A 1 7   ASP 7   27  27  ASP ASP A . n 
A 1 8   LYS 8   28  28  LYS LYS A . n 
A 1 9   ALA 9   29  29  ALA ALA A . n 
A 1 10  HIS 10  30  30  HIS HIS A . n 
A 1 11  THR 11  31  31  THR THR A . n 
A 1 12  ASP 12  32  32  ASP ASP A . n 
A 1 13  VAL 13  33  33  VAL VAL A . n 
A 1 14  GLY 14  34  34  GLY GLY A . n 
A 1 15  PHE 15  35  35  PHE PHE A . n 
A 1 16  LYS 16  36  36  LYS LYS A . n 
A 1 17  ILE 17  37  37  ILE ILE A . n 
A 1 18  LYS 18  38  38  LYS LYS A . n 
A 1 19  HIS 19  39  39  HIS HIS A . n 
A 1 20  LEU 20  40  40  LEU LEU A . n 
A 1 21  GLN 21  41  41  GLN GLN A . n 
A 1 22  ILE 22  42  42  ILE ILE A . n 
A 1 23  SER 23  43  43  SER SER A . n 
A 1 24  ASN 24  44  44  ASN ASN A . n 
A 1 25  VAL 25  45  45  VAL VAL A . n 
A 1 26  LYS 26  46  46  LYS LYS A . n 
A 1 27  GLY 27  47  47  GLY GLY A . n 
A 1 28  ASN 28  48  48  ASN ASN A . n 
A 1 29  PHE 29  49  49  PHE PHE A . n 
A 1 30  LYS 30  50  50  LYS LYS A . n 
A 1 31  ASP 31  51  51  ASP ASP A . n 
A 1 32  TYR 32  52  52  TYR TYR A . n 
A 1 33  SER 33  53  53  SER SER A . n 
A 1 34  ALA 34  54  54  ALA ALA A . n 
A 1 35  VAL 35  55  55  VAL VAL A . n 
A 1 36  ILE 36  56  56  ILE ILE A . n 
A 1 37  ASP 37  57  57  ASP ASP A . n 
A 1 38  PHE 38  58  58  PHE PHE A . n 
A 1 39  ASP 39  59  59  ASP ASP A . n 
A 1 40  PRO 40  60  60  PRO PRO A . n 
A 1 41  ALA 41  61  61  ALA ALA A . n 
A 1 42  SER 42  62  62  SER SER A . n 
A 1 43  ALA 43  63  63  ALA ALA A . n 
A 1 44  GLU 44  64  64  GLU GLU A . n 
A 1 45  PHE 45  65  65  PHE PHE A . n 
A 1 46  LYS 46  66  66  LYS LYS A . n 
A 1 47  LYS 47  67  67  LYS LYS A . n 
A 1 48  LEU 48  68  68  LEU LEU A . n 
A 1 49  ASP 49  69  69  ASP ASP A . n 
A 1 50  VAL 50  70  70  VAL VAL A . n 
A 1 51  THR 51  71  71  THR THR A . n 
A 1 52  ILE 52  72  72  ILE ILE A . n 
A 1 53  LYS 53  73  73  LYS LYS A . n 
A 1 54  ILE 54  74  74  ILE ILE A . n 
A 1 55  ALA 55  75  75  ALA ALA A . n 
A 1 56  SER 56  76  76  SER SER A . n 
A 1 57  VAL 57  77  77  VAL VAL A . n 
A 1 58  ASN 58  78  78  ASN ASN A . n 
A 1 59  THR 59  79  79  THR THR A . n 
A 1 60  GLU 60  80  80  GLU GLU A . n 
A 1 61  ASN 61  81  81  ASN ASN A . n 
A 1 62  GLN 62  82  82  GLN GLN A . n 
A 1 63  THR 63  83  83  THR THR A . n 
A 1 64  ARG 64  84  84  ARG ARG A . n 
A 1 65  ASP 65  85  85  ASP ASP A . n 
A 1 66  ASN 66  86  86  ASN ASN A . n 
A 1 67  HIS 67  87  87  HIS HIS A . n 
A 1 68  LEU 68  88  88  LEU LEU A . n 
A 1 69  GLN 69  89  89  GLN GLN A . n 
A 1 70  GLN 70  90  90  GLN GLN A . n 
A 1 71  ASP 71  91  91  ASP ASP A . n 
A 1 72  ASP 72  92  92  ASP ASP A . n 
A 1 73  PHE 73  93  93  PHE PHE A . n 
A 1 74  PHE 74  94  94  PHE PHE A . n 
A 1 75  LYS 75  95  95  LYS LYS A . n 
A 1 76  ALA 76  96  96  ALA ALA A . n 
A 1 77  LYS 77  97  97  LYS LYS A . n 
A 1 78  LYS 78  98  98  LYS LYS A . n 
A 1 79  TYR 79  99  99  TYR TYR A . n 
A 1 80  PRO 80  100 100 PRO PRO A . n 
A 1 81  ASP 81  101 101 ASP ASP A . n 
A 1 82  MET 82  102 102 MET MET A . n 
A 1 83  THR 83  103 103 THR THR A . n 
A 1 84  PHE 84  104 104 PHE PHE A . n 
A 1 85  THR 85  105 105 THR THR A . n 
A 1 86  MET 86  106 106 MET MET A . n 
A 1 87  LYS 87  107 107 LYS LYS A . n 
A 1 88  LYS 88  108 108 LYS LYS A . n 
A 1 89  TYR 89  109 109 TYR TYR A . n 
A 1 90  GLU 90  110 110 GLU GLU A . n 
A 1 91  LYS 91  111 111 LYS LYS A . n 
A 1 92  ILE 92  112 112 ILE ILE A . n 
A 1 93  ASP 93  113 113 ASP ASP A . n 
A 1 94  ASN 94  114 114 ASN ASN A . n 
A 1 95  GLU 95  115 115 GLU GLU A . n 
A 1 96  LYS 96  116 116 LYS LYS A . n 
A 1 97  GLY 97  117 117 GLY GLY A . n 
A 1 98  LYS 98  118 118 LYS LYS A . n 
A 1 99  MET 99  119 119 MET MET A . n 
A 1 100 THR 100 120 120 THR THR A . n 
A 1 101 GLY 101 121 121 GLY GLY A . n 
A 1 102 THR 102 122 122 THR THR A . n 
A 1 103 LEU 103 123 123 LEU LEU A . n 
A 1 104 THR 104 124 124 THR THR A . n 
A 1 105 ILE 105 125 125 ILE ILE A . n 
A 1 106 ALA 106 126 126 ALA ALA A . n 
A 1 107 GLY 107 127 127 GLY GLY A . n 
A 1 108 VAL 108 128 128 VAL VAL A . n 
A 1 109 SER 109 129 129 SER SER A . n 
A 1 110 LYS 110 130 130 LYS LYS A . n 
A 1 111 ASP 111 131 131 ASP ASP A . n 
A 1 112 ILE 112 132 132 ILE ILE A . n 
A 1 113 VAL 113 133 133 VAL VAL A . n 
A 1 114 LEU 114 134 134 LEU LEU A . n 
A 1 115 ASP 115 135 135 ASP ASP A . n 
A 1 116 ALA 116 136 136 ALA ALA A . n 
A 1 117 GLU 117 137 137 GLU GLU A . n 
A 1 118 ILE 118 138 138 ILE ILE A . n 
A 1 119 GLY 119 139 139 GLY GLY A . n 
A 1 120 GLY 120 140 140 GLY GLY A . n 
A 1 121 VAL 121 141 141 VAL VAL A . n 
A 1 122 ALA 122 142 142 ALA ALA A . n 
A 1 123 LYS 123 143 143 LYS LYS A . n 
A 1 124 GLY 124 144 144 GLY GLY A . n 
A 1 125 LYS 125 145 145 LYS LYS A . n 
A 1 126 ASP 126 146 146 ASP ASP A . n 
A 1 127 GLY 127 147 147 GLY GLY A . n 
A 1 128 LYS 128 148 148 LYS LYS A . n 
A 1 129 GLU 129 149 149 GLU GLU A . n 
A 1 130 LYS 130 150 150 LYS LYS A . n 
A 1 131 ILE 131 151 151 ILE ILE A . n 
A 1 132 GLY 132 152 152 GLY GLY A . n 
A 1 133 PHE 133 153 153 PHE PHE A . n 
A 1 134 SER 134 154 154 SER SER A . n 
A 1 135 LEU 135 155 155 LEU LEU A . n 
A 1 136 ASN 136 156 156 ASN ASN A . n 
A 1 137 GLY 137 157 157 GLY GLY A . n 
A 1 138 LYS 138 158 158 LYS LYS A . n 
A 1 139 ILE 139 159 159 ILE ILE A . n 
A 1 140 LYS 140 160 160 LYS LYS A . n 
A 1 141 ARG 141 161 161 ARG ARG A . n 
A 1 142 SER 142 162 162 SER SER A . n 
A 1 143 ASP 143 163 163 ASP ASP A . n 
A 1 144 PHE 144 164 164 PHE PHE A . n 
A 1 145 LYS 145 165 165 LYS LYS A . n 
A 1 146 PHE 146 166 166 PHE PHE A . n 
A 1 147 ALA 147 167 167 ALA ALA A . n 
A 1 148 THR 148 168 168 THR THR A . n 
A 1 149 SER 149 169 169 SER SER A . n 
A 1 150 THR 150 170 170 THR THR A . n 
A 1 151 SER 151 171 171 SER SER A . n 
A 1 152 THR 152 172 172 THR THR A . n 
A 1 153 ILE 153 173 173 ILE ILE A . n 
A 1 154 THR 154 174 174 THR THR A . n 
A 1 155 LEU 155 175 175 LEU LEU A . n 
A 1 156 SER 156 176 176 SER SER A . n 
A 1 157 ASP 157 177 177 ASP ASP A . n 
A 1 158 ASP 158 178 178 ASP ASP A . n 
A 1 159 ILE 159 179 179 ILE ILE A . n 
A 1 160 ASN 160 180 180 ASN ASN A . n 
A 1 161 LEU 161 181 181 LEU LEU A . n 
A 1 162 CYS 162 182 182 CYS CYS A . n 
A 1 163 ILE 163 183 183 ILE ILE A . n 
A 1 164 GLU 164 184 184 GLU GLU A . n 
A 1 165 VAL 165 185 185 VAL VAL A . n 
A 1 166 GLU 166 186 186 GLU GLU A . n 
A 1 167 ALA 167 187 187 ALA ALA A . n 
A 1 168 ASN 168 188 188 ASN ASN A . n 
A 1 169 GLU 169 189 189 GLU GLU A . n 
A 1 170 LYS 170 190 190 LYS LYS A . n 
A 1 171 GLU 171 191 191 GLU GLU A . n 
A 1 172 GLY 172 192 ?   ?   ?   A . n 
A 1 173 GLY 173 193 ?   ?   ?   A . n 
A 1 174 SER 174 194 ?   ?   ?   A . n 
A 1 175 HIS 175 195 ?   ?   ?   A . n 
A 1 176 HIS 176 196 ?   ?   ?   A . n 
A 1 177 HIS 177 197 ?   ?   ?   A . n 
A 1 178 HIS 178 198 ?   ?   ?   A . n 
A 1 179 HIS 179 199 ?   ?   ?   A . n 
A 1 180 HIS 180 200 ?   ?   ?   A . n 
# 
loop_
_pdbx_nonpoly_scheme.asym_id 
_pdbx_nonpoly_scheme.entity_id 
_pdbx_nonpoly_scheme.mon_id 
_pdbx_nonpoly_scheme.ndb_seq_num 
_pdbx_nonpoly_scheme.pdb_seq_num 
_pdbx_nonpoly_scheme.auth_seq_num 
_pdbx_nonpoly_scheme.pdb_mon_id 
_pdbx_nonpoly_scheme.auth_mon_id 
_pdbx_nonpoly_scheme.pdb_strand_id 
_pdbx_nonpoly_scheme.pdb_ins_code 
B 2 LFA 1  301 1  LFA LFA A . 
C 3 SO4 1  302 1  SO4 SO4 A . 
D 3 SO4 1  303 2  SO4 SO4 A . 
E 4 SEC 1  304 1  SEC SEC A . 
F 5 HOH 1  401 26 HOH HOH A . 
F 5 HOH 2  402 17 HOH HOH A . 
F 5 HOH 3  403 12 HOH HOH A . 
F 5 HOH 4  404 25 HOH HOH A . 
F 5 HOH 5  405 7  HOH HOH A . 
F 5 HOH 6  406 22 HOH HOH A . 
F 5 HOH 7  407 10 HOH HOH A . 
F 5 HOH 8  408 14 HOH HOH A . 
F 5 HOH 9  409 11 HOH HOH A . 
F 5 HOH 10 410 2  HOH HOH A . 
F 5 HOH 11 411 4  HOH HOH A . 
F 5 HOH 12 412 5  HOH HOH A . 
F 5 HOH 13 413 9  HOH HOH A . 
F 5 HOH 14 414 28 HOH HOH A . 
F 5 HOH 15 415 8  HOH HOH A . 
F 5 HOH 16 416 18 HOH HOH A . 
F 5 HOH 17 417 3  HOH HOH A . 
F 5 HOH 18 418 21 HOH HOH A . 
F 5 HOH 19 419 20 HOH HOH A . 
# 
loop_
_pdbx_unobs_or_zero_occ_atoms.id 
_pdbx_unobs_or_zero_occ_atoms.PDB_model_num 
_pdbx_unobs_or_zero_occ_atoms.polymer_flag 
_pdbx_unobs_or_zero_occ_atoms.occupancy_flag 
_pdbx_unobs_or_zero_occ_atoms.auth_asym_id 
_pdbx_unobs_or_zero_occ_atoms.auth_comp_id 
_pdbx_unobs_or_zero_occ_atoms.auth_seq_id 
_pdbx_unobs_or_zero_occ_atoms.PDB_ins_code 
_pdbx_unobs_or_zero_occ_atoms.auth_atom_id 
_pdbx_unobs_or_zero_occ_atoms.label_alt_id 
_pdbx_unobs_or_zero_occ_atoms.label_asym_id 
_pdbx_unobs_or_zero_occ_atoms.label_comp_id 
_pdbx_unobs_or_zero_occ_atoms.label_seq_id 
_pdbx_unobs_or_zero_occ_atoms.label_atom_id 
1  1 Y 1 A LYS 46  ? CG  ? A LYS 26  CG  
2  1 Y 1 A LYS 46  ? CD  ? A LYS 26  CD  
3  1 Y 1 A LYS 46  ? CE  ? A LYS 26  CE  
4  1 Y 1 A LYS 46  ? NZ  ? A LYS 26  NZ  
5  1 Y 1 A LYS 50  ? CG  ? A LYS 30  CG  
6  1 Y 1 A LYS 50  ? CD  ? A LYS 30  CD  
7  1 Y 1 A LYS 50  ? CE  ? A LYS 30  CE  
8  1 Y 1 A LYS 50  ? NZ  ? A LYS 30  NZ  
9  1 Y 1 A LYS 97  ? CG  ? A LYS 77  CG  
10 1 Y 1 A LYS 97  ? CD  ? A LYS 77  CD  
11 1 Y 1 A LYS 97  ? CE  ? A LYS 77  CE  
12 1 Y 1 A LYS 97  ? NZ  ? A LYS 77  NZ  
13 1 Y 1 A LYS 158 ? CG  ? A LYS 138 CG  
14 1 Y 1 A LYS 158 ? CD  ? A LYS 138 CD  
15 1 Y 1 A LYS 158 ? CE  ? A LYS 138 CE  
16 1 Y 1 A LYS 158 ? NZ  ? A LYS 138 NZ  
17 1 Y 1 A GLU 186 ? CG  ? A GLU 166 CG  
18 1 Y 1 A GLU 186 ? CD  ? A GLU 166 CD  
19 1 Y 1 A GLU 186 ? OE1 ? A GLU 166 OE1 
20 1 Y 1 A GLU 186 ? OE2 ? A GLU 166 OE2 
21 1 Y 1 A GLU 191 ? CG  ? A GLU 171 CG  
22 1 Y 1 A GLU 191 ? CD  ? A GLU 171 CD  
23 1 Y 1 A GLU 191 ? OE1 ? A GLU 171 OE1 
24 1 Y 1 A GLU 191 ? OE2 ? A GLU 171 OE2 
25 1 N 1 A LFA 301 ? C18 ? B LFA 1   C18 
26 1 N 1 A LFA 301 ? C19 ? B LFA 1   C19 
27 1 N 1 A LFA 301 ? C20 ? B LFA 1   C20 
# 
loop_
_software.citation_id 
_software.classification 
_software.compiler_name 
_software.compiler_version 
_software.contact_author 
_software.contact_author_email 
_software.date 
_software.description 
_software.dependencies 
_software.hardware 
_software.language 
_software.location 
_software.mods 
_software.name 
_software.os 
_software.os_version 
_software.type 
_software.version 
_software.pdbx_ordinal 
? 'data scaling'    ? ? ? ? ? ? ? ? ? ? ? SCALA       ? ? ? 3.3.22   1 
? refinement        ? ? ? ? ? ? ? ? ? ? ? REFMAC      ? ? ? 5.8.0158 2 
? 'data extraction' ? ? ? ? ? ? ? ? ? ? ? PDB_EXTRACT ? ? ? 3.22     3 
? 'data reduction'  ? ? ? ? ? ? ? ? ? ? ? XDS         ? ? ? 20161101 4 
? phasing           ? ? ? ? ? ? ? ? ? ? ? REFMAC      ? ? ? 5.8.0158 5 
# 
_cell.angle_alpha                  90.000 
_cell.angle_alpha_esd              ? 
_cell.angle_beta                   90.000 
_cell.angle_beta_esd               ? 
_cell.angle_gamma                  120.000 
_cell.angle_gamma_esd              ? 
_cell.entry_id                     5W3C 
_cell.details                      ? 
_cell.formula_units_Z              ? 
_cell.length_a                     180.341 
_cell.length_a_esd                 ? 
_cell.length_b                     180.341 
_cell.length_b_esd                 ? 
_cell.length_c                     50.588 
_cell.length_c_esd                 ? 
_cell.volume                       ? 
_cell.volume_esd                   ? 
_cell.Z_PDB                        12 
_cell.reciprocal_angle_alpha       ? 
_cell.reciprocal_angle_beta        ? 
_cell.reciprocal_angle_gamma       ? 
_cell.reciprocal_angle_alpha_esd   ? 
_cell.reciprocal_angle_beta_esd    ? 
_cell.reciprocal_angle_gamma_esd   ? 
_cell.reciprocal_length_a          ? 
_cell.reciprocal_length_b          ? 
_cell.reciprocal_length_c          ? 
_cell.reciprocal_length_a_esd      ? 
_cell.reciprocal_length_b_esd      ? 
_cell.reciprocal_length_c_esd      ? 
_cell.pdbx_unique_axis             ? 
# 
_symmetry.entry_id                         5W3C 
_symmetry.cell_setting                     ? 
_symmetry.Int_Tables_number                177 
_symmetry.space_group_name_Hall            ? 
_symmetry.space_group_name_H-M             'P 6 2 2' 
_symmetry.pdbx_full_space_group_name_H-M   ? 
# 
_exptl.absorpt_coefficient_mu     ? 
_exptl.absorpt_correction_T_max   ? 
_exptl.absorpt_correction_T_min   ? 
_exptl.absorpt_correction_type    ? 
_exptl.absorpt_process_details    ? 
_exptl.entry_id                   5W3C 
_exptl.crystals_number            1 
_exptl.details                    ? 
_exptl.method                     'X-RAY DIFFRACTION' 
_exptl.method_details             ? 
# 
_exptl_crystal.colour                      ? 
_exptl_crystal.density_diffrn              ? 
_exptl_crystal.density_Matthews            5.88 
_exptl_crystal.density_method              ? 
_exptl_crystal.density_percent_sol         79.09 
_exptl_crystal.description                 ? 
_exptl_crystal.F_000                       ? 
_exptl_crystal.id                          1 
_exptl_crystal.preparation                 ? 
_exptl_crystal.size_max                    ? 
_exptl_crystal.size_mid                    ? 
_exptl_crystal.size_min                    ? 
_exptl_crystal.size_rad                    ? 
_exptl_crystal.colour_lustre               ? 
_exptl_crystal.colour_modifier             ? 
_exptl_crystal.colour_primary              ? 
_exptl_crystal.density_meas                ? 
_exptl_crystal.density_meas_esd            ? 
_exptl_crystal.density_meas_gt             ? 
_exptl_crystal.density_meas_lt             ? 
_exptl_crystal.density_meas_temp           ? 
_exptl_crystal.density_meas_temp_esd       ? 
_exptl_crystal.density_meas_temp_gt        ? 
_exptl_crystal.density_meas_temp_lt        ? 
_exptl_crystal.pdbx_crystal_image_url      ? 
_exptl_crystal.pdbx_crystal_image_format   ? 
_exptl_crystal.pdbx_mosaicity              0.180 
_exptl_crystal.pdbx_mosaicity_esd          ? 
# 
_exptl_crystal_grow.apparatus       ? 
_exptl_crystal_grow.atmosphere      ? 
_exptl_crystal_grow.crystal_id      1 
_exptl_crystal_grow.details         ? 
_exptl_crystal_grow.method          'VAPOR DIFFUSION, SITTING DROP' 
_exptl_crystal_grow.method_ref      ? 
_exptl_crystal_grow.pH              6.0 
_exptl_crystal_grow.pressure        ? 
_exptl_crystal_grow.pressure_esd    ? 
_exptl_crystal_grow.seeding         ? 
_exptl_crystal_grow.seeding_ref     ? 
_exptl_crystal_grow.temp            293 
_exptl_crystal_grow.temp_details    ? 
_exptl_crystal_grow.temp_esd        ? 
_exptl_crystal_grow.time            ? 
_exptl_crystal_grow.pdbx_details    '3.2 M ammonium sulfate, 0.1 M Bis-Tris' 
_exptl_crystal_grow.pdbx_pH_range   ? 
# 
_diffrn.ambient_environment    ? 
_diffrn.ambient_temp           100 
_diffrn.ambient_temp_details   ? 
_diffrn.ambient_temp_esd       ? 
_diffrn.crystal_id             1 
_diffrn.crystal_support        ? 
_diffrn.crystal_treatment      ? 
_diffrn.details                ? 
_diffrn.id                     1 
_diffrn.ambient_pressure       ? 
_diffrn.ambient_pressure_esd   ? 
_diffrn.ambient_pressure_gt    ? 
_diffrn.ambient_pressure_lt    ? 
_diffrn.ambient_temp_gt        ? 
_diffrn.ambient_temp_lt        ? 
# 
_diffrn_detector.details                      ? 
_diffrn_detector.detector                     PIXEL 
_diffrn_detector.diffrn_id                    1 
_diffrn_detector.type                         'DECTRIS PILATUS 200K' 
_diffrn_detector.area_resol_mean              ? 
_diffrn_detector.dtime                        ? 
_diffrn_detector.pdbx_frames_total            ? 
_diffrn_detector.pdbx_collection_time_total   ? 
_diffrn_detector.pdbx_collection_date         2017-04-30 
# 
_diffrn_radiation.collimation                      ? 
_diffrn_radiation.diffrn_id                        1 
_diffrn_radiation.filter_edge                      ? 
_diffrn_radiation.inhomogeneity                    ? 
_diffrn_radiation.monochromator                    'Si (111) double crystal' 
_diffrn_radiation.polarisn_norm                    ? 
_diffrn_radiation.polarisn_ratio                   ? 
_diffrn_radiation.probe                            ? 
_diffrn_radiation.type                             ? 
_diffrn_radiation.xray_symbol                      ? 
_diffrn_radiation.wavelength_id                    1 
_diffrn_radiation.pdbx_monochromatic_or_laue_m_l   M 
_diffrn_radiation.pdbx_wavelength_list             ? 
_diffrn_radiation.pdbx_wavelength                  ? 
_diffrn_radiation.pdbx_diffrn_protocol             'SINGLE WAVELENGTH' 
_diffrn_radiation.pdbx_analyzer                    ? 
_diffrn_radiation.pdbx_scattering_type             x-ray 
# 
_diffrn_radiation_wavelength.id           1 
_diffrn_radiation_wavelength.wavelength   1.54187 
_diffrn_radiation_wavelength.wt           1.0 
# 
_diffrn_source.current                     ? 
_diffrn_source.details                     ? 
_diffrn_source.diffrn_id                   1 
_diffrn_source.power                       ? 
_diffrn_source.size                        ? 
_diffrn_source.source                      'ROTATING ANODE' 
_diffrn_source.target                      ? 
_diffrn_source.type                        RIGAKU 
_diffrn_source.voltage                     ? 
_diffrn_source.take-off_angle              ? 
_diffrn_source.pdbx_wavelength_list        1.54187 
_diffrn_source.pdbx_wavelength             ? 
_diffrn_source.pdbx_synchrotron_beamline   ? 
_diffrn_source.pdbx_synchrotron_site       ? 
# 
_reflns.B_iso_Wilson_estimate            ? 
_reflns.entry_id                         5W3C 
_reflns.data_reduction_details           ? 
_reflns.data_reduction_method            ? 
_reflns.d_resolution_high                2.870 
_reflns.d_resolution_low                 45.085 
_reflns.details                          ? 
_reflns.limit_h_max                      ? 
_reflns.limit_h_min                      ? 
_reflns.limit_k_max                      ? 
_reflns.limit_k_min                      ? 
_reflns.limit_l_max                      ? 
_reflns.limit_l_min                      ? 
_reflns.number_all                       11574 
_reflns.number_obs                       11574 
_reflns.observed_criterion               ? 
_reflns.observed_criterion_F_max         ? 
_reflns.observed_criterion_F_min         ? 
_reflns.observed_criterion_I_max         ? 
_reflns.observed_criterion_I_min         ? 
_reflns.observed_criterion_sigma_F       ? 
_reflns.observed_criterion_sigma_I       ? 
_reflns.percent_possible_obs             100.000 
_reflns.R_free_details                   ? 
_reflns.Rmerge_F_all                     ? 
_reflns.Rmerge_F_obs                     ? 
_reflns.Friedel_coverage                 ? 
_reflns.number_gt                        ? 
_reflns.threshold_expression             ? 
_reflns.pdbx_redundancy                  16.700 
_reflns.pdbx_Rmerge_I_obs                ? 
_reflns.pdbx_Rmerge_I_all                ? 
_reflns.pdbx_Rsym_value                  0.298 
_reflns.pdbx_netI_over_av_sigmaI         2.500 
_reflns.pdbx_netI_over_sigmaI            9.400 
_reflns.pdbx_res_netI_over_av_sigmaI_2   ? 
_reflns.pdbx_res_netI_over_sigmaI_2      ? 
_reflns.pdbx_chi_squared                 ? 
_reflns.pdbx_scaling_rejects             ? 
_reflns.pdbx_d_res_high_opt              ? 
_reflns.pdbx_d_res_low_opt               ? 
_reflns.pdbx_d_res_opt_method            ? 
_reflns.phase_calculation_details        ? 
_reflns.pdbx_Rrim_I_all                  0.307 
_reflns.pdbx_Rpim_I_all                  0.074 
_reflns.pdbx_d_opt                       ? 
_reflns.pdbx_number_measured_all         192807 
_reflns.pdbx_diffrn_id                   1 
_reflns.pdbx_ordinal                     1 
_reflns.pdbx_CC_half                     ? 
_reflns.pdbx_R_split                     ? 
# 
loop_
_reflns_shell.d_res_high 
_reflns_shell.d_res_low 
_reflns_shell.meanI_over_sigI_all 
_reflns_shell.meanI_over_sigI_obs 
_reflns_shell.number_measured_all 
_reflns_shell.number_measured_obs 
_reflns_shell.number_possible 
_reflns_shell.number_unique_all 
_reflns_shell.number_unique_obs 
_reflns_shell.percent_possible_all 
_reflns_shell.percent_possible_obs 
_reflns_shell.Rmerge_F_all 
_reflns_shell.Rmerge_F_obs 
_reflns_shell.Rmerge_I_all 
_reflns_shell.Rmerge_I_obs 
_reflns_shell.meanI_over_sigI_gt 
_reflns_shell.meanI_over_uI_all 
_reflns_shell.meanI_over_uI_gt 
_reflns_shell.number_measured_gt 
_reflns_shell.number_unique_gt 
_reflns_shell.percent_possible_gt 
_reflns_shell.Rmerge_F_gt 
_reflns_shell.Rmerge_I_gt 
_reflns_shell.pdbx_redundancy 
_reflns_shell.pdbx_Rsym_value 
_reflns_shell.pdbx_chi_squared 
_reflns_shell.pdbx_netI_over_sigmaI_all 
_reflns_shell.pdbx_netI_over_sigmaI_obs 
_reflns_shell.pdbx_Rrim_I_all 
_reflns_shell.pdbx_Rpim_I_all 
_reflns_shell.pdbx_rejects 
_reflns_shell.pdbx_ordinal 
_reflns_shell.pdbx_diffrn_id 
_reflns_shell.pdbx_CC_half 
_reflns_shell.pdbx_R_split 
2.870 3.030  ? 0.400  12205 ? ? 1632 ? 100.000 ? ? ? ? 1.882 ? ? ? ? ? ? ? ? 7.500  1.882 ? ? 1.000  2.021 0.723 ? 1  1 ? ? 
3.030 3.210  ? 0.700  23600 ? ? 1561 ? 100.000 ? ? ? ? 1.184 ? ? ? ? ? ? ? ? 15.100 1.184 ? ? 2.500  1.225 0.311 ? 2  1 ? ? 
3.210 3.430  ? 1.100  26906 ? ? 1472 ? 100.000 ? ? ? ? 0.734 ? ? ? ? ? ? ? ? 18.300 0.734 ? ? 4.600  0.755 0.175 ? 3  1 ? ? 
3.430 3.710  ? 1.700  25895 ? ? 1375 ? 100.000 ? ? ? ? 0.460 ? ? ? ? ? ? ? ? 18.800 0.460 ? ? 7.200  0.473 0.108 ? 4  1 ? ? 
3.710 4.060  ? 2.400  25159 ? ? 1283 ? 100.000 ? ? ? ? 0.321 ? ? ? ? ? ? ? ? 19.600 0.321 ? ? 10.100 0.329 0.074 ? 5  1 ? ? 
4.060 4.540  ? 3.800  23173 ? ? 1166 ? 100.000 ? ? ? ? 0.196 ? ? ? ? ? ? ? ? 19.900 0.196 ? ? 16.000 0.201 0.045 ? 6  1 ? ? 
4.540 5.240  ? 4.400  20227 ? ? 1037 ? 100.000 ? ? ? ? 0.164 ? ? ? ? ? ? ? ? 19.500 0.164 ? ? 17.600 0.168 0.038 ? 7  1 ? ? 
5.240 6.420  ? 3.700  17037 ? ? 900  ? 100.000 ? ? ? ? 0.204 ? ? ? ? ? ? ? ? 18.900 0.204 ? ? 14.000 0.209 0.048 ? 8  1 ? ? 
6.420 9.080  ? 5.300  12634 ? ? 714  ? 100.000 ? ? ? ? 0.138 ? ? ? ? ? ? ? ? 17.700 0.138 ? ? 16.700 0.143 0.034 ? 9  1 ? ? 
9.080 45.085 ? 12.200 5971  ? ? 434  ? 99.000  ? ? ? ? 0.052 ? ? ? ? ? ? ? ? 13.800 0.052 ? ? 27.900 0.054 0.014 ? 10 1 ? ? 
# 
_refine.aniso_B[1][1]                            0.0000 
_refine.aniso_B[1][2]                            0.0000 
_refine.aniso_B[1][3]                            0.0000 
_refine.aniso_B[2][2]                            0.0000 
_refine.aniso_B[2][3]                            -0.0000 
_refine.aniso_B[3][3]                            -0.0000 
_refine.B_iso_max                                134.590 
_refine.B_iso_mean                               53.5350 
_refine.B_iso_min                                14.230 
_refine.correlation_coeff_Fo_to_Fc               0.9220 
_refine.correlation_coeff_Fo_to_Fc_free          0.9090 
_refine.details                                  'U VALUES      : REFINED INDIVIDUALLY' 
_refine.diff_density_max                         ? 
_refine.diff_density_max_esd                     ? 
_refine.diff_density_min                         ? 
_refine.diff_density_min_esd                     ? 
_refine.diff_density_rms                         ? 
_refine.diff_density_rms_esd                     ? 
_refine.entry_id                                 5W3C 
_refine.pdbx_refine_id                           'X-RAY DIFFRACTION' 
_refine.ls_abs_structure_details                 ? 
_refine.ls_abs_structure_Flack                   ? 
_refine.ls_abs_structure_Flack_esd               ? 
_refine.ls_abs_structure_Rogers                  ? 
_refine.ls_abs_structure_Rogers_esd              ? 
_refine.ls_d_res_high                            2.8700 
_refine.ls_d_res_low                             44.1200 
_refine.ls_extinction_coef                       ? 
_refine.ls_extinction_coef_esd                   ? 
_refine.ls_extinction_expression                 ? 
_refine.ls_extinction_method                     ? 
_refine.ls_goodness_of_fit_all                   ? 
_refine.ls_goodness_of_fit_all_esd               ? 
_refine.ls_goodness_of_fit_obs                   ? 
_refine.ls_goodness_of_fit_obs_esd               ? 
_refine.ls_hydrogen_treatment                    ? 
_refine.ls_matrix_type                           ? 
_refine.ls_number_constraints                    ? 
_refine.ls_number_parameters                     ? 
_refine.ls_number_reflns_all                     ? 
_refine.ls_number_reflns_obs                     10989 
_refine.ls_number_reflns_R_free                  579 
_refine.ls_number_reflns_R_work                  ? 
_refine.ls_number_restraints                     ? 
_refine.ls_percent_reflns_obs                    99.8500 
_refine.ls_percent_reflns_R_free                 5.0000 
_refine.ls_R_factor_all                          ? 
_refine.ls_R_factor_obs                          0.2354 
_refine.ls_R_factor_R_free                       0.2738 
_refine.ls_R_factor_R_free_error                 ? 
_refine.ls_R_factor_R_free_error_details         ? 
_refine.ls_R_factor_R_work                       0.2333 
_refine.ls_R_Fsqd_factor_obs                     ? 
_refine.ls_R_I_factor_obs                        ? 
_refine.ls_redundancy_reflns_all                 ? 
_refine.ls_redundancy_reflns_obs                 ? 
_refine.ls_restrained_S_all                      ? 
_refine.ls_restrained_S_obs                      ? 
_refine.ls_shift_over_esd_max                    ? 
_refine.ls_shift_over_esd_mean                   ? 
_refine.ls_structure_factor_coef                 ? 
_refine.ls_weighting_details                     ? 
_refine.ls_weighting_scheme                      ? 
_refine.ls_wR_factor_all                         ? 
_refine.ls_wR_factor_obs                         ? 
_refine.ls_wR_factor_R_free                      ? 
_refine.ls_wR_factor_R_work                      ? 
_refine.occupancy_max                            ? 
_refine.occupancy_min                            ? 
_refine.solvent_model_details                    ? 
_refine.solvent_model_param_bsol                 ? 
_refine.solvent_model_param_ksol                 ? 
_refine.ls_R_factor_gt                           ? 
_refine.ls_goodness_of_fit_gt                    ? 
_refine.ls_goodness_of_fit_ref                   ? 
_refine.ls_shift_over_su_max                     ? 
_refine.ls_shift_over_su_max_lt                  ? 
_refine.ls_shift_over_su_mean                    ? 
_refine.ls_shift_over_su_mean_lt                 ? 
_refine.pdbx_ls_sigma_I                          ? 
_refine.pdbx_ls_sigma_F                          0.000 
_refine.pdbx_ls_sigma_Fsqd                       ? 
_refine.pdbx_data_cutoff_high_absF               ? 
_refine.pdbx_data_cutoff_high_rms_absF           ? 
_refine.pdbx_data_cutoff_low_absF                ? 
_refine.pdbx_isotropic_thermal_model             ? 
_refine.pdbx_ls_cross_valid_method               THROUGHOUT 
_refine.pdbx_method_to_determine_struct          'MOLECULAR REPLACEMENT' 
_refine.pdbx_starting_model                      'PDB entry 5W37' 
_refine.pdbx_stereochemistry_target_values       ? 
_refine.pdbx_R_Free_selection_details            RANDOM 
_refine.pdbx_stereochem_target_val_spec_case     ? 
_refine.pdbx_overall_ESU_R                       0.3400 
_refine.pdbx_overall_ESU_R_Free                  0.2830 
_refine.pdbx_solvent_vdw_probe_radii             1.2000 
_refine.pdbx_solvent_ion_probe_radii             0.8000 
_refine.pdbx_solvent_shrinkage_radii             0.8000 
_refine.pdbx_real_space_R                        ? 
_refine.pdbx_density_correlation                 ? 
_refine.pdbx_pd_number_of_powder_patterns        ? 
_refine.pdbx_pd_number_of_points                 ? 
_refine.pdbx_pd_meas_number_of_points            ? 
_refine.pdbx_pd_proc_ls_prof_R_factor            ? 
_refine.pdbx_pd_proc_ls_prof_wR_factor           ? 
_refine.pdbx_pd_Marquardt_correlation_coeff      ? 
_refine.pdbx_pd_Fsqrd_R_factor                   ? 
_refine.pdbx_pd_ls_matrix_band_width             ? 
_refine.pdbx_overall_phase_error                 ? 
_refine.pdbx_overall_SU_R_free_Cruickshank_DPI   ? 
_refine.pdbx_overall_SU_R_free_Blow_DPI          ? 
_refine.pdbx_overall_SU_R_Blow_DPI               ? 
_refine.pdbx_TLS_residual_ADP_flag               ? 
_refine.pdbx_diffrn_id                           1 
_refine.overall_SU_B                             ? 
_refine.overall_SU_ML                            ? 
_refine.overall_SU_R_Cruickshank_DPI             ? 
_refine.overall_SU_R_free                        ? 
_refine.overall_FOM_free_R_set                   ? 
_refine.overall_FOM_work_R_set                   ? 
_refine.pdbx_average_fsc_overall                 ? 
_refine.pdbx_average_fsc_work                    ? 
_refine.pdbx_average_fsc_free                    ? 
# 
_refine_hist.cycle_id                         final 
_refine_hist.pdbx_refine_id                   'X-RAY DIFFRACTION' 
_refine_hist.d_res_high                       2.8700 
_refine_hist.d_res_low                        44.1200 
_refine_hist.pdbx_number_atoms_ligand         34 
_refine_hist.number_atoms_solvent             19 
_refine_hist.number_atoms_total               1372 
_refine_hist.pdbx_number_residues_total       171 
_refine_hist.pdbx_B_iso_mean_ligand           69.25 
_refine_hist.pdbx_B_iso_mean_solvent          33.78 
_refine_hist.pdbx_number_atoms_protein        1319 
_refine_hist.pdbx_number_atoms_nucleic_acid   0 
# 
loop_
_refine_ls_restr.pdbx_refine_id 
_refine_ls_restr.criterion 
_refine_ls_restr.dev_ideal 
_refine_ls_restr.dev_ideal_target 
_refine_ls_restr.number 
_refine_ls_restr.rejects 
_refine_ls_restr.type 
_refine_ls_restr.weight 
_refine_ls_restr.pdbx_restraint_function 
'X-RAY DIFFRACTION' ? 0.012  0.019  1368 ? r_bond_refined_d       ? ? 
'X-RAY DIFFRACTION' ? 1.816  1.976  1829 ? r_angle_refined_deg    ? ? 
'X-RAY DIFFRACTION' ? 7.653  5.000  170  ? r_dihedral_angle_1_deg ? ? 
'X-RAY DIFFRACTION' ? 38.792 26.379 58   ? r_dihedral_angle_2_deg ? ? 
'X-RAY DIFFRACTION' ? 18.585 15.000 255  ? r_dihedral_angle_3_deg ? ? 
'X-RAY DIFFRACTION' ? 33.249 15.000 2    ? r_dihedral_angle_4_deg ? ? 
'X-RAY DIFFRACTION' ? 0.107  0.200  209  ? r_chiral_restr         ? ? 
'X-RAY DIFFRACTION' ? 0.006  0.020  978  ? r_gen_planes_refined   ? ? 
# 
_refine_ls_shell.pdbx_refine_id                   'X-RAY DIFFRACTION' 
_refine_ls_shell.d_res_high                       2.8700 
_refine_ls_shell.d_res_low                        2.9440 
_refine_ls_shell.number_reflns_all                824 
_refine_ls_shell.number_reflns_obs                ? 
_refine_ls_shell.number_reflns_R_free             39 
_refine_ls_shell.number_reflns_R_work             785 
_refine_ls_shell.percent_reflns_obs               99.8800 
_refine_ls_shell.percent_reflns_R_free            ? 
_refine_ls_shell.R_factor_all                     ? 
_refine_ls_shell.R_factor_obs                     ? 
_refine_ls_shell.R_factor_R_free                  0.3690 
_refine_ls_shell.R_factor_R_free_error            0.0000 
_refine_ls_shell.R_factor_R_work                  0.4030 
_refine_ls_shell.redundancy_reflns_all            ? 
_refine_ls_shell.redundancy_reflns_obs            ? 
_refine_ls_shell.wR_factor_all                    ? 
_refine_ls_shell.wR_factor_obs                    ? 
_refine_ls_shell.wR_factor_R_free                 ? 
_refine_ls_shell.wR_factor_R_work                 ? 
_refine_ls_shell.pdbx_total_number_of_bins_used   20 
_refine_ls_shell.pdbx_phase_error                 ? 
_refine_ls_shell.pdbx_fsc_work                    ? 
_refine_ls_shell.pdbx_fsc_free                    ? 
# 
_struct.entry_id                     5W3C 
_struct.title                        'Crystal structure of mutant CJ YCEI protein (CJ-N182C) with selenocysteine guest structure' 
_struct.pdbx_model_details           ? 
_struct.pdbx_formula_weight          ? 
_struct.pdbx_formula_weight_method   ? 
_struct.pdbx_model_type_details      ? 
_struct.pdbx_CASP_flag               N 
# 
_struct_keywords.entry_id        5W3C 
_struct_keywords.text            'nanotechnology, nanoporous, UNKNOWN FUNCTION' 
_struct_keywords.pdbx_keywords   'UNKNOWN FUNCTION' 
# 
loop_
_struct_asym.id 
_struct_asym.pdbx_blank_PDB_chainid_flag 
_struct_asym.pdbx_modified 
_struct_asym.entity_id 
_struct_asym.details 
A N N 1 ? 
B N N 2 ? 
C N N 3 ? 
D N N 3 ? 
E N N 4 ? 
F N N 5 ? 
# 
_struct_ref.id                         1 
_struct_ref.db_name                    UNP 
_struct_ref.db_code                    Q79JB5_CAMJU 
_struct_ref.pdbx_db_accession          Q79JB5 
_struct_ref.pdbx_db_isoform            ? 
_struct_ref.entity_id                  1 
_struct_ref.pdbx_seq_one_letter_code   
;KEYTLDKAHTDVGFKIKHLQISNVKGNFKDYSAVIDFDPASAEFKKLDVTIKIASVNTENQTRDNHLQQDDFFKAKKYPD
MTFTMKKYEKIDNEKGKMTGTLTIAGVSKDIVLDAEIGGVAKGKDGKEKIGFSLNGKIKRSDFKFATSTSTITLSDDINL
NIEVEANEK
;
_struct_ref.pdbx_align_begin           22 
# 
_struct_ref_seq.align_id                      1 
_struct_ref_seq.ref_id                        1 
_struct_ref_seq.pdbx_PDB_id_code              5W3C 
_struct_ref_seq.pdbx_strand_id                A 
_struct_ref_seq.seq_align_beg                 2 
_struct_ref_seq.pdbx_seq_align_beg_ins_code   ? 
_struct_ref_seq.seq_align_end                 170 
_struct_ref_seq.pdbx_seq_align_end_ins_code   ? 
_struct_ref_seq.pdbx_db_accession             Q79JB5 
_struct_ref_seq.db_align_beg                  22 
_struct_ref_seq.pdbx_db_align_beg_ins_code    ? 
_struct_ref_seq.db_align_end                  190 
_struct_ref_seq.pdbx_db_align_end_ins_code    ? 
_struct_ref_seq.pdbx_auth_seq_align_beg       22 
_struct_ref_seq.pdbx_auth_seq_align_end       190 
# 
loop_
_struct_ref_seq_dif.align_id 
_struct_ref_seq_dif.pdbx_pdb_id_code 
_struct_ref_seq_dif.mon_id 
_struct_ref_seq_dif.pdbx_pdb_strand_id 
_struct_ref_seq_dif.seq_num 
_struct_ref_seq_dif.pdbx_pdb_ins_code 
_struct_ref_seq_dif.pdbx_seq_db_name 
_struct_ref_seq_dif.pdbx_seq_db_accession_code 
_struct_ref_seq_dif.db_mon_id 
_struct_ref_seq_dif.pdbx_seq_db_seq_num 
_struct_ref_seq_dif.details 
_struct_ref_seq_dif.pdbx_auth_seq_num 
_struct_ref_seq_dif.pdbx_ordinal 
1 5W3C MET A 1   ? UNP Q79JB5 ?   ?   'initiating methionine' 21  1  
1 5W3C CYS A 162 ? UNP Q79JB5 ASN 182 'engineered mutation'   182 2  
1 5W3C GLU A 171 ? UNP Q79JB5 ?   ?   'expression tag'        191 3  
1 5W3C GLY A 172 ? UNP Q79JB5 ?   ?   'expression tag'        192 4  
1 5W3C GLY A 173 ? UNP Q79JB5 ?   ?   'expression tag'        193 5  
1 5W3C SER A 174 ? UNP Q79JB5 ?   ?   'expression tag'        194 6  
1 5W3C HIS A 175 ? UNP Q79JB5 ?   ?   'expression tag'        195 7  
1 5W3C HIS A 176 ? UNP Q79JB5 ?   ?   'expression tag'        196 8  
1 5W3C HIS A 177 ? UNP Q79JB5 ?   ?   'expression tag'        197 9  
1 5W3C HIS A 178 ? UNP Q79JB5 ?   ?   'expression tag'        198 10 
1 5W3C HIS A 179 ? UNP Q79JB5 ?   ?   'expression tag'        199 11 
1 5W3C HIS A 180 ? UNP Q79JB5 ?   ?   'expression tag'        200 12 
# 
loop_
_pdbx_struct_assembly.id 
_pdbx_struct_assembly.details 
_pdbx_struct_assembly.method_details 
_pdbx_struct_assembly.oligomeric_details 
_pdbx_struct_assembly.oligomeric_count 
1 author_defined_assembly   ?    monomeric  1 
2 software_defined_assembly PISA tetrameric 4 
# 
loop_
_pdbx_struct_assembly_prop.biol_id 
_pdbx_struct_assembly_prop.type 
_pdbx_struct_assembly_prop.value 
_pdbx_struct_assembly_prop.details 
1 'ABSA (A^2)' 1020  ? 
1 MORE         -18   ? 
1 'SSA (A^2)'  12600 ? 
2 'ABSA (A^2)' 21450 ? 
2 MORE         -203  ? 
2 'SSA (A^2)'  33020 ? 
# 
loop_
_pdbx_struct_assembly_gen.assembly_id 
_pdbx_struct_assembly_gen.oper_expression 
_pdbx_struct_assembly_gen.asym_id_list 
1 1       A,B,C,D,E,F 
2 1,2,3,4 A,B,C,D,E,F 
# 
_pdbx_struct_assembly_auth_evidence.id                     1 
_pdbx_struct_assembly_auth_evidence.assembly_id            1 
_pdbx_struct_assembly_auth_evidence.experimental_support   none 
_pdbx_struct_assembly_auth_evidence.details                . 
# 
loop_
_pdbx_struct_oper_list.id 
_pdbx_struct_oper_list.type 
_pdbx_struct_oper_list.name 
_pdbx_struct_oper_list.symmetry_operation 
_pdbx_struct_oper_list.matrix[1][1] 
_pdbx_struct_oper_list.matrix[1][2] 
_pdbx_struct_oper_list.matrix[1][3] 
_pdbx_struct_oper_list.vector[1] 
_pdbx_struct_oper_list.matrix[2][1] 
_pdbx_struct_oper_list.matrix[2][2] 
_pdbx_struct_oper_list.matrix[2][3] 
_pdbx_struct_oper_list.vector[2] 
_pdbx_struct_oper_list.matrix[3][1] 
_pdbx_struct_oper_list.matrix[3][2] 
_pdbx_struct_oper_list.matrix[3][3] 
_pdbx_struct_oper_list.vector[3] 
1 'identity operation'         1_555  x,y,z        1.0000000000  0.0000000000  0.0000000000  0.0000000000  0.0000000000  1.0000000000  0.0000000000  0.0000000000   0.0000000000  0.0000000000  1.0000000000  0.0000000000  
2 'crystal symmetry operation' 4_545  -x,-y-1,z    -0.7161429487 0.6472830919  0.2610821250  30.1768041265 0.6472830919  0.4760084313  0.5953491180  -21.5745368552 0.2610821250  0.5953491180  -0.7598654826 20.6790651914 
3 'crystal symmetry operation' 9_556  -x,-x+y,-z+1 -0.9485205809 0.0987973361  -0.3009116049 40.2596351064 0.0987973361  -0.8103919239 -0.5774980659 0.1894565625   -0.3009116049 -0.5774980659 0.7589125048  6.9497500197  
4 'crystal symmetry operation' 12_546 x,x-y-1,-z+1 0.6646635296  -0.7460804280 0.0398294799  3.2822378615  -0.7460804280 -0.6656165074 -0.0178510521 8.7125546999   0.0398294799  -0.0178510521 -0.9990470222 26.0220539228 
# 
loop_
_struct_conf.conf_type_id 
_struct_conf.id 
_struct_conf.pdbx_PDB_helix_id 
_struct_conf.beg_label_comp_id 
_struct_conf.beg_label_asym_id 
_struct_conf.beg_label_seq_id 
_struct_conf.pdbx_beg_PDB_ins_code 
_struct_conf.end_label_comp_id 
_struct_conf.end_label_asym_id 
_struct_conf.end_label_seq_id 
_struct_conf.pdbx_end_PDB_ins_code 
_struct_conf.beg_auth_comp_id 
_struct_conf.beg_auth_asym_id 
_struct_conf.beg_auth_seq_id 
_struct_conf.end_auth_comp_id 
_struct_conf.end_auth_asym_id 
_struct_conf.end_auth_seq_id 
_struct_conf.pdbx_PDB_helix_class 
_struct_conf.details 
_struct_conf.pdbx_PDB_helix_length 
HELX_P HELX_P1 AA1 ASP A 7   ? THR A 11  ? ASP A 27  THR A 31  5 ? 5 
HELX_P HELX_P2 AA2 ASN A 61  ? GLN A 69  ? ASN A 81  GLN A 89  1 ? 9 
HELX_P HELX_P3 AA3 SER A 142 ? LYS A 145 ? SER A 162 LYS A 165 5 ? 4 
# 
_struct_conf_type.id          HELX_P 
_struct_conf_type.criteria    ? 
_struct_conf_type.reference   ? 
# 
_struct_conn.id                            covale1 
_struct_conn.conn_type_id                  covale 
_struct_conn.pdbx_leaving_atom_flag        none 
_struct_conn.pdbx_PDB_id                   ? 
_struct_conn.ptnr1_label_asym_id           A 
_struct_conn.ptnr1_label_comp_id           CYS 
_struct_conn.ptnr1_label_seq_id            162 
_struct_conn.ptnr1_label_atom_id           SG 
_struct_conn.pdbx_ptnr1_label_alt_id       ? 
_struct_conn.pdbx_ptnr1_PDB_ins_code       ? 
_struct_conn.pdbx_ptnr1_standard_comp_id   ? 
_struct_conn.ptnr1_symmetry                1_555 
_struct_conn.ptnr2_label_asym_id           E 
_struct_conn.ptnr2_label_comp_id           SEC 
_struct_conn.ptnr2_label_seq_id            . 
_struct_conn.ptnr2_label_atom_id           SE 
_struct_conn.pdbx_ptnr2_label_alt_id       ? 
_struct_conn.pdbx_ptnr2_PDB_ins_code       ? 
_struct_conn.ptnr1_auth_asym_id            A 
_struct_conn.ptnr1_auth_comp_id            CYS 
_struct_conn.ptnr1_auth_seq_id             182 
_struct_conn.ptnr2_auth_asym_id            A 
_struct_conn.ptnr2_auth_comp_id            SEC 
_struct_conn.ptnr2_auth_seq_id             304 
_struct_conn.ptnr2_symmetry                1_555 
_struct_conn.pdbx_ptnr3_label_atom_id      ? 
_struct_conn.pdbx_ptnr3_label_seq_id       ? 
_struct_conn.pdbx_ptnr3_label_comp_id      ? 
_struct_conn.pdbx_ptnr3_label_asym_id      ? 
_struct_conn.pdbx_ptnr3_label_alt_id       ? 
_struct_conn.pdbx_ptnr3_PDB_ins_code       ? 
_struct_conn.details                       ? 
_struct_conn.pdbx_dist_value               2.039 
_struct_conn.pdbx_value_order              ? 
_struct_conn.pdbx_role                     ? 
# 
_struct_conn_type.id          covale 
_struct_conn_type.criteria    ? 
_struct_conn_type.reference   ? 
# 
_pdbx_modification_feature.ordinal                            1 
_pdbx_modification_feature.label_comp_id                      SEC 
_pdbx_modification_feature.label_asym_id                      E 
_pdbx_modification_feature.label_seq_id                       . 
_pdbx_modification_feature.label_alt_id                       ? 
_pdbx_modification_feature.modified_residue_label_comp_id     CYS 
_pdbx_modification_feature.modified_residue_label_asym_id     A 
_pdbx_modification_feature.modified_residue_label_seq_id      162 
_pdbx_modification_feature.modified_residue_label_alt_id      ? 
_pdbx_modification_feature.auth_comp_id                       SEC 
_pdbx_modification_feature.auth_asym_id                       A 
_pdbx_modification_feature.auth_seq_id                        304 
_pdbx_modification_feature.PDB_ins_code                       ? 
_pdbx_modification_feature.symmetry                           1_555 
_pdbx_modification_feature.modified_residue_auth_comp_id      CYS 
_pdbx_modification_feature.modified_residue_auth_asym_id      A 
_pdbx_modification_feature.modified_residue_auth_seq_id       182 
_pdbx_modification_feature.modified_residue_PDB_ins_code      ? 
_pdbx_modification_feature.modified_residue_symmetry          1_555 
_pdbx_modification_feature.comp_id_linking_atom               SE 
_pdbx_modification_feature.modified_residue_id_linking_atom   SG 
_pdbx_modification_feature.modified_residue_id                CYS 
_pdbx_modification_feature.ref_pcm_id                         1 
_pdbx_modification_feature.ref_comp_id                        SEC 
_pdbx_modification_feature.type                               None 
_pdbx_modification_feature.category                           'Covalent chemical modification' 
# 
loop_
_struct_sheet.id 
_struct_sheet.type 
_struct_sheet.number_strands 
_struct_sheet.details 
AA1 ? 2 ? 
AA2 ? 7 ? 
# 
loop_
_struct_sheet_order.sheet_id 
_struct_sheet_order.range_id_1 
_struct_sheet_order.range_id_2 
_struct_sheet_order.offset 
_struct_sheet_order.sense 
AA1 1 2 ? anti-parallel 
AA2 1 2 ? anti-parallel 
AA2 2 3 ? anti-parallel 
AA2 3 4 ? anti-parallel 
AA2 4 5 ? anti-parallel 
AA2 5 6 ? anti-parallel 
AA2 6 7 ? anti-parallel 
# 
loop_
_struct_sheet_range.sheet_id 
_struct_sheet_range.id 
_struct_sheet_range.beg_label_comp_id 
_struct_sheet_range.beg_label_asym_id 
_struct_sheet_range.beg_label_seq_id 
_struct_sheet_range.pdbx_beg_PDB_ins_code 
_struct_sheet_range.end_label_comp_id 
_struct_sheet_range.end_label_asym_id 
_struct_sheet_range.end_label_seq_id 
_struct_sheet_range.pdbx_end_PDB_ins_code 
_struct_sheet_range.beg_auth_comp_id 
_struct_sheet_range.beg_auth_asym_id 
_struct_sheet_range.beg_auth_seq_id 
_struct_sheet_range.end_auth_comp_id 
_struct_sheet_range.end_auth_asym_id 
_struct_sheet_range.end_auth_seq_id 
AA1 1 ASN A 28  ? PHE A 29  ? ASN A 48  PHE A 49  
AA1 2 VAL A 57  ? ASN A 58  ? VAL A 77  ASN A 78  
AA2 1 TYR A 32  ? PHE A 38  ? TYR A 52  PHE A 58  
AA2 2 PHE A 45  ? LYS A 53  ? PHE A 65  LYS A 73  
AA2 3 ASP A 81  ? LYS A 91  ? ASP A 101 LYS A 111 
AA2 4 LYS A 96  ? ILE A 105 ? LYS A 116 ILE A 125 
AA2 5 VAL A 108 ? LYS A 123 ? VAL A 128 LYS A 143 
AA2 6 GLU A 129 ? LYS A 140 ? GLU A 149 LYS A 160 
AA2 7 ASP A 158 ? ASN A 168 ? ASP A 178 ASN A 188 
# 
loop_
_pdbx_struct_sheet_hbond.sheet_id 
_pdbx_struct_sheet_hbond.range_id_1 
_pdbx_struct_sheet_hbond.range_id_2 
_pdbx_struct_sheet_hbond.range_1_label_atom_id 
_pdbx_struct_sheet_hbond.range_1_label_comp_id 
_pdbx_struct_sheet_hbond.range_1_label_asym_id 
_pdbx_struct_sheet_hbond.range_1_label_seq_id 
_pdbx_struct_sheet_hbond.range_1_PDB_ins_code 
_pdbx_struct_sheet_hbond.range_1_auth_atom_id 
_pdbx_struct_sheet_hbond.range_1_auth_comp_id 
_pdbx_struct_sheet_hbond.range_1_auth_asym_id 
_pdbx_struct_sheet_hbond.range_1_auth_seq_id 
_pdbx_struct_sheet_hbond.range_2_label_atom_id 
_pdbx_struct_sheet_hbond.range_2_label_comp_id 
_pdbx_struct_sheet_hbond.range_2_label_asym_id 
_pdbx_struct_sheet_hbond.range_2_label_seq_id 
_pdbx_struct_sheet_hbond.range_2_PDB_ins_code 
_pdbx_struct_sheet_hbond.range_2_auth_atom_id 
_pdbx_struct_sheet_hbond.range_2_auth_comp_id 
_pdbx_struct_sheet_hbond.range_2_auth_asym_id 
_pdbx_struct_sheet_hbond.range_2_auth_seq_id 
AA1 1 2 N ASN A 28  ? N ASN A 48  O ASN A 58  ? O ASN A 78  
AA2 1 2 N ASP A 37  ? N ASP A 57  O LYS A 46  ? O LYS A 66  
AA2 2 3 N ILE A 52  ? N ILE A 72  O MET A 82  ? O MET A 102 
AA2 3 4 N LYS A 87  ? N LYS A 107 O THR A 100 ? O THR A 120 
AA2 4 5 N LEU A 103 ? N LEU A 123 O LYS A 110 ? O LYS A 130 
AA2 5 6 N ASP A 115 ? N ASP A 135 O ASN A 136 ? O ASN A 156 
AA2 6 7 N GLY A 137 ? N GLY A 157 O LEU A 161 ? O LEU A 181 
# 
loop_
_struct_site.id 
_struct_site.pdbx_evidence_code 
_struct_site.pdbx_auth_asym_id 
_struct_site.pdbx_auth_comp_id 
_struct_site.pdbx_auth_seq_id 
_struct_site.pdbx_auth_ins_code 
_struct_site.pdbx_num_residues 
_struct_site.details 
AC1 Software A LFA 301 ? 5 'binding site for residue LFA A 301' 
AC2 Software A SO4 302 ? 2 'binding site for residue SO4 A 302' 
AC3 Software A SO4 303 ? 6 'binding site for residue SO4 A 303' 
AC4 Software A SEC 304 ? 2 'binding site for residue SEC A 304' 
# 
loop_
_struct_site_gen.id 
_struct_site_gen.site_id 
_struct_site_gen.pdbx_num_res 
_struct_site_gen.label_comp_id 
_struct_site_gen.label_asym_id 
_struct_site_gen.label_seq_id 
_struct_site_gen.pdbx_auth_ins_code 
_struct_site_gen.auth_comp_id 
_struct_site_gen.auth_asym_id 
_struct_site_gen.auth_seq_id 
_struct_site_gen.label_atom_id 
_struct_site_gen.label_alt_id 
_struct_site_gen.symmetry 
_struct_site_gen.details 
1  AC1 5 PHE A 15  ? PHE A 35  . ? 9_556 ? 
2  AC1 5 HIS A 19  ? HIS A 39  . ? 9_556 ? 
3  AC1 5 ARG A 64  ? ARG A 84  . ? 1_555 ? 
4  AC1 5 ILE A 159 ? ILE A 179 . ? 1_555 ? 
5  AC1 5 LEU A 161 ? LEU A 181 . ? 1_555 ? 
6  AC2 2 LYS A 110 ? LYS A 130 . ? 1_555 ? 
7  AC2 2 ASP A 111 ? ASP A 131 . ? 1_555 ? 
8  AC3 6 SER A 149 ? SER A 169 . ? 4_545 ? 
9  AC3 6 THR A 150 ? THR A 170 . ? 1_555 ? 
10 AC3 6 SER A 151 ? SER A 171 . ? 4_545 ? 
11 AC3 6 SER A 151 ? SER A 171 . ? 1_555 ? 
12 AC3 6 THR A 154 ? THR A 174 . ? 4_545 ? 
13 AC3 6 THR A 154 ? THR A 174 . ? 1_555 ? 
14 AC4 2 ASN A 136 ? ASN A 156 . ? 1_555 ? 
15 AC4 2 CYS A 162 ? CYS A 182 . ? 1_555 ? 
# 
_pdbx_entry_details.entry_id                   5W3C 
_pdbx_entry_details.compound_details           ? 
_pdbx_entry_details.source_details             ? 
_pdbx_entry_details.nonpolymer_details         ? 
_pdbx_entry_details.sequence_details           ? 
_pdbx_entry_details.has_ligand_of_interest     ? 
_pdbx_entry_details.has_protein_modification   Y 
# 
loop_
_pdbx_validate_torsion.id 
_pdbx_validate_torsion.PDB_model_num 
_pdbx_validate_torsion.auth_comp_id 
_pdbx_validate_torsion.auth_asym_id 
_pdbx_validate_torsion.auth_seq_id 
_pdbx_validate_torsion.PDB_ins_code 
_pdbx_validate_torsion.label_alt_id 
_pdbx_validate_torsion.phi 
_pdbx_validate_torsion.psi 
1 1 ASN A 48  ? ? -142.89 -159.14 
2 1 PHE A 93  ? ? -124.83 -111.63 
3 1 LYS A 108 ? ? -177.45 132.20  
4 1 LYS A 145 ? ? -27.63  -64.89  
5 1 LYS A 165 ? ? 33.37   53.39   
# 
loop_
_pdbx_unobs_or_zero_occ_residues.id 
_pdbx_unobs_or_zero_occ_residues.PDB_model_num 
_pdbx_unobs_or_zero_occ_residues.polymer_flag 
_pdbx_unobs_or_zero_occ_residues.occupancy_flag 
_pdbx_unobs_or_zero_occ_residues.auth_asym_id 
_pdbx_unobs_or_zero_occ_residues.auth_comp_id 
_pdbx_unobs_or_zero_occ_residues.auth_seq_id 
_pdbx_unobs_or_zero_occ_residues.PDB_ins_code 
_pdbx_unobs_or_zero_occ_residues.label_asym_id 
_pdbx_unobs_or_zero_occ_residues.label_comp_id 
_pdbx_unobs_or_zero_occ_residues.label_seq_id 
1 1 Y 1 A GLY 192 ? A GLY 172 
2 1 Y 1 A GLY 193 ? A GLY 173 
3 1 Y 1 A SER 194 ? A SER 174 
4 1 Y 1 A HIS 195 ? A HIS 175 
5 1 Y 1 A HIS 196 ? A HIS 176 
6 1 Y 1 A HIS 197 ? A HIS 177 
7 1 Y 1 A HIS 198 ? A HIS 178 
8 1 Y 1 A HIS 199 ? A HIS 179 
9 1 Y 1 A HIS 200 ? A HIS 180 
# 
loop_
_chem_comp_atom.comp_id 
_chem_comp_atom.atom_id 
_chem_comp_atom.type_symbol 
_chem_comp_atom.pdbx_aromatic_flag 
_chem_comp_atom.pdbx_stereo_config 
_chem_comp_atom.pdbx_ordinal 
ALA N    N  N N 1   
ALA CA   C  N S 2   
ALA C    C  N N 3   
ALA O    O  N N 4   
ALA CB   C  N N 5   
ALA OXT  O  N N 6   
ALA H    H  N N 7   
ALA H2   H  N N 8   
ALA HA   H  N N 9   
ALA HB1  H  N N 10  
ALA HB2  H  N N 11  
ALA HB3  H  N N 12  
ALA HXT  H  N N 13  
ARG N    N  N N 14  
ARG CA   C  N S 15  
ARG C    C  N N 16  
ARG O    O  N N 17  
ARG CB   C  N N 18  
ARG CG   C  N N 19  
ARG CD   C  N N 20  
ARG NE   N  N N 21  
ARG CZ   C  N N 22  
ARG NH1  N  N N 23  
ARG NH2  N  N N 24  
ARG OXT  O  N N 25  
ARG H    H  N N 26  
ARG H2   H  N N 27  
ARG HA   H  N N 28  
ARG HB2  H  N N 29  
ARG HB3  H  N N 30  
ARG HG2  H  N N 31  
ARG HG3  H  N N 32  
ARG HD2  H  N N 33  
ARG HD3  H  N N 34  
ARG HE   H  N N 35  
ARG HH11 H  N N 36  
ARG HH12 H  N N 37  
ARG HH21 H  N N 38  
ARG HH22 H  N N 39  
ARG HXT  H  N N 40  
ASN N    N  N N 41  
ASN CA   C  N S 42  
ASN C    C  N N 43  
ASN O    O  N N 44  
ASN CB   C  N N 45  
ASN CG   C  N N 46  
ASN OD1  O  N N 47  
ASN ND2  N  N N 48  
ASN OXT  O  N N 49  
ASN H    H  N N 50  
ASN H2   H  N N 51  
ASN HA   H  N N 52  
ASN HB2  H  N N 53  
ASN HB3  H  N N 54  
ASN HD21 H  N N 55  
ASN HD22 H  N N 56  
ASN HXT  H  N N 57  
ASP N    N  N N 58  
ASP CA   C  N S 59  
ASP C    C  N N 60  
ASP O    O  N N 61  
ASP CB   C  N N 62  
ASP CG   C  N N 63  
ASP OD1  O  N N 64  
ASP OD2  O  N N 65  
ASP OXT  O  N N 66  
ASP H    H  N N 67  
ASP H2   H  N N 68  
ASP HA   H  N N 69  
ASP HB2  H  N N 70  
ASP HB3  H  N N 71  
ASP HD2  H  N N 72  
ASP HXT  H  N N 73  
CYS N    N  N N 74  
CYS CA   C  N R 75  
CYS C    C  N N 76  
CYS O    O  N N 77  
CYS CB   C  N N 78  
CYS SG   S  N N 79  
CYS OXT  O  N N 80  
CYS H    H  N N 81  
CYS H2   H  N N 82  
CYS HA   H  N N 83  
CYS HB2  H  N N 84  
CYS HB3  H  N N 85  
CYS HG   H  N N 86  
CYS HXT  H  N N 87  
GLN N    N  N N 88  
GLN CA   C  N S 89  
GLN C    C  N N 90  
GLN O    O  N N 91  
GLN CB   C  N N 92  
GLN CG   C  N N 93  
GLN CD   C  N N 94  
GLN OE1  O  N N 95  
GLN NE2  N  N N 96  
GLN OXT  O  N N 97  
GLN H    H  N N 98  
GLN H2   H  N N 99  
GLN HA   H  N N 100 
GLN HB2  H  N N 101 
GLN HB3  H  N N 102 
GLN HG2  H  N N 103 
GLN HG3  H  N N 104 
GLN HE21 H  N N 105 
GLN HE22 H  N N 106 
GLN HXT  H  N N 107 
GLU N    N  N N 108 
GLU CA   C  N S 109 
GLU C    C  N N 110 
GLU O    O  N N 111 
GLU CB   C  N N 112 
GLU CG   C  N N 113 
GLU CD   C  N N 114 
GLU OE1  O  N N 115 
GLU OE2  O  N N 116 
GLU OXT  O  N N 117 
GLU H    H  N N 118 
GLU H2   H  N N 119 
GLU HA   H  N N 120 
GLU HB2  H  N N 121 
GLU HB3  H  N N 122 
GLU HG2  H  N N 123 
GLU HG3  H  N N 124 
GLU HE2  H  N N 125 
GLU HXT  H  N N 126 
GLY N    N  N N 127 
GLY CA   C  N N 128 
GLY C    C  N N 129 
GLY O    O  N N 130 
GLY OXT  O  N N 131 
GLY H    H  N N 132 
GLY H2   H  N N 133 
GLY HA2  H  N N 134 
GLY HA3  H  N N 135 
GLY HXT  H  N N 136 
HIS N    N  N N 137 
HIS CA   C  N S 138 
HIS C    C  N N 139 
HIS O    O  N N 140 
HIS CB   C  N N 141 
HIS CG   C  Y N 142 
HIS ND1  N  Y N 143 
HIS CD2  C  Y N 144 
HIS CE1  C  Y N 145 
HIS NE2  N  Y N 146 
HIS OXT  O  N N 147 
HIS H    H  N N 148 
HIS H2   H  N N 149 
HIS HA   H  N N 150 
HIS HB2  H  N N 151 
HIS HB3  H  N N 152 
HIS HD1  H  N N 153 
HIS HD2  H  N N 154 
HIS HE1  H  N N 155 
HIS HE2  H  N N 156 
HIS HXT  H  N N 157 
HOH O    O  N N 158 
HOH H1   H  N N 159 
HOH H2   H  N N 160 
ILE N    N  N N 161 
ILE CA   C  N S 162 
ILE C    C  N N 163 
ILE O    O  N N 164 
ILE CB   C  N S 165 
ILE CG1  C  N N 166 
ILE CG2  C  N N 167 
ILE CD1  C  N N 168 
ILE OXT  O  N N 169 
ILE H    H  N N 170 
ILE H2   H  N N 171 
ILE HA   H  N N 172 
ILE HB   H  N N 173 
ILE HG12 H  N N 174 
ILE HG13 H  N N 175 
ILE HG21 H  N N 176 
ILE HG22 H  N N 177 
ILE HG23 H  N N 178 
ILE HD11 H  N N 179 
ILE HD12 H  N N 180 
ILE HD13 H  N N 181 
ILE HXT  H  N N 182 
LEU N    N  N N 183 
LEU CA   C  N S 184 
LEU C    C  N N 185 
LEU O    O  N N 186 
LEU CB   C  N N 187 
LEU CG   C  N N 188 
LEU CD1  C  N N 189 
LEU CD2  C  N N 190 
LEU OXT  O  N N 191 
LEU H    H  N N 192 
LEU H2   H  N N 193 
LEU HA   H  N N 194 
LEU HB2  H  N N 195 
LEU HB3  H  N N 196 
LEU HG   H  N N 197 
LEU HD11 H  N N 198 
LEU HD12 H  N N 199 
LEU HD13 H  N N 200 
LEU HD21 H  N N 201 
LEU HD22 H  N N 202 
LEU HD23 H  N N 203 
LEU HXT  H  N N 204 
LFA C1   C  N N 205 
LFA C2   C  N N 206 
LFA C3   C  N N 207 
LFA C4   C  N N 208 
LFA C5   C  N N 209 
LFA C6   C  N N 210 
LFA C7   C  N N 211 
LFA C8   C  N N 212 
LFA C9   C  N N 213 
LFA C10  C  N N 214 
LFA C11  C  N N 215 
LFA C12  C  N N 216 
LFA C13  C  N N 217 
LFA C14  C  N N 218 
LFA C15  C  N N 219 
LFA C16  C  N N 220 
LFA C17  C  N N 221 
LFA C18  C  N N 222 
LFA C19  C  N N 223 
LFA C20  C  N N 224 
LFA H11  H  N N 225 
LFA H12  H  N N 226 
LFA H13  H  N N 227 
LFA H21  H  N N 228 
LFA H22  H  N N 229 
LFA H31  H  N N 230 
LFA H32  H  N N 231 
LFA H41  H  N N 232 
LFA H42  H  N N 233 
LFA H51  H  N N 234 
LFA H52  H  N N 235 
LFA H61  H  N N 236 
LFA H62  H  N N 237 
LFA H71  H  N N 238 
LFA H72  H  N N 239 
LFA H81  H  N N 240 
LFA H82  H  N N 241 
LFA H91  H  N N 242 
LFA H92  H  N N 243 
LFA H101 H  N N 244 
LFA H102 H  N N 245 
LFA H111 H  N N 246 
LFA H112 H  N N 247 
LFA H121 H  N N 248 
LFA H122 H  N N 249 
LFA H131 H  N N 250 
LFA H132 H  N N 251 
LFA H141 H  N N 252 
LFA H142 H  N N 253 
LFA H151 H  N N 254 
LFA H152 H  N N 255 
LFA H161 H  N N 256 
LFA H162 H  N N 257 
LFA H171 H  N N 258 
LFA H172 H  N N 259 
LFA H181 H  N N 260 
LFA H182 H  N N 261 
LFA H191 H  N N 262 
LFA H192 H  N N 263 
LFA H201 H  N N 264 
LFA H202 H  N N 265 
LFA H203 H  N N 266 
LYS N    N  N N 267 
LYS CA   C  N S 268 
LYS C    C  N N 269 
LYS O    O  N N 270 
LYS CB   C  N N 271 
LYS CG   C  N N 272 
LYS CD   C  N N 273 
LYS CE   C  N N 274 
LYS NZ   N  N N 275 
LYS OXT  O  N N 276 
LYS H    H  N N 277 
LYS H2   H  N N 278 
LYS HA   H  N N 279 
LYS HB2  H  N N 280 
LYS HB3  H  N N 281 
LYS HG2  H  N N 282 
LYS HG3  H  N N 283 
LYS HD2  H  N N 284 
LYS HD3  H  N N 285 
LYS HE2  H  N N 286 
LYS HE3  H  N N 287 
LYS HZ1  H  N N 288 
LYS HZ2  H  N N 289 
LYS HZ3  H  N N 290 
LYS HXT  H  N N 291 
MET N    N  N N 292 
MET CA   C  N S 293 
MET C    C  N N 294 
MET O    O  N N 295 
MET CB   C  N N 296 
MET CG   C  N N 297 
MET SD   S  N N 298 
MET CE   C  N N 299 
MET OXT  O  N N 300 
MET H    H  N N 301 
MET H2   H  N N 302 
MET HA   H  N N 303 
MET HB2  H  N N 304 
MET HB3  H  N N 305 
MET HG2  H  N N 306 
MET HG3  H  N N 307 
MET HE1  H  N N 308 
MET HE2  H  N N 309 
MET HE3  H  N N 310 
MET HXT  H  N N 311 
PHE N    N  N N 312 
PHE CA   C  N S 313 
PHE C    C  N N 314 
PHE O    O  N N 315 
PHE CB   C  N N 316 
PHE CG   C  Y N 317 
PHE CD1  C  Y N 318 
PHE CD2  C  Y N 319 
PHE CE1  C  Y N 320 
PHE CE2  C  Y N 321 
PHE CZ   C  Y N 322 
PHE OXT  O  N N 323 
PHE H    H  N N 324 
PHE H2   H  N N 325 
PHE HA   H  N N 326 
PHE HB2  H  N N 327 
PHE HB3  H  N N 328 
PHE HD1  H  N N 329 
PHE HD2  H  N N 330 
PHE HE1  H  N N 331 
PHE HE2  H  N N 332 
PHE HZ   H  N N 333 
PHE HXT  H  N N 334 
PRO N    N  N N 335 
PRO CA   C  N S 336 
PRO C    C  N N 337 
PRO O    O  N N 338 
PRO CB   C  N N 339 
PRO CG   C  N N 340 
PRO CD   C  N N 341 
PRO OXT  O  N N 342 
PRO H    H  N N 343 
PRO HA   H  N N 344 
PRO HB2  H  N N 345 
PRO HB3  H  N N 346 
PRO HG2  H  N N 347 
PRO HG3  H  N N 348 
PRO HD2  H  N N 349 
PRO HD3  H  N N 350 
PRO HXT  H  N N 351 
SEC N    N  N N 352 
SEC CA   C  N R 353 
SEC CB   C  N N 354 
SEC SE   SE N N 355 
SEC C    C  N N 356 
SEC O    O  N N 357 
SEC OXT  O  N N 358 
SEC H    H  N N 359 
SEC H2   H  N N 360 
SEC HA   H  N N 361 
SEC HB2  H  N N 362 
SEC HB3  H  N N 363 
SEC HE   H  N N 364 
SEC HXT  H  N N 365 
SER N    N  N N 366 
SER CA   C  N S 367 
SER C    C  N N 368 
SER O    O  N N 369 
SER CB   C  N N 370 
SER OG   O  N N 371 
SER OXT  O  N N 372 
SER H    H  N N 373 
SER H2   H  N N 374 
SER HA   H  N N 375 
SER HB2  H  N N 376 
SER HB3  H  N N 377 
SER HG   H  N N 378 
SER HXT  H  N N 379 
SO4 S    S  N N 380 
SO4 O1   O  N N 381 
SO4 O2   O  N N 382 
SO4 O3   O  N N 383 
SO4 O4   O  N N 384 
THR N    N  N N 385 
THR CA   C  N S 386 
THR C    C  N N 387 
THR O    O  N N 388 
THR CB   C  N R 389 
THR OG1  O  N N 390 
THR CG2  C  N N 391 
THR OXT  O  N N 392 
THR H    H  N N 393 
THR H2   H  N N 394 
THR HA   H  N N 395 
THR HB   H  N N 396 
THR HG1  H  N N 397 
THR HG21 H  N N 398 
THR HG22 H  N N 399 
THR HG23 H  N N 400 
THR HXT  H  N N 401 
TYR N    N  N N 402 
TYR CA   C  N S 403 
TYR C    C  N N 404 
TYR O    O  N N 405 
TYR CB   C  N N 406 
TYR CG   C  Y N 407 
TYR CD1  C  Y N 408 
TYR CD2  C  Y N 409 
TYR CE1  C  Y N 410 
TYR CE2  C  Y N 411 
TYR CZ   C  Y N 412 
TYR OH   O  N N 413 
TYR OXT  O  N N 414 
TYR H    H  N N 415 
TYR H2   H  N N 416 
TYR HA   H  N N 417 
TYR HB2  H  N N 418 
TYR HB3  H  N N 419 
TYR HD1  H  N N 420 
TYR HD2  H  N N 421 
TYR HE1  H  N N 422 
TYR HE2  H  N N 423 
TYR HH   H  N N 424 
TYR HXT  H  N N 425 
VAL N    N  N N 426 
VAL CA   C  N S 427 
VAL C    C  N N 428 
VAL O    O  N N 429 
VAL CB   C  N N 430 
VAL CG1  C  N N 431 
VAL CG2  C  N N 432 
VAL OXT  O  N N 433 
VAL H    H  N N 434 
VAL H2   H  N N 435 
VAL HA   H  N N 436 
VAL HB   H  N N 437 
VAL HG11 H  N N 438 
VAL HG12 H  N N 439 
VAL HG13 H  N N 440 
VAL HG21 H  N N 441 
VAL HG22 H  N N 442 
VAL HG23 H  N N 443 
VAL HXT  H  N N 444 
# 
loop_
_chem_comp_bond.comp_id 
_chem_comp_bond.atom_id_1 
_chem_comp_bond.atom_id_2 
_chem_comp_bond.value_order 
_chem_comp_bond.pdbx_aromatic_flag 
_chem_comp_bond.pdbx_stereo_config 
_chem_comp_bond.pdbx_ordinal 
ALA N   CA   sing N N 1   
ALA N   H    sing N N 2   
ALA N   H2   sing N N 3   
ALA CA  C    sing N N 4   
ALA CA  CB   sing N N 5   
ALA CA  HA   sing N N 6   
ALA C   O    doub N N 7   
ALA C   OXT  sing N N 8   
ALA CB  HB1  sing N N 9   
ALA CB  HB2  sing N N 10  
ALA CB  HB3  sing N N 11  
ALA OXT HXT  sing N N 12  
ARG N   CA   sing N N 13  
ARG N   H    sing N N 14  
ARG N   H2   sing N N 15  
ARG CA  C    sing N N 16  
ARG CA  CB   sing N N 17  
ARG CA  HA   sing N N 18  
ARG C   O    doub N N 19  
ARG C   OXT  sing N N 20  
ARG CB  CG   sing N N 21  
ARG CB  HB2  sing N N 22  
ARG CB  HB3  sing N N 23  
ARG CG  CD   sing N N 24  
ARG CG  HG2  sing N N 25  
ARG CG  HG3  sing N N 26  
ARG CD  NE   sing N N 27  
ARG CD  HD2  sing N N 28  
ARG CD  HD3  sing N N 29  
ARG NE  CZ   sing N N 30  
ARG NE  HE   sing N N 31  
ARG CZ  NH1  sing N N 32  
ARG CZ  NH2  doub N N 33  
ARG NH1 HH11 sing N N 34  
ARG NH1 HH12 sing N N 35  
ARG NH2 HH21 sing N N 36  
ARG NH2 HH22 sing N N 37  
ARG OXT HXT  sing N N 38  
ASN N   CA   sing N N 39  
ASN N   H    sing N N 40  
ASN N   H2   sing N N 41  
ASN CA  C    sing N N 42  
ASN CA  CB   sing N N 43  
ASN CA  HA   sing N N 44  
ASN C   O    doub N N 45  
ASN C   OXT  sing N N 46  
ASN CB  CG   sing N N 47  
ASN CB  HB2  sing N N 48  
ASN CB  HB3  sing N N 49  
ASN CG  OD1  doub N N 50  
ASN CG  ND2  sing N N 51  
ASN ND2 HD21 sing N N 52  
ASN ND2 HD22 sing N N 53  
ASN OXT HXT  sing N N 54  
ASP N   CA   sing N N 55  
ASP N   H    sing N N 56  
ASP N   H2   sing N N 57  
ASP CA  C    sing N N 58  
ASP CA  CB   sing N N 59  
ASP CA  HA   sing N N 60  
ASP C   O    doub N N 61  
ASP C   OXT  sing N N 62  
ASP CB  CG   sing N N 63  
ASP CB  HB2  sing N N 64  
ASP CB  HB3  sing N N 65  
ASP CG  OD1  doub N N 66  
ASP CG  OD2  sing N N 67  
ASP OD2 HD2  sing N N 68  
ASP OXT HXT  sing N N 69  
CYS N   CA   sing N N 70  
CYS N   H    sing N N 71  
CYS N   H2   sing N N 72  
CYS CA  C    sing N N 73  
CYS CA  CB   sing N N 74  
CYS CA  HA   sing N N 75  
CYS C   O    doub N N 76  
CYS C   OXT  sing N N 77  
CYS CB  SG   sing N N 78  
CYS CB  HB2  sing N N 79  
CYS CB  HB3  sing N N 80  
CYS SG  HG   sing N N 81  
CYS OXT HXT  sing N N 82  
GLN N   CA   sing N N 83  
GLN N   H    sing N N 84  
GLN N   H2   sing N N 85  
GLN CA  C    sing N N 86  
GLN CA  CB   sing N N 87  
GLN CA  HA   sing N N 88  
GLN C   O    doub N N 89  
GLN C   OXT  sing N N 90  
GLN CB  CG   sing N N 91  
GLN CB  HB2  sing N N 92  
GLN CB  HB3  sing N N 93  
GLN CG  CD   sing N N 94  
GLN CG  HG2  sing N N 95  
GLN CG  HG3  sing N N 96  
GLN CD  OE1  doub N N 97  
GLN CD  NE2  sing N N 98  
GLN NE2 HE21 sing N N 99  
GLN NE2 HE22 sing N N 100 
GLN OXT HXT  sing N N 101 
GLU N   CA   sing N N 102 
GLU N   H    sing N N 103 
GLU N   H2   sing N N 104 
GLU CA  C    sing N N 105 
GLU CA  CB   sing N N 106 
GLU CA  HA   sing N N 107 
GLU C   O    doub N N 108 
GLU C   OXT  sing N N 109 
GLU CB  CG   sing N N 110 
GLU CB  HB2  sing N N 111 
GLU CB  HB3  sing N N 112 
GLU CG  CD   sing N N 113 
GLU CG  HG2  sing N N 114 
GLU CG  HG3  sing N N 115 
GLU CD  OE1  doub N N 116 
GLU CD  OE2  sing N N 117 
GLU OE2 HE2  sing N N 118 
GLU OXT HXT  sing N N 119 
GLY N   CA   sing N N 120 
GLY N   H    sing N N 121 
GLY N   H2   sing N N 122 
GLY CA  C    sing N N 123 
GLY CA  HA2  sing N N 124 
GLY CA  HA3  sing N N 125 
GLY C   O    doub N N 126 
GLY C   OXT  sing N N 127 
GLY OXT HXT  sing N N 128 
HIS N   CA   sing N N 129 
HIS N   H    sing N N 130 
HIS N   H2   sing N N 131 
HIS CA  C    sing N N 132 
HIS CA  CB   sing N N 133 
HIS CA  HA   sing N N 134 
HIS C   O    doub N N 135 
HIS C   OXT  sing N N 136 
HIS CB  CG   sing N N 137 
HIS CB  HB2  sing N N 138 
HIS CB  HB3  sing N N 139 
HIS CG  ND1  sing Y N 140 
HIS CG  CD2  doub Y N 141 
HIS ND1 CE1  doub Y N 142 
HIS ND1 HD1  sing N N 143 
HIS CD2 NE2  sing Y N 144 
HIS CD2 HD2  sing N N 145 
HIS CE1 NE2  sing Y N 146 
HIS CE1 HE1  sing N N 147 
HIS NE2 HE2  sing N N 148 
HIS OXT HXT  sing N N 149 
HOH O   H1   sing N N 150 
HOH O   H2   sing N N 151 
ILE N   CA   sing N N 152 
ILE N   H    sing N N 153 
ILE N   H2   sing N N 154 
ILE CA  C    sing N N 155 
ILE CA  CB   sing N N 156 
ILE CA  HA   sing N N 157 
ILE C   O    doub N N 158 
ILE C   OXT  sing N N 159 
ILE CB  CG1  sing N N 160 
ILE CB  CG2  sing N N 161 
ILE CB  HB   sing N N 162 
ILE CG1 CD1  sing N N 163 
ILE CG1 HG12 sing N N 164 
ILE CG1 HG13 sing N N 165 
ILE CG2 HG21 sing N N 166 
ILE CG2 HG22 sing N N 167 
ILE CG2 HG23 sing N N 168 
ILE CD1 HD11 sing N N 169 
ILE CD1 HD12 sing N N 170 
ILE CD1 HD13 sing N N 171 
ILE OXT HXT  sing N N 172 
LEU N   CA   sing N N 173 
LEU N   H    sing N N 174 
LEU N   H2   sing N N 175 
LEU CA  C    sing N N 176 
LEU CA  CB   sing N N 177 
LEU CA  HA   sing N N 178 
LEU C   O    doub N N 179 
LEU C   OXT  sing N N 180 
LEU CB  CG   sing N N 181 
LEU CB  HB2  sing N N 182 
LEU CB  HB3  sing N N 183 
LEU CG  CD1  sing N N 184 
LEU CG  CD2  sing N N 185 
LEU CG  HG   sing N N 186 
LEU CD1 HD11 sing N N 187 
LEU CD1 HD12 sing N N 188 
LEU CD1 HD13 sing N N 189 
LEU CD2 HD21 sing N N 190 
LEU CD2 HD22 sing N N 191 
LEU CD2 HD23 sing N N 192 
LEU OXT HXT  sing N N 193 
LFA C1  C2   sing N N 194 
LFA C1  H11  sing N N 195 
LFA C1  H12  sing N N 196 
LFA C1  H13  sing N N 197 
LFA C2  C3   sing N N 198 
LFA C2  H21  sing N N 199 
LFA C2  H22  sing N N 200 
LFA C3  C4   sing N N 201 
LFA C3  H31  sing N N 202 
LFA C3  H32  sing N N 203 
LFA C4  C5   sing N N 204 
LFA C4  H41  sing N N 205 
LFA C4  H42  sing N N 206 
LFA C5  C6   sing N N 207 
LFA C5  H51  sing N N 208 
LFA C5  H52  sing N N 209 
LFA C6  C7   sing N N 210 
LFA C6  H61  sing N N 211 
LFA C6  H62  sing N N 212 
LFA C7  C8   sing N N 213 
LFA C7  H71  sing N N 214 
LFA C7  H72  sing N N 215 
LFA C8  C9   sing N N 216 
LFA C8  H81  sing N N 217 
LFA C8  H82  sing N N 218 
LFA C9  C10  sing N N 219 
LFA C9  H91  sing N N 220 
LFA C9  H92  sing N N 221 
LFA C10 C11  sing N N 222 
LFA C10 H101 sing N N 223 
LFA C10 H102 sing N N 224 
LFA C11 C12  sing N N 225 
LFA C11 H111 sing N N 226 
LFA C11 H112 sing N N 227 
LFA C12 C13  sing N N 228 
LFA C12 H121 sing N N 229 
LFA C12 H122 sing N N 230 
LFA C13 C14  sing N N 231 
LFA C13 H131 sing N N 232 
LFA C13 H132 sing N N 233 
LFA C14 C15  sing N N 234 
LFA C14 H141 sing N N 235 
LFA C14 H142 sing N N 236 
LFA C15 C16  sing N N 237 
LFA C15 H151 sing N N 238 
LFA C15 H152 sing N N 239 
LFA C16 C17  sing N N 240 
LFA C16 H161 sing N N 241 
LFA C16 H162 sing N N 242 
LFA C17 C18  sing N N 243 
LFA C17 H171 sing N N 244 
LFA C17 H172 sing N N 245 
LFA C18 C19  sing N N 246 
LFA C18 H181 sing N N 247 
LFA C18 H182 sing N N 248 
LFA C19 C20  sing N N 249 
LFA C19 H191 sing N N 250 
LFA C19 H192 sing N N 251 
LFA C20 H201 sing N N 252 
LFA C20 H202 sing N N 253 
LFA C20 H203 sing N N 254 
LYS N   CA   sing N N 255 
LYS N   H    sing N N 256 
LYS N   H2   sing N N 257 
LYS CA  C    sing N N 258 
LYS CA  CB   sing N N 259 
LYS CA  HA   sing N N 260 
LYS C   O    doub N N 261 
LYS C   OXT  sing N N 262 
LYS CB  CG   sing N N 263 
LYS CB  HB2  sing N N 264 
LYS CB  HB3  sing N N 265 
LYS CG  CD   sing N N 266 
LYS CG  HG2  sing N N 267 
LYS CG  HG3  sing N N 268 
LYS CD  CE   sing N N 269 
LYS CD  HD2  sing N N 270 
LYS CD  HD3  sing N N 271 
LYS CE  NZ   sing N N 272 
LYS CE  HE2  sing N N 273 
LYS CE  HE3  sing N N 274 
LYS NZ  HZ1  sing N N 275 
LYS NZ  HZ2  sing N N 276 
LYS NZ  HZ3  sing N N 277 
LYS OXT HXT  sing N N 278 
MET N   CA   sing N N 279 
MET N   H    sing N N 280 
MET N   H2   sing N N 281 
MET CA  C    sing N N 282 
MET CA  CB   sing N N 283 
MET CA  HA   sing N N 284 
MET C   O    doub N N 285 
MET C   OXT  sing N N 286 
MET CB  CG   sing N N 287 
MET CB  HB2  sing N N 288 
MET CB  HB3  sing N N 289 
MET CG  SD   sing N N 290 
MET CG  HG2  sing N N 291 
MET CG  HG3  sing N N 292 
MET SD  CE   sing N N 293 
MET CE  HE1  sing N N 294 
MET CE  HE2  sing N N 295 
MET CE  HE3  sing N N 296 
MET OXT HXT  sing N N 297 
PHE N   CA   sing N N 298 
PHE N   H    sing N N 299 
PHE N   H2   sing N N 300 
PHE CA  C    sing N N 301 
PHE CA  CB   sing N N 302 
PHE CA  HA   sing N N 303 
PHE C   O    doub N N 304 
PHE C   OXT  sing N N 305 
PHE CB  CG   sing N N 306 
PHE CB  HB2  sing N N 307 
PHE CB  HB3  sing N N 308 
PHE CG  CD1  doub Y N 309 
PHE CG  CD2  sing Y N 310 
PHE CD1 CE1  sing Y N 311 
PHE CD1 HD1  sing N N 312 
PHE CD2 CE2  doub Y N 313 
PHE CD2 HD2  sing N N 314 
PHE CE1 CZ   doub Y N 315 
PHE CE1 HE1  sing N N 316 
PHE CE2 CZ   sing Y N 317 
PHE CE2 HE2  sing N N 318 
PHE CZ  HZ   sing N N 319 
PHE OXT HXT  sing N N 320 
PRO N   CA   sing N N 321 
PRO N   CD   sing N N 322 
PRO N   H    sing N N 323 
PRO CA  C    sing N N 324 
PRO CA  CB   sing N N 325 
PRO CA  HA   sing N N 326 
PRO C   O    doub N N 327 
PRO C   OXT  sing N N 328 
PRO CB  CG   sing N N 329 
PRO CB  HB2  sing N N 330 
PRO CB  HB3  sing N N 331 
PRO CG  CD   sing N N 332 
PRO CG  HG2  sing N N 333 
PRO CG  HG3  sing N N 334 
PRO CD  HD2  sing N N 335 
PRO CD  HD3  sing N N 336 
PRO OXT HXT  sing N N 337 
SEC N   CA   sing N N 338 
SEC N   H    sing N N 339 
SEC N   H2   sing N N 340 
SEC CA  CB   sing N N 341 
SEC CA  C    sing N N 342 
SEC CA  HA   sing N N 343 
SEC CB  SE   sing N N 344 
SEC CB  HB2  sing N N 345 
SEC CB  HB3  sing N N 346 
SEC SE  HE   sing N N 347 
SEC C   O    doub N N 348 
SEC C   OXT  sing N N 349 
SEC OXT HXT  sing N N 350 
SER N   CA   sing N N 351 
SER N   H    sing N N 352 
SER N   H2   sing N N 353 
SER CA  C    sing N N 354 
SER CA  CB   sing N N 355 
SER CA  HA   sing N N 356 
SER C   O    doub N N 357 
SER C   OXT  sing N N 358 
SER CB  OG   sing N N 359 
SER CB  HB2  sing N N 360 
SER CB  HB3  sing N N 361 
SER OG  HG   sing N N 362 
SER OXT HXT  sing N N 363 
SO4 S   O1   doub N N 364 
SO4 S   O2   doub N N 365 
SO4 S   O3   sing N N 366 
SO4 S   O4   sing N N 367 
THR N   CA   sing N N 368 
THR N   H    sing N N 369 
THR N   H2   sing N N 370 
THR CA  C    sing N N 371 
THR CA  CB   sing N N 372 
THR CA  HA   sing N N 373 
THR C   O    doub N N 374 
THR C   OXT  sing N N 375 
THR CB  OG1  sing N N 376 
THR CB  CG2  sing N N 377 
THR CB  HB   sing N N 378 
THR OG1 HG1  sing N N 379 
THR CG2 HG21 sing N N 380 
THR CG2 HG22 sing N N 381 
THR CG2 HG23 sing N N 382 
THR OXT HXT  sing N N 383 
TYR N   CA   sing N N 384 
TYR N   H    sing N N 385 
TYR N   H2   sing N N 386 
TYR CA  C    sing N N 387 
TYR CA  CB   sing N N 388 
TYR CA  HA   sing N N 389 
TYR C   O    doub N N 390 
TYR C   OXT  sing N N 391 
TYR CB  CG   sing N N 392 
TYR CB  HB2  sing N N 393 
TYR CB  HB3  sing N N 394 
TYR CG  CD1  doub Y N 395 
TYR CG  CD2  sing Y N 396 
TYR CD1 CE1  sing Y N 397 
TYR CD1 HD1  sing N N 398 
TYR CD2 CE2  doub Y N 399 
TYR CD2 HD2  sing N N 400 
TYR CE1 CZ   doub Y N 401 
TYR CE1 HE1  sing N N 402 
TYR CE2 CZ   sing Y N 403 
TYR CE2 HE2  sing N N 404 
TYR CZ  OH   sing N N 405 
TYR OH  HH   sing N N 406 
TYR OXT HXT  sing N N 407 
VAL N   CA   sing N N 408 
VAL N   H    sing N N 409 
VAL N   H2   sing N N 410 
VAL CA  C    sing N N 411 
VAL CA  CB   sing N N 412 
VAL CA  HA   sing N N 413 
VAL C   O    doub N N 414 
VAL C   OXT  sing N N 415 
VAL CB  CG1  sing N N 416 
VAL CB  CG2  sing N N 417 
VAL CB  HB   sing N N 418 
VAL CG1 HG11 sing N N 419 
VAL CG1 HG12 sing N N 420 
VAL CG1 HG13 sing N N 421 
VAL CG2 HG21 sing N N 422 
VAL CG2 HG22 sing N N 423 
VAL CG2 HG23 sing N N 424 
VAL OXT HXT  sing N N 425 
# 
_pdbx_initial_refinement_model.id               1 
_pdbx_initial_refinement_model.entity_id_list   ? 
_pdbx_initial_refinement_model.type             'experimental model' 
_pdbx_initial_refinement_model.source_name      PDB 
_pdbx_initial_refinement_model.accession_code   5W37 
_pdbx_initial_refinement_model.details          'PDB entry 5W37' 
# 
_atom_sites.entry_id                    5W3C 
_atom_sites.fract_transf_matrix[1][1]   0.00584119 
_atom_sites.fract_transf_matrix[1][2]   -0.00261808 
_atom_sites.fract_transf_matrix[1][3]   0.00014009 
_atom_sites.fract_transf_matrix[2][1]   0.00381044 
_atom_sites.fract_transf_matrix[2][2]   0.00039831 
_atom_sites.fract_transf_matrix[2][3]   -0.00513033 
_atom_sites.fract_transf_matrix[3][1]   0.00744728 
_atom_sites.fract_transf_matrix[3][2]   0.01698213 
_atom_sites.fract_transf_matrix[3][3]   0.00684975 
_atom_sites.fract_transf_vector[1]      -0.117793 
_atom_sites.fract_transf_vector[2]      -0.500162 
_atom_sites.fract_transf_vector[3]      0.324689 
# 
loop_
_atom_type.symbol 
C  
N  
O  
S  
SE 
# 
loop_
_atom_site.group_PDB 
_atom_site.id 
_atom_site.type_symbol 
_atom_site.label_atom_id 
_atom_site.label_alt_id 
_atom_site.label_comp_id 
_atom_site.label_asym_id 
_atom_site.label_entity_id 
_atom_site.label_seq_id 
_atom_site.pdbx_PDB_ins_code 
_atom_site.Cartn_x 
_atom_site.Cartn_y 
_atom_site.Cartn_z 
_atom_site.occupancy 
_atom_site.B_iso_or_equiv 
_atom_site.pdbx_formal_charge 
_atom_site.auth_seq_id 
_atom_site.auth_comp_id 
_atom_site.auth_asym_id 
_atom_site.auth_atom_id 
_atom_site.pdbx_PDB_model_num 
ATOM   1    N  N   . MET A 1 1   ? 68.349  -6.867  7.570   1.00 79.96  ? 21  MET A N   1 
ATOM   2    C  CA  . MET A 1 1   ? 67.143  -6.405  6.812   1.00 75.07  ? 21  MET A CA  1 
ATOM   3    C  C   . MET A 1 1   ? 67.525  -5.610  5.559   1.00 64.90  ? 21  MET A C   1 
ATOM   4    O  O   . MET A 1 1   ? 68.578  -5.832  4.992   1.00 60.50  ? 21  MET A O   1 
ATOM   5    C  CB  . MET A 1 1   ? 66.116  -5.680  7.716   1.00 81.50  ? 21  MET A CB  1 
ATOM   6    C  CG  . MET A 1 1   ? 66.705  -4.802  8.817   1.00 101.69 ? 21  MET A CG  1 
ATOM   7    S  SD  . MET A 1 1   ? 67.337  -3.179  8.317   1.00 124.04 ? 21  MET A SD  1 
ATOM   8    C  CE  . MET A 1 1   ? 68.399  -2.768  9.714   1.00 102.98 ? 21  MET A CE  1 
ATOM   9    N  N   . LYS A 1 2   ? 66.636  -4.716  5.142   1.00 63.16  ? 22  LYS A N   1 
ATOM   10   C  CA  . LYS A 1 2   ? 66.665  -3.969  3.894   1.00 61.36  ? 22  LYS A CA  1 
ATOM   11   C  C   . LYS A 1 2   ? 65.454  -3.053  3.991   1.00 63.78  ? 22  LYS A C   1 
ATOM   12   O  O   . LYS A 1 2   ? 64.476  -3.389  4.659   1.00 71.07  ? 22  LYS A O   1 
ATOM   13   C  CB  . LYS A 1 2   ? 66.473  -4.889  2.709   1.00 59.35  ? 22  LYS A CB  1 
ATOM   14   C  CG  . LYS A 1 2   ? 67.713  -5.107  1.888   1.00 68.00  ? 22  LYS A CG  1 
ATOM   15   C  CD  . LYS A 1 2   ? 67.499  -6.299  0.961   1.00 78.42  ? 22  LYS A CD  1 
ATOM   16   C  CE  . LYS A 1 2   ? 68.255  -6.211  -0.368  1.00 81.46  ? 22  LYS A CE  1 
ATOM   17   N  NZ  . LYS A 1 2   ? 69.741  -6.134  -0.265  1.00 79.71  ? 22  LYS A NZ  1 
ATOM   18   N  N   . GLU A 1 3   ? 65.499  -1.907  3.327   1.00 60.32  ? 23  GLU A N   1 
ATOM   19   C  CA  . GLU A 1 3   ? 64.467  -0.894  3.493   1.00 58.60  ? 23  GLU A CA  1 
ATOM   20   C  C   . GLU A 1 3   ? 63.617  -0.727  2.245   1.00 57.82  ? 23  GLU A C   1 
ATOM   21   O  O   . GLU A 1 3   ? 64.133  -0.701  1.132   1.00 57.47  ? 23  GLU A O   1 
ATOM   22   C  CB  . GLU A 1 3   ? 65.096  0.440   3.836   1.00 64.44  ? 23  GLU A CB  1 
ATOM   23   C  CG  . GLU A 1 3   ? 65.937  0.455   5.097   1.00 70.73  ? 23  GLU A CG  1 
ATOM   24   C  CD  . GLU A 1 3   ? 66.510  1.833   5.366   1.00 74.94  ? 23  GLU A CD  1 
ATOM   25   O  OE1 . GLU A 1 3   ? 67.667  1.909   5.834   1.00 71.40  ? 23  GLU A OE1 1 
ATOM   26   O  OE2 . GLU A 1 3   ? 65.807  2.841   5.092   1.00 81.44  ? 23  GLU A OE2 1 
ATOM   27   N  N   . TYR A 1 4   ? 62.309  -0.597  2.425   1.00 54.46  ? 24  TYR A N   1 
ATOM   28   C  CA  . TYR A 1 4   ? 61.408  -0.491  1.278   1.00 51.72  ? 24  TYR A CA  1 
ATOM   29   C  C   . TYR A 1 4   ? 60.543  0.772   1.361   1.00 50.34  ? 24  TYR A C   1 
ATOM   30   O  O   . TYR A 1 4   ? 60.237  1.227   2.455   1.00 50.64  ? 24  TYR A O   1 
ATOM   31   C  CB  . TYR A 1 4   ? 60.516  -1.725  1.191   1.00 46.07  ? 24  TYR A CB  1 
ATOM   32   C  CG  . TYR A 1 4   ? 61.200  -3.057  0.979   1.00 45.81  ? 24  TYR A CG  1 
ATOM   33   C  CD1 . TYR A 1 4   ? 61.943  -3.694  2.019   1.00 45.60  ? 24  TYR A CD1 1 
ATOM   34   C  CD2 . TYR A 1 4   ? 61.046  -3.740  -0.238  1.00 46.35  ? 24  TYR A CD2 1 
ATOM   35   C  CE1 . TYR A 1 4   ? 62.548  -4.951  1.829   1.00 45.42  ? 24  TYR A CE1 1 
ATOM   36   C  CE2 . TYR A 1 4   ? 61.631  -4.999  -0.438  1.00 50.84  ? 24  TYR A CE2 1 
ATOM   37   C  CZ  . TYR A 1 4   ? 62.383  -5.607  0.591   1.00 50.11  ? 24  TYR A CZ  1 
ATOM   38   O  OH  . TYR A 1 4   ? 62.941  -6.856  0.356   1.00 52.07  ? 24  TYR A OH  1 
ATOM   39   N  N   . THR A 1 5   ? 60.177  1.335   0.209   1.00 49.18  ? 25  THR A N   1 
ATOM   40   C  CA  . THR A 1 5   ? 59.214  2.435   0.138   1.00 53.05  ? 25  THR A CA  1 
ATOM   41   C  C   . THR A 1 5   ? 58.009  1.929   -0.619  1.00 51.61  ? 25  THR A C   1 
ATOM   42   O  O   . THR A 1 5   ? 58.140  1.228   -1.634  1.00 49.40  ? 25  THR A O   1 
ATOM   43   C  CB  . THR A 1 5   ? 59.744  3.713   -0.584  1.00 57.43  ? 25  THR A CB  1 
ATOM   44   O  OG1 . THR A 1 5   ? 61.093  3.993   -0.202  1.00 61.70  ? 25  THR A OG1 1 
ATOM   45   C  CG2 . THR A 1 5   ? 58.896  4.944   -0.223  1.00 62.77  ? 25  THR A CG2 1 
ATOM   46   N  N   . LEU A 1 6   ? 56.837  2.316   -0.127  1.00 51.36  ? 26  LEU A N   1 
ATOM   47   C  CA  . LEU A 1 6   ? 55.568  1.886   -0.698  1.00 52.25  ? 26  LEU A CA  1 
ATOM   48   C  C   . LEU A 1 6   ? 55.406  2.410   -2.101  1.00 53.28  ? 26  LEU A C   1 
ATOM   49   O  O   . LEU A 1 6   ? 55.812  3.521   -2.390  1.00 61.19  ? 26  LEU A O   1 
ATOM   50   C  CB  . LEU A 1 6   ? 54.406  2.407   0.129   1.00 49.96  ? 26  LEU A CB  1 
ATOM   51   C  CG  . LEU A 1 6   ? 54.500  2.336   1.635   1.00 50.37  ? 26  LEU A CG  1 
ATOM   52   C  CD1 . LEU A 1 6   ? 55.173  3.591   2.211   1.00 53.79  ? 26  LEU A CD1 1 
ATOM   53   C  CD2 . LEU A 1 6   ? 53.072  2.203   2.077   1.00 46.80  ? 26  LEU A CD2 1 
ATOM   54   N  N   . ASP A 1 7   ? 54.846  1.587   -2.974  1.00 53.94  ? 27  ASP A N   1 
ATOM   55   C  CA  . ASP A 1 7   ? 54.291  2.045   -4.227  1.00 55.12  ? 27  ASP A CA  1 
ATOM   56   C  C   . ASP A 1 7   ? 52.841  2.451   -3.902  1.00 57.02  ? 27  ASP A C   1 
ATOM   57   O  O   . ASP A 1 7   ? 51.929  1.613   -3.892  1.00 59.69  ? 27  ASP A O   1 
ATOM   58   C  CB  . ASP A 1 7   ? 54.393  0.928   -5.291  1.00 58.98  ? 27  ASP A CB  1 
ATOM   59   C  CG  . ASP A 1 7   ? 53.864  1.339   -6.689  1.00 62.40  ? 27  ASP A CG  1 
ATOM   60   O  OD1 . ASP A 1 7   ? 53.264  2.428   -6.861  1.00 65.83  ? 27  ASP A OD1 1 
ATOM   61   O  OD2 . ASP A 1 7   ? 54.052  0.541   -7.638  1.00 61.17  ? 27  ASP A OD2 1 
ATOM   62   N  N   . LYS A 1 8   ? 52.649  3.741   -3.608  1.00 58.04  ? 28  LYS A N   1 
ATOM   63   C  CA  . LYS A 1 8   ? 51.328  4.337   -3.369  1.00 56.54  ? 28  LYS A CA  1 
ATOM   64   C  C   . LYS A 1 8   ? 50.282  3.972   -4.454  1.00 53.34  ? 28  LYS A C   1 
ATOM   65   O  O   . LYS A 1 8   ? 49.085  3.877   -4.166  1.00 52.90  ? 28  LYS A O   1 
ATOM   66   C  CB  . LYS A 1 8   ? 51.447  5.856   -3.241  1.00 59.79  ? 28  LYS A CB  1 
ATOM   67   C  CG  . LYS A 1 8   ? 51.805  6.404   -1.862  1.00 61.72  ? 28  LYS A CG  1 
ATOM   68   C  CD  . LYS A 1 8   ? 51.764  7.942   -1.924  1.00 74.95  ? 28  LYS A CD  1 
ATOM   69   C  CE  . LYS A 1 8   ? 52.601  8.633   -0.855  1.00 75.33  ? 28  LYS A CE  1 
ATOM   70   N  NZ  . LYS A 1 8   ? 52.238  8.141   0.505   1.00 69.16  ? 28  LYS A NZ  1 
ATOM   71   N  N   . ALA A 1 9   ? 50.746  3.739   -5.679  1.00 50.43  ? 29  ALA A N   1 
ATOM   72   C  CA  . ALA A 1 9   ? 49.877  3.348   -6.780  1.00 49.18  ? 29  ALA A CA  1 
ATOM   73   C  C   . ALA A 1 9   ? 49.269  1.958   -6.635  1.00 50.08  ? 29  ALA A C   1 
ATOM   74   O  O   . ALA A 1 9   ? 48.213  1.708   -7.199  1.00 51.95  ? 29  ALA A O   1 
ATOM   75   C  CB  . ALA A 1 9   ? 50.608  3.473   -8.101  1.00 48.43  ? 29  ALA A CB  1 
ATOM   76   N  N   . HIS A 1 10  ? 49.927  1.060   -5.896  1.00 54.71  ? 30  HIS A N   1 
ATOM   77   C  CA  . HIS A 1 10  ? 49.433  -0.333  -5.699  1.00 59.75  ? 30  HIS A CA  1 
ATOM   78   C  C   . HIS A 1 10  ? 49.363  -0.763  -4.238  1.00 59.23  ? 30  HIS A C   1 
ATOM   79   O  O   . HIS A 1 10  ? 49.553  -1.941  -3.889  1.00 58.84  ? 30  HIS A O   1 
ATOM   80   C  CB  . HIS A 1 10  ? 50.269  -1.328  -6.497  1.00 62.26  ? 30  HIS A CB  1 
ATOM   81   C  CG  . HIS A 1 10  ? 50.212  -1.085  -7.961  1.00 64.15  ? 30  HIS A CG  1 
ATOM   82   N  ND1 . HIS A 1 10  ? 51.053  -0.192  -8.594  1.00 62.85  ? 30  HIS A ND1 1 
ATOM   83   C  CD2 . HIS A 1 10  ? 49.383  -1.571  -8.911  1.00 65.28  ? 30  HIS A CD2 1 
ATOM   84   C  CE1 . HIS A 1 10  ? 50.763  -0.158  -9.880  1.00 66.60  ? 30  HIS A CE1 1 
ATOM   85   N  NE2 . HIS A 1 10  ? 49.755  -0.986  -10.099 1.00 72.33  ? 30  HIS A NE2 1 
ATOM   86   N  N   . THR A 1 11  ? 49.087  0.224   -3.401  1.00 56.59  ? 31  THR A N   1 
ATOM   87   C  CA  . THR A 1 11  ? 48.946  0.051   -1.980  1.00 53.60  ? 31  THR A CA  1 
ATOM   88   C  C   . THR A 1 11  ? 47.584  0.632   -1.635  1.00 54.02  ? 31  THR A C   1 
ATOM   89   O  O   . THR A 1 11  ? 47.236  1.715   -2.092  1.00 66.00  ? 31  THR A O   1 
ATOM   90   C  CB  . THR A 1 11  ? 50.116  0.743   -1.246  1.00 50.18  ? 31  THR A CB  1 
ATOM   91   O  OG1 . THR A 1 11  ? 51.306  -0.030  -1.444  1.00 48.67  ? 31  THR A OG1 1 
ATOM   92   C  CG2 . THR A 1 11  ? 49.862  0.876   0.240   1.00 48.13  ? 31  THR A CG2 1 
ATOM   93   N  N   . ASP A 1 12  ? 46.806  -0.116  -0.867  1.00 51.74  ? 32  ASP A N   1 
ATOM   94   C  CA  . ASP A 1 12  ? 45.511  0.325   -0.384  1.00 51.34  ? 32  ASP A CA  1 
ATOM   95   C  C   . ASP A 1 12  ? 45.509  0.255   1.155   1.00 50.21  ? 32  ASP A C   1 
ATOM   96   O  O   . ASP A 1 12  ? 45.722  -0.824  1.718   1.00 52.64  ? 32  ASP A O   1 
ATOM   97   C  CB  . ASP A 1 12  ? 44.429  -0.591  -0.975  1.00 53.32  ? 32  ASP A CB  1 
ATOM   98   C  CG  . ASP A 1 12  ? 43.026  -0.095  -0.697  1.00 56.90  ? 32  ASP A CG  1 
ATOM   99   O  OD1 . ASP A 1 12  ? 42.608  0.830   -1.424  1.00 58.23  ? 32  ASP A OD1 1 
ATOM   100  O  OD2 . ASP A 1 12  ? 42.353  -0.616  0.237   1.00 56.54  ? 32  ASP A OD2 1 
ATOM   101  N  N   . VAL A 1 13  ? 45.296  1.369   1.853   1.00 44.98  ? 33  VAL A N   1 
ATOM   102  C  CA  . VAL A 1 13  ? 45.178  1.259   3.315   1.00 43.66  ? 33  VAL A CA  1 
ATOM   103  C  C   . VAL A 1 13  ? 43.690  1.230   3.622   1.00 46.91  ? 33  VAL A C   1 
ATOM   104  O  O   . VAL A 1 13  ? 43.082  2.285   3.779   1.00 51.31  ? 33  VAL A O   1 
ATOM   105  C  CB  . VAL A 1 13  ? 45.926  2.385   4.050   1.00 40.44  ? 33  VAL A CB  1 
ATOM   106  C  CG1 . VAL A 1 13  ? 45.956  2.148   5.552   1.00 36.70  ? 33  VAL A CG1 1 
ATOM   107  C  CG2 . VAL A 1 13  ? 47.343  2.472   3.525   1.00 38.45  ? 33  VAL A CG2 1 
ATOM   108  N  N   . GLY A 1 14  ? 43.111  0.024   3.671   1.00 48.29  ? 34  GLY A N   1 
ATOM   109  C  CA  . GLY A 1 14  ? 41.649  -0.164  3.588   1.00 49.10  ? 34  GLY A CA  1 
ATOM   110  C  C   . GLY A 1 14  ? 40.957  -0.683  4.836   1.00 51.91  ? 34  GLY A C   1 
ATOM   111  O  O   . GLY A 1 14  ? 41.613  -1.189  5.742   1.00 59.90  ? 34  GLY A O   1 
ATOM   112  N  N   . PHE A 1 15  ? 39.627  -0.553  4.875   1.00 52.18  ? 35  PHE A N   1 
ATOM   113  C  CA  . PHE A 1 15  ? 38.783  -0.996  6.011   1.00 52.21  ? 35  PHE A CA  1 
ATOM   114  C  C   . PHE A 1 15  ? 37.342  -1.228  5.555   1.00 51.47  ? 35  PHE A C   1 
ATOM   115  O  O   . PHE A 1 15  ? 36.879  -0.529  4.671   1.00 48.53  ? 35  PHE A O   1 
ATOM   116  C  CB  . PHE A 1 15  ? 38.800  0.035   7.144   1.00 56.32  ? 35  PHE A CB  1 
ATOM   117  C  CG  . PHE A 1 15  ? 38.247  1.389   6.748   1.00 62.42  ? 35  PHE A CG  1 
ATOM   118  C  CD1 . PHE A 1 15  ? 39.050  2.331   6.085   1.00 64.89  ? 35  PHE A CD1 1 
ATOM   119  C  CD2 . PHE A 1 15  ? 36.926  1.729   7.031   1.00 61.66  ? 35  PHE A CD2 1 
ATOM   120  C  CE1 . PHE A 1 15  ? 38.543  3.566   5.705   1.00 63.89  ? 35  PHE A CE1 1 
ATOM   121  C  CE2 . PHE A 1 15  ? 36.418  2.965   6.652   1.00 62.38  ? 35  PHE A CE2 1 
ATOM   122  C  CZ  . PHE A 1 15  ? 37.225  3.881   5.989   1.00 63.17  ? 35  PHE A CZ  1 
ATOM   123  N  N   . LYS A 1 16  ? 36.660  -2.218  6.143   1.00 53.07  ? 36  LYS A N   1 
ATOM   124  C  CA  . LYS A 1 16  ? 35.236  -2.502  5.905   1.00 51.07  ? 36  LYS A CA  1 
ATOM   125  C  C   . LYS A 1 16  ? 34.584  -2.447  7.265   1.00 50.32  ? 36  LYS A C   1 
ATOM   126  O  O   . LYS A 1 16  ? 35.125  -2.979  8.243   1.00 54.57  ? 36  LYS A O   1 
ATOM   127  C  CB  . LYS A 1 16  ? 35.007  -3.896  5.301   1.00 54.30  ? 36  LYS A CB  1 
ATOM   128  C  CG  . LYS A 1 16  ? 35.350  -4.016  3.826   1.00 69.93  ? 36  LYS A CG  1 
ATOM   129  C  CD  . LYS A 1 16  ? 35.521  -5.475  3.361   1.00 86.30  ? 36  LYS A CD  1 
ATOM   130  C  CE  . LYS A 1 16  ? 36.300  -5.586  2.031   1.00 90.97  ? 36  LYS A CE  1 
ATOM   131  N  NZ  . LYS A 1 16  ? 36.066  -6.857  1.271   1.00 84.71  ? 36  LYS A NZ  1 
ATOM   132  N  N   . ILE A 1 17  ? 33.435  -1.791  7.342   1.00 46.11  ? 37  ILE A N   1 
ATOM   133  C  CA  . ILE A 1 17  ? 32.645  -1.756  8.579   1.00 43.75  ? 37  ILE A CA  1 
ATOM   134  C  C   . ILE A 1 17  ? 31.175  -1.883  8.207   1.00 44.81  ? 37  ILE A C   1 
ATOM   135  O  O   . ILE A 1 17  ? 30.711  -1.225  7.264   1.00 43.93  ? 37  ILE A O   1 
ATOM   136  C  CB  . ILE A 1 17  ? 32.956  -0.494  9.425   1.00 40.33  ? 37  ILE A CB  1 
ATOM   137  C  CG1 . ILE A 1 17  ? 32.179  -0.516  10.721  1.00 37.94  ? 37  ILE A CG1 1 
ATOM   138  C  CG2 . ILE A 1 17  ? 32.734  0.807   8.640   1.00 40.52  ? 37  ILE A CG2 1 
ATOM   139  C  CD1 . ILE A 1 17  ? 32.766  0.424   11.734  1.00 38.85  ? 37  ILE A CD1 1 
ATOM   140  N  N   . LYS A 1 18  ? 30.446  -2.751  8.900   1.00 46.69  ? 38  LYS A N   1 
ATOM   141  C  CA  . LYS A 1 18  ? 29.048  -2.972  8.517   1.00 50.31  ? 38  LYS A CA  1 
ATOM   142  C  C   . LYS A 1 18  ? 28.142  -1.956  9.216   1.00 47.80  ? 38  LYS A C   1 
ATOM   143  O  O   . LYS A 1 18  ? 28.329  -1.652  10.398  1.00 45.58  ? 38  LYS A O   1 
ATOM   144  C  CB  . LYS A 1 18  ? 28.574  -4.402  8.845   1.00 58.06  ? 38  LYS A CB  1 
ATOM   145  C  CG  . LYS A 1 18  ? 29.003  -5.540  7.929   1.00 60.06  ? 38  LYS A CG  1 
ATOM   146  C  CD  . LYS A 1 18  ? 29.068  -6.793  8.792   1.00 71.42  ? 38  LYS A CD  1 
ATOM   147  C  CE  . LYS A 1 18  ? 29.295  -8.072  8.002   1.00 81.43  ? 38  LYS A CE  1 
ATOM   148  N  NZ  . LYS A 1 18  ? 28.969  -9.236  8.886   1.00 89.30  ? 38  LYS A NZ  1 
ATOM   149  N  N   . HIS A 1 19  ? 27.165  -1.431  8.483   1.00 46.57  ? 39  HIS A N   1 
ATOM   150  C  CA  . HIS A 1 19  ? 26.089  -0.664  9.108   1.00 47.39  ? 39  HIS A CA  1 
ATOM   151  C  C   . HIS A 1 19  ? 24.704  -0.959  8.558   1.00 47.83  ? 39  HIS A C   1 
ATOM   152  O  O   . HIS A 1 19  ? 24.552  -1.526  7.480   1.00 45.56  ? 39  HIS A O   1 
ATOM   153  C  CB  . HIS A 1 19  ? 26.363  0.839   9.049   1.00 47.35  ? 39  HIS A CB  1 
ATOM   154  C  CG  . HIS A 1 19  ? 26.155  1.457   7.694   1.00 48.84  ? 39  HIS A CG  1 
ATOM   155  N  ND1 . HIS A 1 19  ? 26.288  0.752   6.509   1.00 48.80  ? 39  HIS A ND1 1 
ATOM   156  C  CD2 . HIS A 1 19  ? 25.870  2.736   7.341   1.00 50.96  ? 39  HIS A CD2 1 
ATOM   157  C  CE1 . HIS A 1 19  ? 26.075  1.564   5.481   1.00 48.87  ? 39  HIS A CE1 1 
ATOM   158  N  NE2 . HIS A 1 19  ? 25.817  2.771   5.961   1.00 52.49  ? 39  HIS A NE2 1 
ATOM   159  N  N   . LEU A 1 20  ? 23.707  -0.527  9.324   1.00 48.94  ? 40  LEU A N   1 
ATOM   160  C  CA  . LEU A 1 20  ? 22.313  -0.623  8.955   1.00 48.49  ? 40  LEU A CA  1 
ATOM   161  C  C   . LEU A 1 20  ? 21.774  0.672   8.375   1.00 51.13  ? 40  LEU A C   1 
ATOM   162  O  O   . LEU A 1 20  ? 22.248  1.757   8.719   1.00 55.78  ? 40  LEU A O   1 
ATOM   163  C  CB  . LEU A 1 20  ? 21.513  -0.995  10.183  1.00 45.35  ? 40  LEU A CB  1 
ATOM   164  C  CG  . LEU A 1 20  ? 21.790  -2.380  10.745  1.00 44.82  ? 40  LEU A CG  1 
ATOM   165  C  CD1 . LEU A 1 20  ? 20.859  -2.569  11.932  1.00 42.99  ? 40  LEU A CD1 1 
ATOM   166  C  CD2 . LEU A 1 20  ? 21.570  -3.470  9.701   1.00 43.77  ? 40  LEU A CD2 1 
ATOM   167  N  N   . GLN A 1 21  ? 20.783  0.543   7.494   1.00 53.74  ? 41  GLN A N   1 
ATOM   168  C  CA  . GLN A 1 21  ? 20.064  1.684   6.930   1.00 55.12  ? 41  GLN A CA  1 
ATOM   169  C  C   . GLN A 1 21  ? 18.564  1.437   6.834   1.00 56.28  ? 41  GLN A C   1 
ATOM   170  O  O   . GLN A 1 21  ? 18.112  0.429   6.277   1.00 56.25  ? 41  GLN A O   1 
ATOM   171  C  CB  . GLN A 1 21  ? 20.600  2.002   5.559   1.00 55.16  ? 41  GLN A CB  1 
ATOM   172  C  CG  . GLN A 1 21  ? 22.055  2.372   5.595   1.00 61.15  ? 41  GLN A CG  1 
ATOM   173  C  CD  . GLN A 1 21  ? 22.474  3.146   4.380   1.00 69.12  ? 41  GLN A CD  1 
ATOM   174  O  OE1 . GLN A 1 21  ? 22.552  2.583   3.288   1.00 70.88  ? 41  GLN A OE1 1 
ATOM   175  N  NE2 . GLN A 1 21  ? 22.757  4.450   4.557   1.00 72.43  ? 41  GLN A NE2 1 
ATOM   176  N  N   . ILE A 1 22  ? 17.800  2.373   7.379   1.00 55.38  ? 42  ILE A N   1 
ATOM   177  C  CA  . ILE A 1 22  ? 16.347  2.339   7.277   1.00 51.51  ? 42  ILE A CA  1 
ATOM   178  C  C   . ILE A 1 22  ? 15.944  3.069   5.996   1.00 51.13  ? 42  ILE A C   1 
ATOM   179  O  O   . ILE A 1 22  ? 16.497  4.111   5.689   1.00 52.61  ? 42  ILE A O   1 
ATOM   180  C  CB  . ILE A 1 22  ? 15.697  2.913   8.567   1.00 50.69  ? 42  ILE A CB  1 
ATOM   181  C  CG1 . ILE A 1 22  ? 14.175  2.652   8.627   1.00 51.24  ? 42  ILE A CG1 1 
ATOM   182  C  CG2 . ILE A 1 22  ? 16.098  4.370   8.783   1.00 50.30  ? 42  ILE A CG2 1 
ATOM   183  C  CD1 . ILE A 1 22  ? 13.613  2.301   10.008  1.00 48.37  ? 42  ILE A CD1 1 
ATOM   184  N  N   . SER A 1 23  ? 15.043  2.469   5.224   1.00 55.19  ? 43  SER A N   1 
ATOM   185  C  CA  . SER A 1 23  ? 14.403  3.095   4.055   1.00 56.30  ? 43  SER A CA  1 
ATOM   186  C  C   . SER A 1 23  ? 12.936  2.643   3.975   1.00 61.72  ? 43  SER A C   1 
ATOM   187  O  O   . SER A 1 23  ? 12.535  1.651   4.611   1.00 58.69  ? 43  SER A O   1 
ATOM   188  C  CB  . SER A 1 23  ? 15.148  2.741   2.766   1.00 53.57  ? 43  SER A CB  1 
ATOM   189  O  OG  . SER A 1 23  ? 15.127  1.344   2.531   1.00 53.02  ? 43  SER A OG  1 
ATOM   190  N  N   . ASN A 1 24  ? 12.130  3.382   3.214   1.00 69.70  ? 44  ASN A N   1 
ATOM   191  C  CA  . ASN A 1 24  ? 10.742  2.981   2.939   1.00 69.33  ? 44  ASN A CA  1 
ATOM   192  C  C   . ASN A 1 24  ? 10.672  2.141   1.673   1.00 61.63  ? 44  ASN A C   1 
ATOM   193  O  O   . ASN A 1 24  ? 11.196  2.560   0.648   1.00 66.24  ? 44  ASN A O   1 
ATOM   194  C  CB  . ASN A 1 24  ? 9.853   4.222   2.776   1.00 77.34  ? 44  ASN A CB  1 
ATOM   195  C  CG  . ASN A 1 24  ? 9.171   4.624   4.071   1.00 91.12  ? 44  ASN A CG  1 
ATOM   196  O  OD1 . ASN A 1 24  ? 8.391   3.856   4.646   1.00 96.39  ? 44  ASN A OD1 1 
ATOM   197  N  ND2 . ASN A 1 24  ? 9.444   5.845   4.530   1.00 110.56 ? 44  ASN A ND2 1 
ATOM   198  N  N   . VAL A 1 25  ? 10.054  0.961   1.734   1.00 55.20  ? 45  VAL A N   1 
ATOM   199  C  CA  . VAL A 1 25  ? 9.606   0.284   0.496   1.00 53.86  ? 45  VAL A CA  1 
ATOM   200  C  C   . VAL A 1 25  ? 8.240   0.881   0.135   1.00 54.91  ? 45  VAL A C   1 
ATOM   201  O  O   . VAL A 1 25  ? 7.274   0.732   0.909   1.00 58.98  ? 45  VAL A O   1 
ATOM   202  C  CB  . VAL A 1 25  ? 9.475   -1.255  0.619   1.00 52.13  ? 45  VAL A CB  1 
ATOM   203  C  CG1 . VAL A 1 25  ? 9.329   -1.893  -0.761  1.00 50.86  ? 45  VAL A CG1 1 
ATOM   204  C  CG2 . VAL A 1 25  ? 10.668  -1.855  1.332   1.00 50.01  ? 45  VAL A CG2 1 
ATOM   205  N  N   . LYS A 1 26  ? 8.193   1.596   -0.997  1.00 49.33  ? 46  LYS A N   1 
ATOM   206  C  CA  . LYS A 1 26  ? 6.956   2.149   -1.571  1.00 47.48  ? 46  LYS A CA  1 
ATOM   207  C  C   . LYS A 1 26  ? 6.557   1.220   -2.745  1.00 50.94  ? 46  LYS A C   1 
ATOM   208  O  O   . LYS A 1 26  ? 7.417   0.639   -3.391  1.00 61.02  ? 46  LYS A O   1 
ATOM   209  C  CB  . LYS A 1 26  ? 7.104   3.643   -1.960  1.00 38.39  ? 46  LYS A CB  1 
ATOM   210  N  N   . GLY A 1 27  ? 5.260   1.020   -2.963  1.00 54.68  ? 47  GLY A N   1 
ATOM   211  C  CA  . GLY A 1 27  ? 4.754   0.083   -3.957  1.00 50.05  ? 47  GLY A CA  1 
ATOM   212  C  C   . GLY A 1 27  ? 3.311   0.403   -4.239  1.00 52.87  ? 47  GLY A C   1 
ATOM   213  O  O   . GLY A 1 27  ? 2.678   1.160   -3.502  1.00 57.08  ? 47  GLY A O   1 
ATOM   214  N  N   . ASN A 1 28  ? 2.797   -0.144  -5.331  1.00 55.75  ? 48  ASN A N   1 
ATOM   215  C  CA  . ASN A 1 28  ? 1.360   -0.091  -5.640  1.00 54.93  ? 48  ASN A CA  1 
ATOM   216  C  C   . ASN A 1 28  ? 0.915   -1.404  -6.288  1.00 54.76  ? 48  ASN A C   1 
ATOM   217  O  O   . ASN A 1 28  ? 1.582   -2.422  -6.118  1.00 59.91  ? 48  ASN A O   1 
ATOM   218  C  CB  . ASN A 1 28  ? 1.029   1.125   -6.514  1.00 51.69  ? 48  ASN A CB  1 
ATOM   219  C  CG  . ASN A 1 28  ? 1.787   1.130   -7.813  1.00 50.58  ? 48  ASN A CG  1 
ATOM   220  O  OD1 . ASN A 1 28  ? 2.552   0.217   -8.112  1.00 50.54  ? 48  ASN A OD1 1 
ATOM   221  N  ND2 . ASN A 1 28  ? 1.576   2.165   -8.600  1.00 54.09  ? 48  ASN A ND2 1 
ATOM   222  N  N   . PHE A 1 29  ? -0.203  -1.396  -7.006  1.00 53.43  ? 49  PHE A N   1 
ATOM   223  C  CA  . PHE A 1 29  ? -0.664  -2.592  -7.701  1.00 52.96  ? 49  PHE A CA  1 
ATOM   224  C  C   . PHE A 1 29  ? -1.239  -2.169  -9.042  1.00 56.81  ? 49  PHE A C   1 
ATOM   225  O  O   . PHE A 1 29  ? -2.084  -1.267  -9.063  1.00 63.41  ? 49  PHE A O   1 
ATOM   226  C  CB  . PHE A 1 29  ? -1.762  -3.273  -6.904  1.00 50.05  ? 49  PHE A CB  1 
ATOM   227  C  CG  . PHE A 1 29  ? -1.323  -3.859  -5.580  1.00 51.86  ? 49  PHE A CG  1 
ATOM   228  C  CD1 . PHE A 1 29  ? -1.379  -3.108  -4.405  1.00 50.86  ? 49  PHE A CD1 1 
ATOM   229  C  CD2 . PHE A 1 29  ? -0.939  -5.199  -5.481  1.00 53.07  ? 49  PHE A CD2 1 
ATOM   230  C  CE1 . PHE A 1 29  ? -1.027  -3.666  -3.169  1.00 48.94  ? 49  PHE A CE1 1 
ATOM   231  C  CE2 . PHE A 1 29  ? -0.586  -5.755  -4.247  1.00 50.60  ? 49  PHE A CE2 1 
ATOM   232  C  CZ  . PHE A 1 29  ? -0.631  -4.987  -3.089  1.00 48.72  ? 49  PHE A CZ  1 
ATOM   233  N  N   . LYS A 1 30  ? -0.792  -2.807  -10.139 1.00 56.77  ? 50  LYS A N   1 
ATOM   234  C  CA  . LYS A 1 30  ? -1.211  -2.453  -11.521 1.00 58.10  ? 50  LYS A CA  1 
ATOM   235  C  C   . LYS A 1 30  ? -2.605  -2.976  -11.914 1.00 61.49  ? 50  LYS A C   1 
ATOM   236  O  O   . LYS A 1 30  ? -3.231  -2.457  -12.834 1.00 63.22  ? 50  LYS A O   1 
ATOM   237  C  CB  . LYS A 1 30  ? -0.161  -2.868  -12.569 1.00 54.79  ? 50  LYS A CB  1 
ATOM   238  N  N   . ASP A 1 31  ? -3.102  -3.975  -11.194 1.00 65.02  ? 51  ASP A N   1 
ATOM   239  C  CA  . ASP A 1 31  ? -4.311  -4.691  -11.585 1.00 65.42  ? 51  ASP A CA  1 
ATOM   240  C  C   . ASP A 1 31  ? -5.264  -4.870  -10.382 1.00 60.76  ? 51  ASP A C   1 
ATOM   241  O  O   . ASP A 1 31  ? -5.006  -5.652  -9.451  1.00 63.90  ? 51  ASP A O   1 
ATOM   242  C  CB  . ASP A 1 31  ? -3.882  -6.019  -12.250 1.00 76.70  ? 51  ASP A CB  1 
ATOM   243  C  CG  . ASP A 1 31  ? -5.032  -6.820  -12.827 1.00 87.31  ? 51  ASP A CG  1 
ATOM   244  O  OD1 . ASP A 1 31  ? -6.064  -6.243  -13.246 1.00 95.26  ? 51  ASP A OD1 1 
ATOM   245  O  OD2 . ASP A 1 31  ? -4.876  -8.060  -12.872 1.00 94.93  ? 51  ASP A OD2 1 
ATOM   246  N  N   . TYR A 1 32  ? -6.353  -4.111  -10.403 1.00 53.76  ? 52  TYR A N   1 
ATOM   247  C  CA  . TYR A 1 32  ? -7.352  -4.080  -9.325  1.00 52.03  ? 52  TYR A CA  1 
ATOM   248  C  C   . TYR A 1 32  ? -8.685  -3.655  -9.913  1.00 54.68  ? 52  TYR A C   1 
ATOM   249  O  O   . TYR A 1 32  ? -8.741  -3.045  -10.984 1.00 57.61  ? 52  TYR A O   1 
ATOM   250  C  CB  . TYR A 1 32  ? -6.952  -3.073  -8.231  1.00 48.47  ? 52  TYR A CB  1 
ATOM   251  C  CG  . TYR A 1 32  ? -6.621  -1.672  -8.769  1.00 47.67  ? 52  TYR A CG  1 
ATOM   252  C  CD1 . TYR A 1 32  ? -5.329  -1.372  -9.242  1.00 47.84  ? 52  TYR A CD1 1 
ATOM   253  C  CD2 . TYR A 1 32  ? -7.594  -0.652  -8.817  1.00 43.71  ? 52  TYR A CD2 1 
ATOM   254  C  CE1 . TYR A 1 32  ? -5.011  -0.114  -9.735  1.00 48.57  ? 52  TYR A CE1 1 
ATOM   255  C  CE2 . TYR A 1 32  ? -7.287  0.611   -9.317  1.00 45.49  ? 52  TYR A CE2 1 
ATOM   256  C  CZ  . TYR A 1 32  ? -5.989  0.877   -9.770  1.00 50.49  ? 52  TYR A CZ  1 
ATOM   257  O  OH  . TYR A 1 32  ? -5.633  2.119   -10.279 1.00 52.94  ? 52  TYR A OH  1 
ATOM   258  N  N   . SER A 1 33  ? -9.770  -3.941  -9.213  1.00 58.19  ? 53  SER A N   1 
ATOM   259  C  CA  . SER A 1 33  ? -11.046 -3.361  -9.601  1.00 61.93  ? 53  SER A CA  1 
ATOM   260  C  C   . SER A 1 33  ? -11.717 -2.767  -8.377  1.00 63.42  ? 53  SER A C   1 
ATOM   261  O  O   . SER A 1 33  ? -11.458 -3.205  -7.241  1.00 65.85  ? 53  SER A O   1 
ATOM   262  C  CB  . SER A 1 33  ? -11.945 -4.415  -10.235 1.00 63.55  ? 53  SER A CB  1 
ATOM   263  O  OG  . SER A 1 33  ? -12.665 -5.106  -9.231  1.00 67.96  ? 53  SER A OG  1 
ATOM   264  N  N   . ALA A 1 34  ? -12.574 -1.776  -8.605  1.00 59.01  ? 54  ALA A N   1 
ATOM   265  C  CA  . ALA A 1 34  ? -13.403 -1.258  -7.528  1.00 55.07  ? 54  ALA A CA  1 
ATOM   266  C  C   . ALA A 1 34  ? -14.778 -0.941  -7.997  1.00 51.53  ? 54  ALA A C   1 
ATOM   267  O  O   . ALA A 1 34  ? -14.971 -0.554  -9.154  1.00 54.41  ? 54  ALA A O   1 
ATOM   268  C  CB  . ALA A 1 34  ? -12.787 -0.020  -6.900  1.00 54.42  ? 54  ALA A CB  1 
ATOM   269  N  N   . VAL A 1 35  ? -15.714 -1.098  -7.064  1.00 49.19  ? 55  VAL A N   1 
ATOM   270  C  CA  . VAL A 1 35  ? -17.068 -0.535  -7.147  1.00 47.77  ? 55  VAL A CA  1 
ATOM   271  C  C   . VAL A 1 35  ? -17.278 0.642   -6.148  1.00 46.53  ? 55  VAL A C   1 
ATOM   272  O  O   . VAL A 1 35  ? -17.029 0.521   -4.934  1.00 46.65  ? 55  VAL A O   1 
ATOM   273  C  CB  . VAL A 1 35  ? -18.115 -1.665  -7.035  1.00 47.00  ? 55  VAL A CB  1 
ATOM   274  C  CG1 . VAL A 1 35  ? -19.436 -1.203  -6.415  1.00 44.77  ? 55  VAL A CG1 1 
ATOM   275  C  CG2 . VAL A 1 35  ? -18.317 -2.287  -8.411  1.00 49.27  ? 55  VAL A CG2 1 
ATOM   276  N  N   . ILE A 1 36  ? -17.708 1.781   -6.684  1.00 42.79  ? 56  ILE A N   1 
ATOM   277  C  CA  . ILE A 1 36  ? -17.843 3.015   -5.905  1.00 43.73  ? 56  ILE A CA  1 
ATOM   278  C  C   . ILE A 1 36  ? -19.240 3.719   -5.998  1.00 45.85  ? 56  ILE A C   1 
ATOM   279  O  O   . ILE A 1 36  ? -19.606 4.268   -7.056  1.00 47.05  ? 56  ILE A O   1 
ATOM   280  C  CB  . ILE A 1 36  ? -16.709 3.995   -6.277  1.00 41.21  ? 56  ILE A CB  1 
ATOM   281  C  CG1 . ILE A 1 36  ? -15.354 3.293   -6.244  1.00 38.87  ? 56  ILE A CG1 1 
ATOM   282  C  CG2 . ILE A 1 36  ? -16.730 5.201   -5.348  1.00 42.93  ? 56  ILE A CG2 1 
ATOM   283  C  CD1 . ILE A 1 36  ? -14.300 3.941   -7.104  1.00 39.80  ? 56  ILE A CD1 1 
ATOM   284  N  N   . ASP A 1 37  ? -19.999 3.693   -4.894  1.00 44.29  ? 57  ASP A N   1 
ATOM   285  C  CA  . ASP A 1 37  ? -21.247 4.447   -4.758  1.00 45.92  ? 57  ASP A CA  1 
ATOM   286  C  C   . ASP A 1 37  ? -21.072 5.626   -3.796  1.00 48.40  ? 57  ASP A C   1 
ATOM   287  O  O   . ASP A 1 37  ? -20.767 5.438   -2.610  1.00 49.34  ? 57  ASP A O   1 
ATOM   288  C  CB  . ASP A 1 37  ? -22.394 3.552   -4.276  1.00 47.44  ? 57  ASP A CB  1 
ATOM   289  C  CG  . ASP A 1 37  ? -22.810 2.498   -5.304  1.00 51.13  ? 57  ASP A CG  1 
ATOM   290  O  OD1 . ASP A 1 37  ? -22.536 2.639   -6.519  1.00 51.52  ? 57  ASP A OD1 1 
ATOM   291  O  OD2 . ASP A 1 37  ? -23.448 1.509   -4.883  1.00 53.97  ? 57  ASP A OD2 1 
ATOM   292  N  N   . PHE A 1 38  ? -21.293 6.835   -4.317  1.00 48.44  ? 58  PHE A N   1 
ATOM   293  C  CA  . PHE A 1 38  ? -21.013 8.091   -3.602  1.00 49.46  ? 58  PHE A CA  1 
ATOM   294  C  C   . PHE A 1 38  ? -22.030 9.171   -3.983  1.00 50.82  ? 58  PHE A C   1 
ATOM   295  O  O   . PHE A 1 38  ? -22.477 9.250   -5.130  1.00 55.09  ? 58  PHE A O   1 
ATOM   296  C  CB  . PHE A 1 38  ? -19.567 8.548   -3.898  1.00 47.89  ? 58  PHE A CB  1 
ATOM   297  C  CG  . PHE A 1 38  ? -19.165 9.844   -3.239  1.00 46.57  ? 58  PHE A CG  1 
ATOM   298  C  CD1 . PHE A 1 38  ? -18.772 9.876   -1.895  1.00 47.47  ? 58  PHE A CD1 1 
ATOM   299  C  CD2 . PHE A 1 38  ? -19.136 11.038  -3.977  1.00 47.18  ? 58  PHE A CD2 1 
ATOM   300  C  CE1 . PHE A 1 38  ? -18.405 11.078  -1.289  1.00 48.51  ? 58  PHE A CE1 1 
ATOM   301  C  CE2 . PHE A 1 38  ? -18.765 12.243  -3.381  1.00 46.11  ? 58  PHE A CE2 1 
ATOM   302  C  CZ  . PHE A 1 38  ? -18.395 12.262  -2.039  1.00 47.94  ? 58  PHE A CZ  1 
ATOM   303  N  N   . ASP A 1 39  ? -22.365 10.016  -3.014  1.00 49.29  ? 59  ASP A N   1 
ATOM   304  C  CA  . ASP A 1 39  ? -23.439 10.990  -3.151  1.00 46.56  ? 59  ASP A CA  1 
ATOM   305  C  C   . ASP A 1 39  ? -22.914 12.415  -3.027  1.00 44.78  ? 59  ASP A C   1 
ATOM   306  O  O   . ASP A 1 39  ? -22.745 12.905  -1.895  1.00 44.84  ? 59  ASP A O   1 
ATOM   307  C  CB  . ASP A 1 39  ? -24.507 10.718  -2.090  1.00 47.11  ? 59  ASP A CB  1 
ATOM   308  C  CG  . ASP A 1 39  ? -25.657 11.693  -2.136  1.00 48.88  ? 59  ASP A CG  1 
ATOM   309  O  OD1 . ASP A 1 39  ? -25.924 12.369  -3.166  1.00 50.53  ? 59  ASP A OD1 1 
ATOM   310  O  OD2 . ASP A 1 39  ? -26.316 11.764  -1.096  1.00 54.55  ? 59  ASP A OD2 1 
ATOM   311  N  N   . PRO A 1 40  ? -22.704 13.099  -4.181  1.00 39.90  ? 60  PRO A N   1 
ATOM   312  C  CA  . PRO A 1 40  ? -22.084 14.420  -4.167  1.00 39.12  ? 60  PRO A CA  1 
ATOM   313  C  C   . PRO A 1 40  ? -22.926 15.464  -3.416  1.00 40.79  ? 60  PRO A C   1 
ATOM   314  O  O   . PRO A 1 40  ? -22.376 16.461  -2.929  1.00 41.72  ? 60  PRO A O   1 
ATOM   315  C  CB  . PRO A 1 40  ? -21.948 14.776  -5.655  1.00 37.19  ? 60  PRO A CB  1 
ATOM   316  C  CG  . PRO A 1 40  ? -22.236 13.525  -6.395  1.00 36.47  ? 60  PRO A CG  1 
ATOM   317  C  CD  . PRO A 1 40  ? -23.158 12.738  -5.531  1.00 36.60  ? 60  PRO A CD  1 
ATOM   318  N  N   . ALA A 1 41  ? -24.231 15.205  -3.288  1.00 40.04  ? 61  ALA A N   1 
ATOM   319  C  CA  . ALA A 1 41  ? -25.147 16.096  -2.585  1.00 40.38  ? 61  ALA A CA  1 
ATOM   320  C  C   . ALA A 1 41  ? -24.882 16.161  -1.077  1.00 41.45  ? 61  ALA A C   1 
ATOM   321  O  O   . ALA A 1 41  ? -25.205 17.156  -0.426  1.00 40.32  ? 61  ALA A O   1 
ATOM   322  C  CB  . ALA A 1 41  ? -26.580 15.667  -2.855  1.00 43.08  ? 61  ALA A CB  1 
ATOM   323  N  N   . SER A 1 42  ? -24.290 15.095  -0.536  1.00 43.60  ? 62  SER A N   1 
ATOM   324  C  CA  . SER A 1 42  ? -24.085 14.943  0.901   1.00 44.74  ? 62  SER A CA  1 
ATOM   325  C  C   . SER A 1 42  ? -22.641 14.572  1.270   1.00 45.66  ? 62  SER A C   1 
ATOM   326  O  O   . SER A 1 42  ? -22.303 14.460  2.451   1.00 46.03  ? 62  SER A O   1 
ATOM   327  C  CB  . SER A 1 42  ? -25.061 13.892  1.452   1.00 46.28  ? 62  SER A CB  1 
ATOM   328  O  OG  . SER A 1 42  ? -24.718 12.585  1.008   1.00 47.90  ? 62  SER A OG  1 
ATOM   329  N  N   . ALA A 1 43  ? -21.794 14.394  0.258   1.00 45.96  ? 63  ALA A N   1 
ATOM   330  C  CA  . ALA A 1 43  ? -20.407 13.935  0.435   1.00 45.68  ? 63  ALA A CA  1 
ATOM   331  C  C   . ALA A 1 43  ? -20.291 12.672  1.311   1.00 43.75  ? 63  ALA A C   1 
ATOM   332  O  O   . ALA A 1 43  ? -19.523 12.638  2.287   1.00 47.54  ? 63  ALA A O   1 
ATOM   333  C  CB  . ALA A 1 43  ? -19.504 15.076  0.934   1.00 45.16  ? 63  ALA A CB  1 
ATOM   334  N  N   . GLU A 1 44  ? -21.074 11.655  0.953   1.00 41.67  ? 64  GLU A N   1 
ATOM   335  C  CA  . GLU A 1 44  ? -21.072 10.366  1.649   1.00 42.11  ? 64  GLU A CA  1 
ATOM   336  C  C   . GLU A 1 44  ? -20.830 9.214   0.716   1.00 41.22  ? 64  GLU A C   1 
ATOM   337  O  O   . GLU A 1 44  ? -21.416 9.149   -0.356  1.00 41.65  ? 64  GLU A O   1 
ATOM   338  C  CB  . GLU A 1 44  ? -22.368 10.150  2.408   1.00 41.57  ? 64  GLU A CB  1 
ATOM   339  C  CG  . GLU A 1 44  ? -22.353 10.934  3.694   1.00 47.57  ? 64  GLU A CG  1 
ATOM   340  C  CD  . GLU A 1 44  ? -23.709 11.152  4.303   1.00 52.16  ? 64  GLU A CD  1 
ATOM   341  O  OE1 . GLU A 1 44  ? -24.693 11.369  3.558   1.00 60.45  ? 64  GLU A OE1 1 
ATOM   342  O  OE2 . GLU A 1 44  ? -23.780 11.138  5.548   1.00 53.01  ? 64  GLU A OE2 1 
ATOM   343  N  N   . PHE A 1 45  ? -19.943 8.314   1.121   1.00 40.51  ? 65  PHE A N   1 
ATOM   344  C  CA  . PHE A 1 45  ? -19.764 7.050   0.423   1.00 40.94  ? 65  PHE A CA  1 
ATOM   345  C  C   . PHE A 1 45  ? -20.839 6.081   0.864   1.00 42.45  ? 65  PHE A C   1 
ATOM   346  O  O   . PHE A 1 45  ? -21.182 6.053   2.045   1.00 40.39  ? 65  PHE A O   1 
ATOM   347  C  CB  . PHE A 1 45  ? -18.409 6.469   0.753   1.00 37.77  ? 65  PHE A CB  1 
ATOM   348  C  CG  . PHE A 1 45  ? -17.291 7.154   0.068   1.00 35.70  ? 65  PHE A CG  1 
ATOM   349  C  CD1 . PHE A 1 45  ? -16.864 6.721   -1.187  1.00 35.36  ? 65  PHE A CD1 1 
ATOM   350  C  CD2 . PHE A 1 45  ? -16.654 8.235   0.668   1.00 36.25  ? 65  PHE A CD2 1 
ATOM   351  C  CE1 . PHE A 1 45  ? -15.806 7.354   -1.848  1.00 36.29  ? 65  PHE A CE1 1 
ATOM   352  C  CE2 . PHE A 1 45  ? -15.601 8.876   0.019   1.00 37.01  ? 65  PHE A CE2 1 
ATOM   353  C  CZ  . PHE A 1 45  ? -15.172 8.433   -1.243  1.00 36.60  ? 65  PHE A CZ  1 
ATOM   354  N  N   . LYS A 1 46  ? -21.369 5.300   -0.079  1.00 49.10  ? 66  LYS A N   1 
ATOM   355  C  CA  . LYS A 1 46  ? -22.431 4.300   0.215   1.00 56.39  ? 66  LYS A CA  1 
ATOM   356  C  C   . LYS A 1 46  ? -21.929 2.866   0.078   1.00 53.44  ? 66  LYS A C   1 
ATOM   357  O  O   . LYS A 1 46  ? -22.390 1.970   0.777   1.00 48.90  ? 66  LYS A O   1 
ATOM   358  C  CB  . LYS A 1 46  ? -23.687 4.497   -0.662  1.00 70.00  ? 66  LYS A CB  1 
ATOM   359  C  CG  . LYS A 1 46  ? -24.304 5.904   -0.667  1.00 85.63  ? 66  LYS A CG  1 
ATOM   360  C  CD  . LYS A 1 46  ? -25.080 6.243   0.610   1.00 91.96  ? 66  LYS A CD  1 
ATOM   361  C  CE  . LYS A 1 46  ? -25.497 7.711   0.624   1.00 91.07  ? 66  LYS A CE  1 
ATOM   362  N  NZ  . LYS A 1 46  ? -25.912 8.161   1.980   1.00 87.33  ? 66  LYS A NZ  1 
ATOM   363  N  N   . LYS A 1 47  ? -20.971 2.672   -0.824  1.00 53.73  ? 67  LYS A N   1 
ATOM   364  C  CA  . LYS A 1 47  ? -20.393 1.373   -1.115  1.00 51.04  ? 67  LYS A CA  1 
ATOM   365  C  C   . LYS A 1 47  ? -18.999 1.666   -1.654  1.00 48.43  ? 67  LYS A C   1 
ATOM   366  O  O   . LYS A 1 47  ? -18.819 2.506   -2.540  1.00 43.14  ? 67  LYS A O   1 
ATOM   367  C  CB  . LYS A 1 47  ? -21.262 0.653   -2.157  1.00 55.21  ? 67  LYS A CB  1 
ATOM   368  C  CG  . LYS A 1 47  ? -21.047 -0.839  -2.398  1.00 57.76  ? 67  LYS A CG  1 
ATOM   369  C  CD  . LYS A 1 47  ? -21.913 -1.276  -3.581  1.00 61.74  ? 67  LYS A CD  1 
ATOM   370  C  CE  . LYS A 1 47  ? -21.793 -2.747  -3.942  1.00 68.03  ? 67  LYS A CE  1 
ATOM   371  N  NZ  . LYS A 1 47  ? -22.759 -3.573  -3.161  1.00 74.13  ? 67  LYS A NZ  1 
ATOM   372  N  N   . LEU A 1 48  ? -18.010 1.005   -1.063  1.00 50.12  ? 68  LEU A N   1 
ATOM   373  C  CA  . LEU A 1 48  ? -16.669 0.976   -1.618  1.00 48.33  ? 68  LEU A CA  1 
ATOM   374  C  C   . LEU A 1 48  ? -16.117 -0.422  -1.450  1.00 47.21  ? 68  LEU A C   1 
ATOM   375  O  O   . LEU A 1 48  ? -15.839 -0.844  -0.332  1.00 49.87  ? 68  LEU A O   1 
ATOM   376  C  CB  . LEU A 1 48  ? -15.767 2.021   -0.965  1.00 47.47  ? 68  LEU A CB  1 
ATOM   377  C  CG  . LEU A 1 48  ? -14.340 2.094   -1.496  1.00 46.23  ? 68  LEU A CG  1 
ATOM   378  C  CD1 . LEU A 1 48  ? -14.343 2.011   -3.004  1.00 51.00  ? 68  LEU A CD1 1 
ATOM   379  C  CD2 . LEU A 1 48  ? -13.710 3.396   -1.067  1.00 47.12  ? 68  LEU A CD2 1 
ATOM   380  N  N   . ASP A 1 49  ? -16.000 -1.128  -2.573  1.00 45.00  ? 69  ASP A N   1 
ATOM   381  C  CA  . ASP A 1 49  ? -15.554 -2.511  -2.611  1.00 43.45  ? 69  ASP A CA  1 
ATOM   382  C  C   . ASP A 1 49  ? -14.445 -2.599  -3.619  1.00 43.07  ? 69  ASP A C   1 
ATOM   383  O  O   . ASP A 1 49  ? -14.583 -2.167  -4.764  1.00 42.01  ? 69  ASP A O   1 
ATOM   384  C  CB  . ASP A 1 49  ? -16.700 -3.468  -2.954  1.00 44.34  ? 69  ASP A CB  1 
ATOM   385  C  CG  . ASP A 1 49  ? -17.760 -3.548  -1.840  1.00 50.91  ? 69  ASP A CG  1 
ATOM   386  O  OD1 . ASP A 1 49  ? -17.461 -3.247  -0.669  1.00 55.42  ? 69  ASP A OD1 1 
ATOM   387  O  OD2 . ASP A 1 49  ? -18.919 -3.915  -2.117  1.00 54.38  ? 69  ASP A OD2 1 
ATOM   388  N  N   . VAL A 1 50  ? -13.314 -3.112  -3.158  1.00 43.52  ? 70  VAL A N   1 
ATOM   389  C  CA  . VAL A 1 50  ? -12.092 -3.142  -3.960  1.00 41.87  ? 70  VAL A CA  1 
ATOM   390  C  C   . VAL A 1 50  ? -11.497 -4.552  -3.914  1.00 44.24  ? 70  VAL A C   1 
ATOM   391  O  O   . VAL A 1 50  ? -11.444 -5.180  -2.837  1.00 41.54  ? 70  VAL A O   1 
ATOM   392  C  CB  . VAL A 1 50  ? -11.040 -2.114  -3.463  1.00 37.74  ? 70  VAL A CB  1 
ATOM   393  C  CG1 . VAL A 1 50  ? -9.853  -2.075  -4.403  1.00 34.06  ? 70  VAL A CG1 1 
ATOM   394  C  CG2 . VAL A 1 50  ? -11.626 -0.721  -3.326  1.00 34.75  ? 70  VAL A CG2 1 
ATOM   395  N  N   . THR A 1 51  ? -11.074 -5.031  -5.091  1.00 45.49  ? 71  THR A N   1 
ATOM   396  C  CA  . THR A 1 51  ? -10.312 -6.280  -5.236  1.00 44.82  ? 71  THR A CA  1 
ATOM   397  C  C   . THR A 1 51  ? -9.050  -5.989  -5.984  1.00 45.04  ? 71  THR A C   1 
ATOM   398  O  O   . THR A 1 51  ? -9.059  -5.372  -7.063  1.00 40.61  ? 71  THR A O   1 
ATOM   399  C  CB  . THR A 1 51  ? -11.075 -7.342  -6.021  1.00 43.67  ? 71  THR A CB  1 
ATOM   400  O  OG1 . THR A 1 51  ? -12.361 -7.476  -5.443  1.00 50.10  ? 71  THR A OG1 1 
ATOM   401  C  CG2 . THR A 1 51  ? -10.391 -8.688  -5.943  1.00 42.68  ? 71  THR A CG2 1 
ATOM   402  N  N   . ILE A 1 52  ? -7.964  -6.458  -5.388  1.00 47.60  ? 72  ILE A N   1 
ATOM   403  C  CA  . ILE A 1 52  ? -6.642  -6.191  -5.884  1.00 50.66  ? 72  ILE A CA  1 
ATOM   404  C  C   . ILE A 1 52  ? -6.018  -7.523  -6.191  1.00 50.36  ? 72  ILE A C   1 
ATOM   405  O  O   . ILE A 1 52  ? -6.074  -8.428  -5.354  1.00 45.51  ? 72  ILE A O   1 
ATOM   406  C  CB  . ILE A 1 52  ? -5.806  -5.467  -4.824  1.00 51.31  ? 72  ILE A CB  1 
ATOM   407  C  CG1 . ILE A 1 52  ? -6.450  -4.126  -4.475  1.00 51.78  ? 72  ILE A CG1 1 
ATOM   408  C  CG2 . ILE A 1 52  ? -4.402  -5.249  -5.340  1.00 49.18  ? 72  ILE A CG2 1 
ATOM   409  C  CD1 . ILE A 1 52  ? -6.175  -3.692  -3.064  1.00 53.68  ? 72  ILE A CD1 1 
ATOM   410  N  N   . LYS A 1 53  ? -5.431  -7.621  -7.388  1.00 53.95  ? 73  LYS A N   1 
ATOM   411  C  CA  . LYS A 1 53  ? -4.723  -8.836  -7.822  1.00 59.53  ? 73  LYS A CA  1 
ATOM   412  C  C   . LYS A 1 53  ? -3.276  -8.770  -7.361  1.00 56.05  ? 73  LYS A C   1 
ATOM   413  O  O   . LYS A 1 53  ? -2.467  -7.996  -7.896  1.00 51.30  ? 73  LYS A O   1 
ATOM   414  C  CB  . LYS A 1 53  ? -4.876  -9.108  -9.336  1.00 64.05  ? 73  LYS A CB  1 
ATOM   415  C  CG  . LYS A 1 53  ? -6.321  -9.429  -9.727  1.00 74.64  ? 73  LYS A CG  1 
ATOM   416  C  CD  . LYS A 1 53  ? -6.491  -10.448 -10.857 1.00 83.28  ? 73  LYS A CD  1 
ATOM   417  C  CE  . LYS A 1 53  ? -7.926  -10.989 -10.923 1.00 85.42  ? 73  LYS A CE  1 
ATOM   418  N  NZ  . LYS A 1 53  ? -8.380  -11.559 -9.614  1.00 78.94  ? 73  LYS A NZ  1 
ATOM   419  N  N   . ILE A 1 54  ? -2.997  -9.572  -6.331  1.00 52.60  ? 74  ILE A N   1 
ATOM   420  C  CA  . ILE A 1 54  ? -1.698  -9.646  -5.656  1.00 52.85  ? 74  ILE A CA  1 
ATOM   421  C  C   . ILE A 1 54  ? -0.523  -9.781  -6.659  1.00 56.35  ? 74  ILE A C   1 
ATOM   422  O  O   . ILE A 1 54  ? 0.525   -9.118  -6.532  1.00 54.97  ? 74  ILE A O   1 
ATOM   423  C  CB  . ILE A 1 54  ? -1.744  -10.762 -4.564  1.00 49.29  ? 74  ILE A CB  1 
ATOM   424  C  CG1 . ILE A 1 54  ? -2.438  -10.271 -3.290  1.00 48.29  ? 74  ILE A CG1 1 
ATOM   425  C  CG2 . ILE A 1 54  ? -0.378  -11.334 -4.236  1.00 50.28  ? 74  ILE A CG2 1 
ATOM   426  C  CD1 . ILE A 1 54  ? -2.099  -8.848  -2.865  1.00 48.62  ? 74  ILE A CD1 1 
ATOM   427  N  N   . ALA A 1 55  ? -0.738  -10.601 -7.684  1.00 58.47  ? 75  ALA A N   1 
ATOM   428  C  CA  . ALA A 1 55  ? 0.239   -10.833 -8.745  1.00 57.32  ? 75  ALA A CA  1 
ATOM   429  C  C   . ALA A 1 55  ? 0.792   -9.546  -9.355  1.00 57.95  ? 75  ALA A C   1 
ATOM   430  O  O   . ALA A 1 55  ? 1.944   -9.497  -9.748  1.00 63.80  ? 75  ALA A O   1 
ATOM   431  C  CB  . ALA A 1 55  ? -0.368  -11.728 -9.822  1.00 57.88  ? 75  ALA A CB  1 
ATOM   432  N  N   . SER A 1 56  ? -0.028  -8.501  -9.393  1.00 59.94  ? 76  SER A N   1 
ATOM   433  C  CA  . SER A 1 56  ? 0.308   -7.258  -10.083 1.00 56.44  ? 76  SER A CA  1 
ATOM   434  C  C   . SER A 1 56  ? 1.037   -6.256  -9.196  1.00 55.41  ? 76  SER A C   1 
ATOM   435  O  O   . SER A 1 56  ? 1.120   -5.074  -9.550  1.00 56.47  ? 76  SER A O   1 
ATOM   436  C  CB  . SER A 1 56  ? -0.960  -6.607  -10.633 1.00 57.98  ? 76  SER A CB  1 
ATOM   437  O  OG  . SER A 1 56  ? -1.772  -6.094  -9.584  1.00 53.89  ? 76  SER A OG  1 
ATOM   438  N  N   . VAL A 1 57  ? 1.562   -6.712  -8.057  1.00 48.95  ? 77  VAL A N   1 
ATOM   439  C  CA  . VAL A 1 57  ? 2.331   -5.839  -7.182  1.00 47.44  ? 77  VAL A CA  1 
ATOM   440  C  C   . VAL A 1 57  ? 3.498   -5.161  -7.925  1.00 51.30  ? 77  VAL A C   1 
ATOM   441  O  O   . VAL A 1 57  ? 4.039   -5.715  -8.883  1.00 54.11  ? 77  VAL A O   1 
ATOM   442  C  CB  . VAL A 1 57  ? 2.786   -6.583  -5.920  1.00 42.84  ? 77  VAL A CB  1 
ATOM   443  C  CG1 . VAL A 1 57  ? 3.933   -7.526  -6.222  1.00 41.14  ? 77  VAL A CG1 1 
ATOM   444  C  CG2 . VAL A 1 57  ? 3.142   -5.593  -4.821  1.00 41.34  ? 77  VAL A CG2 1 
ATOM   445  N  N   . ASN A 1 58  ? 3.843   -3.945  -7.516  1.00 53.86  ? 78  ASN A N   1 
ATOM   446  C  CA  . ASN A 1 58  ? 4.965   -3.242  -8.106  1.00 57.58  ? 78  ASN A CA  1 
ATOM   447  C  C   . ASN A 1 58  ? 5.673   -2.386  -7.067  1.00 57.99  ? 78  ASN A C   1 
ATOM   448  O  O   . ASN A 1 58  ? 5.203   -1.305  -6.695  1.00 59.79  ? 78  ASN A O   1 
ATOM   449  C  CB  . ASN A 1 58  ? 4.532   -2.415  -9.329  1.00 61.83  ? 78  ASN A CB  1 
ATOM   450  C  CG  . ASN A 1 58  ? 5.656   -1.548  -9.885  1.00 70.37  ? 78  ASN A CG  1 
ATOM   451  O  OD1 . ASN A 1 58  ? 6.838   -1.909  -9.830  1.00 82.04  ? 78  ASN A OD1 1 
ATOM   452  N  ND2 . ASN A 1 58  ? 5.293   -0.391  -10.416 1.00 73.87  ? 78  ASN A ND2 1 
ATOM   453  N  N   . THR A 1 59  ? 6.813   -2.881  -6.608  1.00 56.29  ? 79  THR A N   1 
ATOM   454  C  CA  . THR A 1 59  ? 7.636   -2.121  -5.693  1.00 60.32  ? 79  THR A CA  1 
ATOM   455  C  C   . THR A 1 59  ? 8.847   -1.604  -6.425  1.00 65.93  ? 79  THR A C   1 
ATOM   456  O  O   . THR A 1 59  ? 9.877   -1.321  -5.803  1.00 68.23  ? 79  THR A O   1 
ATOM   457  C  CB  . THR A 1 59  ? 8.075   -2.937  -4.462  1.00 59.38  ? 79  THR A CB  1 
ATOM   458  O  OG1 . THR A 1 59  ? 8.752   -4.127  -4.880  1.00 58.41  ? 79  THR A OG1 1 
ATOM   459  C  CG2 . THR A 1 59  ? 6.897   -3.303  -3.595  1.00 61.38  ? 79  THR A CG2 1 
ATOM   460  N  N   . GLU A 1 60  ? 8.712   -1.488  -7.753  1.00 75.64  ? 80  GLU A N   1 
ATOM   461  C  CA  . GLU A 1 60  ? 9.744   -0.943  -8.656  1.00 84.97  ? 80  GLU A CA  1 
ATOM   462  C  C   . GLU A 1 60  ? 10.947  -1.848  -8.846  1.00 89.07  ? 80  GLU A C   1 
ATOM   463  O  O   . GLU A 1 60  ? 11.962  -1.427  -9.382  1.00 103.96 ? 80  GLU A O   1 
ATOM   464  C  CB  . GLU A 1 60  ? 10.232  0.447   -8.192  1.00 95.74  ? 80  GLU A CB  1 
ATOM   465  C  CG  . GLU A 1 60  ? 9.170   1.533   -8.144  1.00 106.19 ? 80  GLU A CG  1 
ATOM   466  C  CD  . GLU A 1 60  ? 8.622   1.902   -9.515  1.00 114.38 ? 80  GLU A CD  1 
ATOM   467  O  OE1 . GLU A 1 60  ? 8.228   3.074   -9.664  1.00 123.69 ? 80  GLU A OE1 1 
ATOM   468  O  OE2 . GLU A 1 60  ? 8.575   1.047   -10.440 1.00 108.91 ? 80  GLU A OE2 1 
ATOM   469  N  N   . ASN A 1 61  ? 10.841  -3.093  -8.413  1.00 87.55  ? 81  ASN A N   1 
ATOM   470  C  CA  . ASN A 1 61  ? 12.003  -3.946  -8.340  1.00 79.40  ? 81  ASN A CA  1 
ATOM   471  C  C   . ASN A 1 61  ? 11.551  -5.360  -8.635  1.00 82.96  ? 81  ASN A C   1 
ATOM   472  O  O   . ASN A 1 61  ? 10.838  -5.985  -7.838  1.00 83.89  ? 81  ASN A O   1 
ATOM   473  C  CB  . ASN A 1 61  ? 12.676  -3.764  -6.973  1.00 70.33  ? 81  ASN A CB  1 
ATOM   474  C  CG  . ASN A 1 61  ? 13.473  -4.970  -6.528  1.00 66.16  ? 81  ASN A CG  1 
ATOM   475  O  OD1 . ASN A 1 61  ? 13.280  -6.102  -6.985  1.00 64.51  ? 81  ASN A OD1 1 
ATOM   476  N  ND2 . ASN A 1 61  ? 14.361  -4.731  -5.589  1.00 64.97  ? 81  ASN A ND2 1 
ATOM   477  N  N   . GLN A 1 62  ? 12.000  -5.844  -9.791  1.00 88.46  ? 82  GLN A N   1 
ATOM   478  C  CA  . GLN A 1 62  ? 11.558  -7.103  -10.377 1.00 88.13  ? 82  GLN A CA  1 
ATOM   479  C  C   . GLN A 1 62  ? 11.593  -8.315  -9.435  1.00 81.70  ? 82  GLN A C   1 
ATOM   480  O  O   . GLN A 1 62  ? 10.595  -9.017  -9.276  1.00 78.60  ? 82  GLN A O   1 
ATOM   481  C  CB  . GLN A 1 62  ? 12.340  -7.380  -11.671 1.00 102.05 ? 82  GLN A CB  1 
ATOM   482  C  CG  . GLN A 1 62  ? 12.006  -8.691  -12.398 1.00 116.12 ? 82  GLN A CG  1 
ATOM   483  C  CD  . GLN A 1 62  ? 10.599  -8.766  -13.004 1.00 113.50 ? 82  GLN A CD  1 
ATOM   484  O  OE1 . GLN A 1 62  ? 9.711   -7.955  -12.707 1.00 108.59 ? 82  GLN A OE1 1 
ATOM   485  N  NE2 . GLN A 1 62  ? 10.395  -9.766  -13.862 1.00 118.64 ? 82  GLN A NE2 1 
ATOM   486  N  N   . THR A 1 63  ? 12.731  -8.553  -8.808  1.00 79.29  ? 83  THR A N   1 
ATOM   487  C  CA  . THR A 1 63  ? 12.896  -9.797  -8.072  1.00 81.38  ? 83  THR A CA  1 
ATOM   488  C  C   . THR A 1 63  ? 12.191  -9.751  -6.709  1.00 78.76  ? 83  THR A C   1 
ATOM   489  O  O   . THR A 1 63  ? 11.907  -10.811 -6.133  1.00 86.00  ? 83  THR A O   1 
ATOM   490  C  CB  . THR A 1 63  ? 14.378  -10.237 -7.972  1.00 86.13  ? 83  THR A CB  1 
ATOM   491  O  OG1 . THR A 1 63  ? 15.117  -9.232  -7.277  1.00 103.00 ? 83  THR A OG1 1 
ATOM   492  C  CG2 . THR A 1 63  ? 15.023  -10.448 -9.374  1.00 83.57  ? 83  THR A CG2 1 
ATOM   493  N  N   . ARG A 1 64  ? 11.884  -8.546  -6.207  1.00 73.68  ? 84  ARG A N   1 
ATOM   494  C  CA  . ARG A 1 64  ? 11.142  -8.414  -4.928  1.00 71.43  ? 84  ARG A CA  1 
ATOM   495  C  C   . ARG A 1 64  ? 9.663   -8.738  -5.117  1.00 68.90  ? 84  ARG A C   1 
ATOM   496  O  O   . ARG A 1 64  ? 9.075   -9.488  -4.339  1.00 65.51  ? 84  ARG A O   1 
ATOM   497  C  CB  . ARG A 1 64  ? 11.301  -7.034  -4.283  1.00 66.53  ? 84  ARG A CB  1 
ATOM   498  C  CG  . ARG A 1 64  ? 11.001  -7.034  -2.788  1.00 63.35  ? 84  ARG A CG  1 
ATOM   499  C  CD  . ARG A 1 64  ? 10.531  -5.666  -2.332  1.00 66.86  ? 84  ARG A CD  1 
ATOM   500  N  NE  . ARG A 1 64  ? 11.625  -4.692  -2.211  1.00 68.43  ? 84  ARG A NE  1 
ATOM   501  C  CZ  . ARG A 1 64  ? 11.812  -3.628  -3.005  1.00 65.73  ? 84  ARG A CZ  1 
ATOM   502  N  NH1 . ARG A 1 64  ? 10.995  -3.359  -4.012  1.00 62.89  ? 84  ARG A NH1 1 
ATOM   503  N  NH2 . ARG A 1 64  ? 12.844  -2.818  -2.801  1.00 65.98  ? 84  ARG A NH2 1 
ATOM   504  N  N   . ASP A 1 65  ? 9.082   -8.171  -6.170  1.00 67.12  ? 85  ASP A N   1 
ATOM   505  C  CA  . ASP A 1 65  ? 7.714   -8.459  -6.567  1.00 64.82  ? 85  ASP A CA  1 
ATOM   506  C  C   . ASP A 1 65  ? 7.478   -9.972  -6.732  1.00 66.15  ? 85  ASP A C   1 
ATOM   507  O  O   . ASP A 1 65  ? 6.498   -10.506 -6.210  1.00 70.28  ? 85  ASP A O   1 
ATOM   508  C  CB  . ASP A 1 65  ? 7.359   -7.633  -7.807  1.00 63.84  ? 85  ASP A CB  1 
ATOM   509  C  CG  . ASP A 1 65  ? 7.673   -6.127  -7.619  1.00 65.93  ? 85  ASP A CG  1 
ATOM   510  O  OD1 . ASP A 1 65  ? 7.516   -5.626  -6.485  1.00 65.47  ? 85  ASP A OD1 1 
ATOM   511  O  OD2 . ASP A 1 65  ? 8.078   -5.440  -8.592  1.00 66.86  ? 85  ASP A OD2 1 
ATOM   512  N  N   . ASN A 1 66  ? 8.415   -10.657 -7.387  1.00 64.46  ? 86  ASN A N   1 
ATOM   513  C  CA  . ASN A 1 66  ? 8.406   -12.118 -7.466  1.00 61.97  ? 86  ASN A CA  1 
ATOM   514  C  C   . ASN A 1 66  ? 8.438   -12.743 -6.101  1.00 58.25  ? 86  ASN A C   1 
ATOM   515  O  O   . ASN A 1 66  ? 7.665   -13.645 -5.811  1.00 57.44  ? 86  ASN A O   1 
ATOM   516  C  CB  . ASN A 1 66  ? 9.601   -12.638 -8.253  1.00 67.53  ? 86  ASN A CB  1 
ATOM   517  C  CG  . ASN A 1 66  ? 9.597   -12.182 -9.697  1.00 76.14  ? 86  ASN A CG  1 
ATOM   518  O  OD1 . ASN A 1 66  ? 8.541   -12.013 -10.318 1.00 78.84  ? 86  ASN A OD1 1 
ATOM   519  N  ND2 . ASN A 1 66  ? 10.789  -11.994 -10.250 1.00 81.25  ? 86  ASN A ND2 1 
ATOM   520  N  N   . HIS A 1 67  ? 9.335   -12.258 -5.257  1.00 60.58  ? 87  HIS A N   1 
ATOM   521  C  CA  . HIS A 1 67  ? 9.502   -12.863 -3.952  1.00 66.63  ? 87  HIS A CA  1 
ATOM   522  C  C   . HIS A 1 67  ? 8.233   -12.629 -3.106  1.00 61.54  ? 87  HIS A C   1 
ATOM   523  O  O   . HIS A 1 67  ? 7.908   -13.440 -2.223  1.00 57.38  ? 87  HIS A O   1 
ATOM   524  C  CB  . HIS A 1 67  ? 10.840  -12.437 -3.265  1.00 76.27  ? 87  HIS A CB  1 
ATOM   525  C  CG  . HIS A 1 67  ? 11.116  -13.160 -1.970  1.00 89.76  ? 87  HIS A CG  1 
ATOM   526  N  ND1 . HIS A 1 67  ? 11.451  -12.502 -0.795  1.00 91.71  ? 87  HIS A ND1 1 
ATOM   527  C  CD2 . HIS A 1 67  ? 11.063  -14.479 -1.651  1.00 96.14  ? 87  HIS A CD2 1 
ATOM   528  C  CE1 . HIS A 1 67  ? 11.594  -13.382 0.186   1.00 90.03  ? 87  HIS A CE1 1 
ATOM   529  N  NE2 . HIS A 1 67  ? 11.361  -14.589 -0.307  1.00 96.49  ? 87  HIS A NE2 1 
ATOM   530  N  N   . LEU A 1 68  ? 7.488   -11.563 -3.431  1.00 58.97  ? 88  LEU A N   1 
ATOM   531  C  CA  . LEU A 1 68  ? 6.294   -11.188 -2.655  1.00 54.87  ? 88  LEU A CA  1 
ATOM   532  C  C   . LEU A 1 68  ? 5.158   -12.200 -2.787  1.00 56.41  ? 88  LEU A C   1 
ATOM   533  O  O   . LEU A 1 68  ? 4.388   -12.402 -1.851  1.00 56.35  ? 88  LEU A O   1 
ATOM   534  C  CB  . LEU A 1 68  ? 5.834   -9.760  -2.969  1.00 47.94  ? 88  LEU A CB  1 
ATOM   535  C  CG  . LEU A 1 68  ? 6.641   -8.700  -2.199  1.00 44.69  ? 88  LEU A CG  1 
ATOM   536  C  CD1 . LEU A 1 68  ? 6.500   -7.315  -2.795  1.00 44.06  ? 88  LEU A CD1 1 
ATOM   537  C  CD2 . LEU A 1 68  ? 6.338   -8.648  -0.715  1.00 42.85  ? 88  LEU A CD2 1 
ATOM   538  N  N   . GLN A 1 69  ? 5.112   -12.862 -3.937  1.00 55.05  ? 89  GLN A N   1 
ATOM   539  C  CA  . GLN A 1 69  ? 4.148   -13.911 -4.234  1.00 51.78  ? 89  GLN A CA  1 
ATOM   540  C  C   . GLN A 1 69  ? 4.374   -15.207 -3.459  1.00 52.93  ? 89  GLN A C   1 
ATOM   541  O  O   . GLN A 1 69  ? 3.453   -16.012 -3.351  1.00 52.90  ? 89  GLN A O   1 
ATOM   542  C  CB  . GLN A 1 69  ? 4.200   -14.206 -5.716  1.00 50.37  ? 89  GLN A CB  1 
ATOM   543  C  CG  . GLN A 1 69  ? 4.417   -12.970 -6.573  1.00 55.09  ? 89  GLN A CG  1 
ATOM   544  C  CD  . GLN A 1 69  ? 3.156   -12.182 -6.781  1.00 58.31  ? 89  GLN A CD  1 
ATOM   545  O  OE1 . GLN A 1 69  ? 2.138   -12.736 -7.170  1.00 67.09  ? 89  GLN A OE1 1 
ATOM   546  N  NE2 . GLN A 1 69  ? 3.213   -10.887 -6.532  1.00 60.60  ? 89  GLN A NE2 1 
ATOM   547  N  N   . GLN A 1 70  ? 5.587   -15.391 -2.922  1.00 60.66  ? 90  GLN A N   1 
ATOM   548  C  CA  . GLN A 1 70  ? 6.040   -16.657 -2.285  1.00 66.41  ? 90  GLN A CA  1 
ATOM   549  C  C   . GLN A 1 70  ? 5.363   -16.988 -0.962  1.00 61.64  ? 90  GLN A C   1 
ATOM   550  O  O   . GLN A 1 70  ? 4.780   -16.125 -0.337  1.00 56.61  ? 90  GLN A O   1 
ATOM   551  C  CB  . GLN A 1 70  ? 7.590   -16.706 -2.111  1.00 80.00  ? 90  GLN A CB  1 
ATOM   552  C  CG  . GLN A 1 70  ? 8.439   -16.676 -3.392  1.00 86.47  ? 90  GLN A CG  1 
ATOM   553  C  CD  . GLN A 1 70  ? 7.722   -17.234 -4.631  1.00 96.30  ? 90  GLN A CD  1 
ATOM   554  O  OE1 . GLN A 1 70  ? 7.324   -18.411 -4.671  1.00 97.93  ? 90  GLN A OE1 1 
ATOM   555  N  NE2 . GLN A 1 70  ? 7.550   -16.381 -5.654  1.00 96.30  ? 90  GLN A NE2 1 
ATOM   556  N  N   . ASP A 1 71  ? 5.486   -18.245 -0.531  1.00 68.47  ? 91  ASP A N   1 
ATOM   557  C  CA  . ASP A 1 71  ? 4.798   -18.768 0.669   1.00 75.32  ? 91  ASP A CA  1 
ATOM   558  C  C   . ASP A 1 71  ? 5.026   -17.987 1.946   1.00 73.20  ? 91  ASP A C   1 
ATOM   559  O  O   . ASP A 1 71  ? 4.253   -18.125 2.889   1.00 81.87  ? 91  ASP A O   1 
ATOM   560  C  CB  . ASP A 1 71  ? 5.155   -20.239 0.938   1.00 83.54  ? 91  ASP A CB  1 
ATOM   561  C  CG  . ASP A 1 71  ? 4.569   -21.188 -0.087  1.00 100.42 ? 91  ASP A CG  1 
ATOM   562  O  OD1 . ASP A 1 71  ? 3.451   -20.951 -0.599  1.00 114.62 ? 91  ASP A OD1 1 
ATOM   563  O  OD2 . ASP A 1 71  ? 5.236   -22.196 -0.383  1.00 113.57 ? 91  ASP A OD2 1 
ATOM   564  N  N   . ASP A 1 72  ? 6.084   -17.185 1.980   1.00 71.87  ? 92  ASP A N   1 
ATOM   565  C  CA  . ASP A 1 72  ? 6.473   -16.467 3.195   1.00 72.49  ? 92  ASP A CA  1 
ATOM   566  C  C   . ASP A 1 72  ? 6.048   -14.979 3.160   1.00 68.54  ? 92  ASP A C   1 
ATOM   567  O  O   . ASP A 1 72  ? 6.306   -14.219 4.113   1.00 62.74  ? 92  ASP A O   1 
ATOM   568  C  CB  . ASP A 1 72  ? 7.970   -16.707 3.530   1.00 74.17  ? 92  ASP A CB  1 
ATOM   569  C  CG  . ASP A 1 72  ? 8.927   -16.409 2.345   1.00 81.98  ? 92  ASP A CG  1 
ATOM   570  O  OD1 . ASP A 1 72  ? 8.523   -16.391 1.144   1.00 85.08  ? 92  ASP A OD1 1 
ATOM   571  O  OD2 . ASP A 1 72  ? 10.122  -16.194 2.637   1.00 79.92  ? 92  ASP A OD2 1 
ATOM   572  N  N   . PHE A 1 73  ? 5.388   -14.608 2.047   1.00 65.66  ? 93  PHE A N   1 
ATOM   573  C  CA  . PHE A 1 73  ? 4.656   -13.330 1.868   1.00 59.84  ? 93  PHE A CA  1 
ATOM   574  C  C   . PHE A 1 73  ? 3.193   -13.504 1.455   1.00 52.98  ? 93  PHE A C   1 
ATOM   575  O  O   . PHE A 1 73  ? 2.414   -13.994 2.266   1.00 50.34  ? 93  PHE A O   1 
ATOM   576  C  CB  . PHE A 1 73  ? 5.407   -12.373 0.948   1.00 61.88  ? 93  PHE A CB  1 
ATOM   577  C  CG  . PHE A 1 73  ? 6.610   -11.798 1.590   1.00 70.11  ? 93  PHE A CG  1 
ATOM   578  C  CD1 . PHE A 1 73  ? 6.503   -10.654 2.377   1.00 71.13  ? 93  PHE A CD1 1 
ATOM   579  C  CD2 . PHE A 1 73  ? 7.849   -12.435 1.475   1.00 73.41  ? 93  PHE A CD2 1 
ATOM   580  C  CE1 . PHE A 1 73  ? 7.620   -10.136 3.019   1.00 75.37  ? 93  PHE A CE1 1 
ATOM   581  C  CE2 . PHE A 1 73  ? 8.974   -11.922 2.108   1.00 73.98  ? 93  PHE A CE2 1 
ATOM   582  C  CZ  . PHE A 1 73  ? 8.857   -10.768 2.881   1.00 77.21  ? 93  PHE A CZ  1 
ATOM   583  N  N   . PHE A 1 74  ? 2.821   -13.128 0.230   1.00 49.53  ? 94  PHE A N   1 
ATOM   584  C  CA  . PHE A 1 74  ? 1.409   -13.140 -0.187  1.00 53.02  ? 94  PHE A CA  1 
ATOM   585  C  C   . PHE A 1 74  ? 0.749   -14.501 -0.424  1.00 57.32  ? 94  PHE A C   1 
ATOM   586  O  O   . PHE A 1 74  ? -0.490  -14.605 -0.411  1.00 65.15  ? 94  PHE A O   1 
ATOM   587  C  CB  . PHE A 1 74  ? 1.177   -12.241 -1.394  1.00 52.31  ? 94  PHE A CB  1 
ATOM   588  C  CG  . PHE A 1 74  ? 1.092   -10.787 -1.051  1.00 57.68  ? 94  PHE A CG  1 
ATOM   589  C  CD1 . PHE A 1 74  ? 0.091   -10.305 -0.187  1.00 59.56  ? 94  PHE A CD1 1 
ATOM   590  C  CD2 . PHE A 1 74  ? 1.998   -9.876  -1.601  1.00 59.04  ? 94  PHE A CD2 1 
ATOM   591  C  CE1 . PHE A 1 74  ? 0.007   -8.943  0.131   1.00 61.23  ? 94  PHE A CE1 1 
ATOM   592  C  CE2 . PHE A 1 74  ? 1.917   -8.515  -1.287  1.00 61.04  ? 94  PHE A CE2 1 
ATOM   593  C  CZ  . PHE A 1 74  ? 0.918   -8.046  -0.424  1.00 61.32  ? 94  PHE A CZ  1 
ATOM   594  N  N   . LYS A 1 75  ? 1.578   -15.523 -0.639  1.00 56.52  ? 95  LYS A N   1 
ATOM   595  C  CA  . LYS A 1 75  ? 1.145   -16.871 -0.987  1.00 52.73  ? 95  LYS A CA  1 
ATOM   596  C  C   . LYS A 1 75  ? 0.163   -16.834 -2.179  1.00 47.97  ? 95  LYS A C   1 
ATOM   597  O  O   . LYS A 1 75  ? -0.900  -17.461 -2.158  1.00 46.48  ? 95  LYS A O   1 
ATOM   598  C  CB  . LYS A 1 75  ? 0.623   -17.622 0.263   1.00 58.31  ? 95  LYS A CB  1 
ATOM   599  C  CG  . LYS A 1 75  ? 0.716   -19.145 0.096   1.00 71.73  ? 95  LYS A CG  1 
ATOM   600  C  CD  . LYS A 1 75  ? 0.577   -19.970 1.376   1.00 71.92  ? 95  LYS A CD  1 
ATOM   601  C  CE  . LYS A 1 75  ? 0.698   -21.445 1.015   1.00 65.46  ? 95  LYS A CE  1 
ATOM   602  N  NZ  . LYS A 1 75  ? 0.523   -22.323 2.193   1.00 72.83  ? 95  LYS A NZ  1 
ATOM   603  N  N   . ALA A 1 76  ? 0.546   -16.080 -3.213  1.00 44.69  ? 96  ALA A N   1 
ATOM   604  C  CA  . ALA A 1 76  ? -0.349  -15.727 -4.338  1.00 47.07  ? 96  ALA A CA  1 
ATOM   605  C  C   . ALA A 1 76  ? -1.042  -16.891 -5.031  1.00 50.06  ? 96  ALA A C   1 
ATOM   606  O  O   . ALA A 1 76  ? -2.154  -16.713 -5.521  1.00 51.14  ? 96  ALA A O   1 
ATOM   607  C  CB  . ALA A 1 76  ? 0.380   -14.888 -5.374  1.00 45.00  ? 96  ALA A CB  1 
ATOM   608  N  N   . LYS A 1 77  ? -0.368  -18.053 -5.096  1.00 53.98  ? 97  LYS A N   1 
ATOM   609  C  CA  . LYS A 1 77  ? -0.919  -19.262 -5.721  1.00 48.78  ? 97  LYS A CA  1 
ATOM   610  C  C   . LYS A 1 77  ? -2.233  -19.607 -4.990  1.00 48.16  ? 97  LYS A C   1 
ATOM   611  O  O   . LYS A 1 77  ? -3.278  -19.683 -5.627  1.00 47.92  ? 97  LYS A O   1 
ATOM   612  C  CB  . LYS A 1 77  ? 0.105   -20.413 -5.755  1.00 44.17  ? 97  LYS A CB  1 
ATOM   613  N  N   . LYS A 1 78  ? -2.193  -19.699 -3.656  1.00 45.87  ? 98  LYS A N   1 
ATOM   614  C  CA  . LYS A 1 78  ? -3.393  -19.989 -2.837  1.00 42.54  ? 98  LYS A CA  1 
ATOM   615  C  C   . LYS A 1 78  ? -4.360  -18.797 -2.682  1.00 46.10  ? 98  LYS A C   1 
ATOM   616  O  O   . LYS A 1 78  ? -5.565  -19.002 -2.706  1.00 51.44  ? 98  LYS A O   1 
ATOM   617  C  CB  . LYS A 1 78  ? -2.979  -20.564 -1.471  1.00 39.33  ? 98  LYS A CB  1 
ATOM   618  C  CG  . LYS A 1 78  ? -4.075  -21.219 -0.637  1.00 37.77  ? 98  LYS A CG  1 
ATOM   619  C  CD  . LYS A 1 78  ? -3.524  -21.976 0.580   1.00 39.30  ? 98  LYS A CD  1 
ATOM   620  C  CE  . LYS A 1 78  ? -4.623  -22.632 1.437   1.00 43.26  ? 98  LYS A CE  1 
ATOM   621  N  NZ  . LYS A 1 78  ? -4.265  -23.735 2.410   1.00 41.93  ? 98  LYS A NZ  1 
ATOM   622  N  N   . TYR A 1 79  ? -3.846  -17.569 -2.529  1.00 48.69  ? 99  TYR A N   1 
ATOM   623  C  CA  . TYR A 1 79  ? -4.683  -16.370 -2.268  1.00 46.66  ? 99  TYR A CA  1 
ATOM   624  C  C   . TYR A 1 79  ? -4.333  -15.283 -3.270  1.00 49.76  ? 99  TYR A C   1 
ATOM   625  O  O   . TYR A 1 79  ? -3.514  -14.394 -2.997  1.00 52.22  ? 99  TYR A O   1 
ATOM   626  C  CB  . TYR A 1 79  ? -4.518  -15.852 -0.833  1.00 42.82  ? 99  TYR A CB  1 
ATOM   627  C  CG  . TYR A 1 79  ? -4.644  -16.906 0.236   1.00 42.94  ? 99  TYR A CG  1 
ATOM   628  C  CD1 . TYR A 1 79  ? -5.895  -17.285 0.759   1.00 45.33  ? 99  TYR A CD1 1 
ATOM   629  C  CD2 . TYR A 1 79  ? -3.518  -17.535 0.734   1.00 44.87  ? 99  TYR A CD2 1 
ATOM   630  C  CE1 . TYR A 1 79  ? -6.013  -18.261 1.760   1.00 45.50  ? 99  TYR A CE1 1 
ATOM   631  C  CE2 . TYR A 1 79  ? -3.621  -18.511 1.733   1.00 50.37  ? 99  TYR A CE2 1 
ATOM   632  C  CZ  . TYR A 1 79  ? -4.864  -18.876 2.242   1.00 48.79  ? 99  TYR A CZ  1 
ATOM   633  O  OH  . TYR A 1 79  ? -4.905  -19.858 3.219   1.00 51.88  ? 99  TYR A OH  1 
ATOM   634  N  N   . PRO A 1 80  ? -4.939  -15.354 -4.453  1.00 54.05  ? 100 PRO A N   1 
ATOM   635  C  CA  . PRO A 1 80  ? -4.496  -14.495 -5.565  1.00 54.74  ? 100 PRO A CA  1 
ATOM   636  C  C   . PRO A 1 80  ? -4.895  -13.039 -5.422  1.00 54.96  ? 100 PRO A C   1 
ATOM   637  O  O   . PRO A 1 80  ? -4.269  -12.166 -6.044  1.00 60.44  ? 100 PRO A O   1 
ATOM   638  C  CB  . PRO A 1 80  ? -5.164  -15.112 -6.806  1.00 52.52  ? 100 PRO A CB  1 
ATOM   639  C  CG  . PRO A 1 80  ? -6.284  -15.938 -6.285  1.00 54.94  ? 100 PRO A CG  1 
ATOM   640  C  CD  . PRO A 1 80  ? -6.061  -16.238 -4.821  1.00 54.70  ? 100 PRO A CD  1 
ATOM   641  N  N   . ASP A 1 81  ? -5.935  -12.772 -4.640  1.00 51.22  ? 101 ASP A N   1 
ATOM   642  C  CA  . ASP A 1 81  ? -6.372  -11.393 -4.497  1.00 53.38  ? 101 ASP A CA  1 
ATOM   643  C  C   . ASP A 1 81  ? -6.596  -10.916 -3.063  1.00 50.09  ? 101 ASP A C   1 
ATOM   644  O  O   . ASP A 1 81  ? -6.829  -11.714 -2.168  1.00 44.41  ? 101 ASP A O   1 
ATOM   645  C  CB  . ASP A 1 81  ? -7.518  -11.020 -5.470  1.00 56.68  ? 101 ASP A CB  1 
ATOM   646  C  CG  . ASP A 1 81  ? -8.552  -12.117 -5.650  1.00 58.79  ? 101 ASP A CG  1 
ATOM   647  O  OD1 . ASP A 1 81  ? -8.874  -12.834 -4.684  1.00 63.48  ? 101 ASP A OD1 1 
ATOM   648  O  OD2 . ASP A 1 81  ? -9.061  -12.243 -6.779  1.00 58.22  ? 101 ASP A OD2 1 
ATOM   649  N  N   . MET A 1 82  ? -6.432  -9.618  -2.839  1.00 49.16  ? 102 MET A N   1 
ATOM   650  C  CA  . MET A 1 82  ? -6.750  -9.054  -1.550  1.00 48.30  ? 102 MET A CA  1 
ATOM   651  C  C   . MET A 1 82  ? -7.887  -8.085  -1.769  1.00 47.61  ? 102 MET A C   1 
ATOM   652  O  O   . MET A 1 82  ? -8.031  -7.497  -2.863  1.00 46.84  ? 102 MET A O   1 
ATOM   653  C  CB  . MET A 1 82  ? -5.531  -8.437  -0.845  1.00 50.32  ? 102 MET A CB  1 
ATOM   654  C  CG  . MET A 1 82  ? -5.200  -6.997  -1.199  1.00 52.93  ? 102 MET A CG  1 
ATOM   655  S  SD  . MET A 1 82  ? -3.899  -6.285  -0.163  1.00 55.99  ? 102 MET A SD  1 
ATOM   656  C  CE  . MET A 1 82  ? -4.689  -6.328  1.417   1.00 55.44  ? 102 MET A CE  1 
ATOM   657  N  N   . THR A 1 83  ? -8.712  -7.969  -0.731  1.00 46.36  ? 103 THR A N   1 
ATOM   658  C  CA  . THR A 1 83  ? -9.986  -7.264  -0.818  1.00 46.04  ? 103 THR A CA  1 
ATOM   659  C  C   . THR A 1 83  ? -10.317 -6.366  0.365   1.00 47.38  ? 103 THR A C   1 
ATOM   660  O  O   . THR A 1 83  ? -10.008 -6.672  1.545   1.00 44.44  ? 103 THR A O   1 
ATOM   661  C  CB  . THR A 1 83  ? -11.180 -8.220  -0.965  1.00 44.64  ? 103 THR A CB  1 
ATOM   662  O  OG1 . THR A 1 83  ? -11.230 -9.101  0.171   1.00 43.11  ? 103 THR A OG1 1 
ATOM   663  C  CG2 . THR A 1 83  ? -11.098 -8.993  -2.271  1.00 42.65  ? 103 THR A CG2 1 
ATOM   664  N  N   . PHE A 1 84  ? -10.968 -5.261  0.000   1.00 47.29  ? 104 PHE A N   1 
ATOM   665  C  CA  . PHE A 1 84  ? -11.527 -4.322  0.930   1.00 44.97  ? 104 PHE A CA  1 
ATOM   666  C  C   . PHE A 1 84  ? -13.000 -4.133  0.650   1.00 45.13  ? 104 PHE A C   1 
ATOM   667  O  O   . PHE A 1 84  ? -13.394 -3.912  -0.502  1.00 50.41  ? 104 PHE A O   1 
ATOM   668  C  CB  . PHE A 1 84  ? -10.833 -2.965  0.843   1.00 42.49  ? 104 PHE A CB  1 
ATOM   669  C  CG  . PHE A 1 84  ? -11.370 -2.001  1.830   1.00 40.63  ? 104 PHE A CG  1 
ATOM   670  C  CD1 . PHE A 1 84  ? -11.130 -2.189  3.197   1.00 39.82  ? 104 PHE A CD1 1 
ATOM   671  C  CD2 . PHE A 1 84  ? -12.205 -0.971  1.426   1.00 39.01  ? 104 PHE A CD2 1 
ATOM   672  C  CE1 . PHE A 1 84  ? -11.663 -1.326  4.139   1.00 37.36  ? 104 PHE A CE1 1 
ATOM   673  C  CE2 . PHE A 1 84  ? -12.741 -0.102  2.367   1.00 37.76  ? 104 PHE A CE2 1 
ATOM   674  C  CZ  . PHE A 1 84  ? -12.465 -0.278  3.721   1.00 37.65  ? 104 PHE A CZ  1 
ATOM   675  N  N   . THR A 1 85  ? -13.781 -4.178  1.726   1.00 42.92  ? 105 THR A N   1 
ATOM   676  C  CA  . THR A 1 85  ? -15.230 -3.992  1.714   1.00 43.85  ? 105 THR A CA  1 
ATOM   677  C  C   . THR A 1 85  ? -15.608 -2.934  2.730   1.00 44.82  ? 105 THR A C   1 
ATOM   678  O  O   . THR A 1 85  ? -15.507 -3.197  3.938   1.00 48.22  ? 105 THR A O   1 
ATOM   679  C  CB  . THR A 1 85  ? -15.929 -5.278  2.169   1.00 45.01  ? 105 THR A CB  1 
ATOM   680  O  OG1 . THR A 1 85  ? -15.517 -6.343  1.330   1.00 52.32  ? 105 THR A OG1 1 
ATOM   681  C  CG2 . THR A 1 85  ? -17.441 -5.168  2.095   1.00 47.92  ? 105 THR A CG2 1 
ATOM   682  N  N   . MET A 1 86  ? -16.075 -1.767  2.269   1.00 43.28  ? 106 MET A N   1 
ATOM   683  C  CA  . MET A 1 86  ? -16.529 -0.742  3.199   1.00 42.96  ? 106 MET A CA  1 
ATOM   684  C  C   . MET A 1 86  ? -17.720 -1.254  3.978   1.00 42.99  ? 106 MET A C   1 
ATOM   685  O  O   . MET A 1 86  ? -18.593 -1.875  3.403   1.00 44.90  ? 106 MET A O   1 
ATOM   686  C  CB  . MET A 1 86  ? -16.906 0.535   2.489   1.00 42.87  ? 106 MET A CB  1 
ATOM   687  C  CG  . MET A 1 86  ? -17.143 1.653   3.492   1.00 42.70  ? 106 MET A CG  1 
ATOM   688  S  SD  . MET A 1 86  ? -17.944 3.069   2.758   1.00 42.97  ? 106 MET A SD  1 
ATOM   689  C  CE  . MET A 1 86  ? -19.623 2.461   2.789   1.00 39.13  ? 106 MET A CE  1 
ATOM   690  N  N   . LYS A 1 87  ? -17.738 -1.027  5.284   1.00 44.74  ? 107 LYS A N   1 
ATOM   691  C  CA  . LYS A 1 87  ? -18.875 -1.445  6.082   1.00 48.21  ? 107 LYS A CA  1 
ATOM   692  C  C   . LYS A 1 87  ? -19.734 -0.296  6.629   1.00 51.22  ? 107 LYS A C   1 
ATOM   693  O  O   . LYS A 1 87  ? -20.881 -0.529  7.016   1.00 55.00  ? 107 LYS A O   1 
ATOM   694  C  CB  . LYS A 1 87  ? -18.453 -2.445  7.150   1.00 49.58  ? 107 LYS A CB  1 
ATOM   695  C  CG  . LYS A 1 87  ? -18.565 -3.876  6.630   1.00 58.61  ? 107 LYS A CG  1 
ATOM   696  C  CD  . LYS A 1 87  ? -18.104 -4.915  7.647   1.00 69.16  ? 107 LYS A CD  1 
ATOM   697  C  CE  . LYS A 1 87  ? -19.139 -5.219  8.729   1.00 72.37  ? 107 LYS A CE  1 
ATOM   698  N  NZ  . LYS A 1 87  ? -18.549 -6.216  9.659   1.00 67.57  ? 107 LYS A NZ  1 
ATOM   699  N  N   . LYS A 1 88  ? -19.206 0.937   6.582   1.00 50.48  ? 108 LYS A N   1 
ATOM   700  C  CA  . LYS A 1 88  ? -19.738 2.110   7.297   1.00 44.73  ? 108 LYS A CA  1 
ATOM   701  C  C   . LYS A 1 88  ? -18.870 3.316   6.911   1.00 44.30  ? 108 LYS A C   1 
ATOM   702  O  O   . LYS A 1 88  ? -17.637 3.212   6.917   1.00 44.75  ? 108 LYS A O   1 
ATOM   703  C  CB  . LYS A 1 88  ? -19.652 1.817   8.801   1.00 46.25  ? 108 LYS A CB  1 
ATOM   704  C  CG  . LYS A 1 88  ? -19.851 2.948   9.794   1.00 49.84  ? 108 LYS A CG  1 
ATOM   705  C  CD  . LYS A 1 88  ? -19.107 2.607   11.085  1.00 51.38  ? 108 LYS A CD  1 
ATOM   706  C  CE  . LYS A 1 88  ? -19.944 2.886   12.323  1.00 51.42  ? 108 LYS A CE  1 
ATOM   707  N  NZ  . LYS A 1 88  ? -19.523 1.941   13.399  1.00 52.29  ? 108 LYS A NZ  1 
ATOM   708  N  N   . TYR A 1 89  ? -19.493 4.441   6.547   1.00 42.95  ? 109 TYR A N   1 
ATOM   709  C  CA  . TYR A 1 89  ? -18.742 5.697   6.361   1.00 43.22  ? 109 TYR A CA  1 
ATOM   710  C  C   . TYR A 1 89  ? -19.303 6.736   7.304   1.00 43.41  ? 109 TYR A C   1 
ATOM   711  O  O   . TYR A 1 89  ? -20.451 7.103   7.196   1.00 48.96  ? 109 TYR A O   1 
ATOM   712  C  CB  . TYR A 1 89  ? -18.745 6.192   4.902   1.00 41.09  ? 109 TYR A CB  1 
ATOM   713  C  CG  . TYR A 1 89  ? -18.045 7.543   4.665   1.00 43.29  ? 109 TYR A CG  1 
ATOM   714  C  CD1 . TYR A 1 89  ? -16.652 7.634   4.503   1.00 43.70  ? 109 TYR A CD1 1 
ATOM   715  C  CD2 . TYR A 1 89  ? -18.781 8.731   4.584   1.00 43.40  ? 109 TYR A CD2 1 
ATOM   716  C  CE1 . TYR A 1 89  ? -16.018 8.867   4.268   1.00 42.19  ? 109 TYR A CE1 1 
ATOM   717  C  CE2 . TYR A 1 89  ? -18.153 9.958   4.357   1.00 44.74  ? 109 TYR A CE2 1 
ATOM   718  C  CZ  . TYR A 1 89  ? -16.768 10.029  4.195   1.00 43.25  ? 109 TYR A CZ  1 
ATOM   719  O  OH  . TYR A 1 89  ? -16.168 11.267  3.973   1.00 42.47  ? 109 TYR A OH  1 
ATOM   720  N  N   . GLU A 1 90  ? -18.494 7.194   8.248   1.00 43.68  ? 110 GLU A N   1 
ATOM   721  C  CA  . GLU A 1 90  ? -18.936 8.200   9.213   1.00 42.89  ? 110 GLU A CA  1 
ATOM   722  C  C   . GLU A 1 90  ? -18.419 9.575   8.734   1.00 42.53  ? 110 GLU A C   1 
ATOM   723  O  O   . GLU A 1 90  ? -17.221 9.839   8.855   1.00 44.00  ? 110 GLU A O   1 
ATOM   724  C  CB  . GLU A 1 90  ? -18.429 7.839   10.635  1.00 44.45  ? 110 GLU A CB  1 
ATOM   725  C  CG  . GLU A 1 90  ? -18.901 6.500   11.226  1.00 44.52  ? 110 GLU A CG  1 
ATOM   726  C  CD  . GLU A 1 90  ? -18.235 6.151   12.556  1.00 50.60  ? 110 GLU A CD  1 
ATOM   727  O  OE1 . GLU A 1 90  ? -18.931 6.152   13.587  1.00 57.21  ? 110 GLU A OE1 1 
ATOM   728  O  OE2 . GLU A 1 90  ? -17.014 5.867   12.605  1.00 52.43  ? 110 GLU A OE2 1 
ATOM   729  N  N   . LYS A 1 91  ? -19.287 10.431  8.164   1.00 40.43  ? 111 LYS A N   1 
ATOM   730  C  CA  . LYS A 1 91  ? -18.831 11.719  7.574   1.00 38.32  ? 111 LYS A CA  1 
ATOM   731  C  C   . LYS A 1 91  ? -18.372 12.714  8.640   1.00 38.00  ? 111 LYS A C   1 
ATOM   732  O  O   . LYS A 1 91  ? -19.066 12.877  9.629   1.00 38.62  ? 111 LYS A O   1 
ATOM   733  C  CB  . LYS A 1 91  ? -19.953 12.367  6.773   1.00 39.18  ? 111 LYS A CB  1 
ATOM   734  C  CG  . LYS A 1 91  ? -19.490 13.529  5.889   1.00 41.04  ? 111 LYS A CG  1 
ATOM   735  C  CD  . LYS A 1 91  ? -20.321 14.807  6.088   1.00 40.49  ? 111 LYS A CD  1 
ATOM   736  C  CE  . LYS A 1 91  ? -21.659 14.877  5.329   1.00 38.77  ? 111 LYS A CE  1 
ATOM   737  N  NZ  . LYS A 1 91  ? -22.044 16.271  4.911   1.00 35.81  ? 111 LYS A NZ  1 
ATOM   738  N  N   . ILE A 1 92  ? -17.233 13.387  8.469   1.00 37.40  ? 112 ILE A N   1 
ATOM   739  C  CA  . ILE A 1 92  ? -16.883 14.444  9.446   1.00 37.37  ? 112 ILE A CA  1 
ATOM   740  C  C   . ILE A 1 92  ? -17.426 15.768  8.918   1.00 39.04  ? 112 ILE A C   1 
ATOM   741  O  O   . ILE A 1 92  ? -18.193 16.436  9.592   1.00 40.57  ? 112 ILE A O   1 
ATOM   742  C  CB  . ILE A 1 92  ? -15.378 14.484  9.831   1.00 36.74  ? 112 ILE A CB  1 
ATOM   743  C  CG1 . ILE A 1 92  ? -15.038 13.260  10.688  1.00 37.20  ? 112 ILE A CG1 1 
ATOM   744  C  CG2 . ILE A 1 92  ? -15.030 15.724  10.646  1.00 32.60  ? 112 ILE A CG2 1 
ATOM   745  C  CD1 . ILE A 1 92  ? -13.612 12.746  10.544  1.00 40.31  ? 112 ILE A CD1 1 
ATOM   746  N  N   . ASP A 1 93  ? -17.017 16.126  7.710   1.00 39.09  ? 113 ASP A N   1 
ATOM   747  C  CA  . ASP A 1 93  ? -17.561 17.241  6.967   1.00 37.14  ? 113 ASP A CA  1 
ATOM   748  C  C   . ASP A 1 93  ? -17.397 16.846  5.490   1.00 38.33  ? 113 ASP A C   1 
ATOM   749  O  O   . ASP A 1 93  ? -17.198 15.647  5.162   1.00 41.01  ? 113 ASP A O   1 
ATOM   750  C  CB  . ASP A 1 93  ? -16.851 18.554  7.340   1.00 35.92  ? 113 ASP A CB  1 
ATOM   751  C  CG  . ASP A 1 93  ? -15.346 18.536  7.043   1.00 38.38  ? 113 ASP A CG  1 
ATOM   752  O  OD1 . ASP A 1 93  ? -14.896 17.834  6.105   1.00 37.94  ? 113 ASP A OD1 1 
ATOM   753  O  OD2 . ASP A 1 93  ? -14.596 19.257  7.733   1.00 40.13  ? 113 ASP A OD2 1 
ATOM   754  N  N   . ASN A 1 94  ? -17.456 17.832  4.603   1.00 38.70  ? 114 ASN A N   1 
ATOM   755  C  CA  . ASN A 1 94  ? -17.478 17.559  3.176   1.00 40.44  ? 114 ASN A CA  1 
ATOM   756  C  C   . ASN A 1 94  ? -16.104 17.208  2.651   1.00 44.14  ? 114 ASN A C   1 
ATOM   757  O  O   . ASN A 1 94  ? -15.996 16.822  1.482   1.00 47.08  ? 114 ASN A O   1 
ATOM   758  C  CB  . ASN A 1 94  ? -17.981 18.761  2.381   1.00 42.68  ? 114 ASN A CB  1 
ATOM   759  C  CG  . ASN A 1 94  ? -19.468 19.049  2.557   1.00 44.71  ? 114 ASN A CG  1 
ATOM   760  O  OD1 . ASN A 1 94  ? -20.266 18.217  3.023   1.00 46.34  ? 114 ASN A OD1 1 
ATOM   761  N  ND2 . ASN A 1 94  ? -19.849 20.263  2.163   1.00 44.77  ? 114 ASN A ND2 1 
ATOM   762  N  N   . GLU A 1 95  ? -15.057 17.360  3.480   1.00 46.01  ? 115 GLU A N   1 
ATOM   763  C  CA  . GLU A 1 95  ? -13.671 17.035  3.071   1.00 46.20  ? 115 GLU A CA  1 
ATOM   764  C  C   . GLU A 1 95  ? -13.127 15.770  3.680   1.00 45.64  ? 115 GLU A C   1 
ATOM   765  O  O   . GLU A 1 95  ? -12.246 15.135  3.097   1.00 44.97  ? 115 GLU A O   1 
ATOM   766  C  CB  . GLU A 1 95  ? -12.714 18.157  3.411   1.00 48.29  ? 115 GLU A CB  1 
ATOM   767  C  CG  . GLU A 1 95  ? -12.997 19.417  2.631   1.00 58.46  ? 115 GLU A CG  1 
ATOM   768  C  CD  . GLU A 1 95  ? -12.289 20.634  3.187   1.00 65.07  ? 115 GLU A CD  1 
ATOM   769  O  OE1 . GLU A 1 95  ? -12.102 20.711  4.430   1.00 74.22  ? 115 GLU A OE1 1 
ATOM   770  O  OE2 . GLU A 1 95  ? -11.943 21.522  2.373   1.00 62.96  ? 115 GLU A OE2 1 
ATOM   771  N  N   . LYS A 1 96  ? -13.644 15.430  4.860   1.00 44.46  ? 116 LYS A N   1 
ATOM   772  C  CA  . LYS A 1 96  ? -13.076 14.391  5.699   1.00 42.92  ? 116 LYS A CA  1 
ATOM   773  C  C   . LYS A 1 96  ? -14.166 13.471  6.199   1.00 39.97  ? 116 LYS A C   1 
ATOM   774  O  O   . LYS A 1 96  ? -15.307 13.871  6.434   1.00 40.96  ? 116 LYS A O   1 
ATOM   775  C  CB  . LYS A 1 96  ? -12.260 14.990  6.877   1.00 48.55  ? 116 LYS A CB  1 
ATOM   776  C  CG  . LYS A 1 96  ? -11.286 16.136  6.511   1.00 57.70  ? 116 LYS A CG  1 
ATOM   777  C  CD  . LYS A 1 96  ? -10.089 16.365  7.449   1.00 63.09  ? 116 LYS A CD  1 
ATOM   778  C  CE  . LYS A 1 96  ? -10.039 17.789  8.049   1.00 67.96  ? 116 LYS A CE  1 
ATOM   779  N  NZ  . LYS A 1 96  ? -11.169 18.101  9.008   1.00 64.16  ? 116 LYS A NZ  1 
ATOM   780  N  N   . GLY A 1 97  ? -13.810 12.212  6.329   1.00 38.17  ? 117 GLY A N   1 
ATOM   781  C  CA  . GLY A 1 97  ? -14.669 11.241  6.985   1.00 38.24  ? 117 GLY A CA  1 
ATOM   782  C  C   . GLY A 1 97  ? -13.849 10.047  7.408   1.00 38.08  ? 117 GLY A C   1 
ATOM   783  O  O   . GLY A 1 97  ? -12.741 9.844   6.900   1.00 42.33  ? 117 GLY A O   1 
ATOM   784  N  N   . LYS A 1 98  ? -14.391 9.269   8.339   1.00 36.17  ? 118 LYS A N   1 
ATOM   785  C  CA  . LYS A 1 98  ? -13.802 8.020   8.808   1.00 35.51  ? 118 LYS A CA  1 
ATOM   786  C  C   . LYS A 1 98  ? -14.499 6.822   8.104   1.00 34.35  ? 118 LYS A C   1 
ATOM   787  O  O   . LYS A 1 98  ? -15.704 6.641   8.219   1.00 33.89  ? 118 LYS A O   1 
ATOM   788  C  CB  . LYS A 1 98  ? -13.953 7.995   10.326  1.00 36.67  ? 118 LYS A CB  1 
ATOM   789  C  CG  . LYS A 1 98  ? -13.418 6.792   11.082  1.00 42.66  ? 118 LYS A CG  1 
ATOM   790  C  CD  . LYS A 1 98  ? -13.927 6.837   12.538  1.00 47.67  ? 118 LYS A CD  1 
ATOM   791  C  CE  . LYS A 1 98  ? -13.127 6.013   13.556  1.00 45.29  ? 118 LYS A CE  1 
ATOM   792  N  NZ  . LYS A 1 98  ? -14.071 5.273   14.438  1.00 41.13  ? 118 LYS A NZ  1 
ATOM   793  N  N   . MET A 1 99  ? -13.745 6.040   7.334   1.00 33.92  ? 119 MET A N   1 
ATOM   794  C  CA  . MET A 1 99  ? -14.285 4.847   6.679   1.00 33.30  ? 119 MET A CA  1 
ATOM   795  C  C   . MET A 1 99  ? -13.897 3.579   7.432   1.00 33.78  ? 119 MET A C   1 
ATOM   796  O  O   . MET A 1 99  ? -12.740 3.375   7.724   1.00 36.07  ? 119 MET A O   1 
ATOM   797  C  CB  . MET A 1 99  ? -13.781 4.763   5.260   1.00 31.35  ? 119 MET A CB  1 
ATOM   798  C  CG  . MET A 1 99  ? -14.502 3.726   4.438   1.00 32.32  ? 119 MET A CG  1 
ATOM   799  S  SD  . MET A 1 99  ? -14.165 3.776   2.658   1.00 36.47  ? 119 MET A SD  1 
ATOM   800  C  CE  . MET A 1 99  ? -14.737 5.385   2.117   1.00 35.11  ? 119 MET A CE  1 
ATOM   801  N  N   . THR A 1 100 ? -14.870 2.737   7.751   1.00 34.28  ? 120 THR A N   1 
ATOM   802  C  CA  . THR A 1 100 ? -14.610 1.441   8.370   1.00 36.01  ? 120 THR A CA  1 
ATOM   803  C  C   . THR A 1 100 ? -14.944 0.310   7.387   1.00 36.71  ? 120 THR A C   1 
ATOM   804  O  O   . THR A 1 100 ? -16.008 0.297   6.783   1.00 37.81  ? 120 THR A O   1 
ATOM   805  C  CB  . THR A 1 100 ? -15.407 1.285   9.687   1.00 37.46  ? 120 THR A CB  1 
ATOM   806  O  OG1 . THR A 1 100 ? -14.982 2.275   10.625  1.00 40.62  ? 120 THR A OG1 1 
ATOM   807  C  CG2 . THR A 1 100 ? -15.175 -0.050  10.326  1.00 37.61  ? 120 THR A CG2 1 
ATOM   808  N  N   . GLY A 1 101 ? -14.030 -0.639  7.228   1.00 38.02  ? 121 GLY A N   1 
ATOM   809  C  CA  . GLY A 1 101 ? -14.261 -1.794  6.355   1.00 37.40  ? 121 GLY A CA  1 
ATOM   810  C  C   . GLY A 1 101 ? -13.473 -3.047  6.676   1.00 37.45  ? 121 GLY A C   1 
ATOM   811  O  O   . GLY A 1 101 ? -12.664 -3.070  7.591   1.00 40.59  ? 121 GLY A O   1 
ATOM   812  N  N   . THR A 1 102 ? -13.723 -4.111  5.932   1.00 37.60  ? 122 THR A N   1 
ATOM   813  C  CA  . THR A 1 102 ? -13.019 -5.367  6.154   1.00 36.78  ? 122 THR A CA  1 
ATOM   814  C  C   . THR A 1 102 ? -11.934 -5.491  5.120   1.00 36.86  ? 122 THR A C   1 
ATOM   815  O  O   . THR A 1 102 ? -12.204 -5.455  3.921   1.00 38.46  ? 122 THR A O   1 
ATOM   816  C  CB  . THR A 1 102 ? -13.959 -6.577  6.069   1.00 36.15  ? 122 THR A CB  1 
ATOM   817  O  OG1 . THR A 1 102 ? -15.043 -6.389  6.986   1.00 37.78  ? 122 THR A OG1 1 
ATOM   818  C  CG2 . THR A 1 102 ? -13.226 -7.858  6.434   1.00 35.96  ? 122 THR A CG2 1 
ATOM   819  N  N   . LEU A 1 103 ? -10.699 -5.605  5.593   1.00 36.45  ? 123 LEU A N   1 
ATOM   820  C  CA  . LEU A 1 103 ? -9.599  -5.947  4.728   1.00 34.86  ? 123 LEU A CA  1 
ATOM   821  C  C   . LEU A 1 103 ? -9.292  -7.434  4.859   1.00 35.67  ? 123 LEU A C   1 
ATOM   822  O  O   . LEU A 1 103 ? -9.283  -7.994  5.974   1.00 33.31  ? 123 LEU A O   1 
ATOM   823  C  CB  . LEU A 1 103 ? -8.383  -5.119  5.079   1.00 34.27  ? 123 LEU A CB  1 
ATOM   824  C  CG  . LEU A 1 103 ? -7.264  -5.186  4.046   1.00 33.76  ? 123 LEU A CG  1 
ATOM   825  C  CD1 . LEU A 1 103 ? -7.659  -4.554  2.714   1.00 33.32  ? 123 LEU A CD1 1 
ATOM   826  C  CD2 . LEU A 1 103 ? -6.091  -4.454  4.652   1.00 34.46  ? 123 LEU A CD2 1 
ATOM   827  N  N   . THR A 1 104 ? -9.064  -8.075  3.717   1.00 35.58  ? 124 THR A N   1 
ATOM   828  C  CA  . THR A 1 104 ? -8.645  -9.464  3.722   1.00 37.80  ? 124 THR A CA  1 
ATOM   829  C  C   . THR A 1 104 ? -7.351  -9.569  2.994   1.00 41.22  ? 124 THR A C   1 
ATOM   830  O  O   . THR A 1 104 ? -7.237  -9.109  1.855   1.00 44.14  ? 124 THR A O   1 
ATOM   831  C  CB  . THR A 1 104 ? -9.652  -10.376 3.042   1.00 36.03  ? 124 THR A CB  1 
ATOM   832  O  OG1 . THR A 1 104 ? -10.946 -10.038 3.517   1.00 36.79  ? 124 THR A OG1 1 
ATOM   833  C  CG2 . THR A 1 104 ? -9.378  -11.818 3.401   1.00 35.53  ? 124 THR A CG2 1 
ATOM   834  N  N   . ILE A 1 105 ? -6.367  -10.155 3.670   1.00 45.09  ? 125 ILE A N   1 
ATOM   835  C  CA  . ILE A 1 105 ? -5.060  -10.439 3.068   1.00 49.14  ? 125 ILE A CA  1 
ATOM   836  C  C   . ILE A 1 105 ? -4.762  -11.898 3.344   1.00 48.62  ? 125 ILE A C   1 
ATOM   837  O  O   . ILE A 1 105 ? -4.827  -12.331 4.503   1.00 47.97  ? 125 ILE A O   1 
ATOM   838  C  CB  . ILE A 1 105 ? -3.885  -9.586  3.641   1.00 50.75  ? 125 ILE A CB  1 
ATOM   839  C  CG1 . ILE A 1 105 ? -4.330  -8.184  4.073   1.00 47.47  ? 125 ILE A CG1 1 
ATOM   840  C  CG2 . ILE A 1 105 ? -2.742  -9.525  2.634   1.00 53.77  ? 125 ILE A CG2 1 
ATOM   841  C  CD1 . ILE A 1 105 ? -3.217  -7.320  4.610   1.00 45.77  ? 125 ILE A CD1 1 
ATOM   842  N  N   . ALA A 1 106 ? -4.430  -12.641 2.285   1.00 47.00  ? 126 ALA A N   1 
ATOM   843  C  CA  . ALA A 1 106 ? -4.163  -14.086 2.381   1.00 46.13  ? 126 ALA A CA  1 
ATOM   844  C  C   . ALA A 1 106 ? -5.183  -14.828 3.272   1.00 46.37  ? 126 ALA A C   1 
ATOM   845  O  O   . ALA A 1 106 ? -4.818  -15.632 4.141   1.00 48.36  ? 126 ALA A O   1 
ATOM   846  C  CB  . ALA A 1 106 ? -2.729  -14.352 2.836   1.00 43.21  ? 126 ALA A CB  1 
ATOM   847  N  N   . GLY A 1 107 ? -6.463  -14.519 3.069   1.00 43.89  ? 127 GLY A N   1 
ATOM   848  C  CA  . GLY A 1 107 ? -7.530  -15.250 3.714   1.00 41.23  ? 127 GLY A CA  1 
ATOM   849  C  C   . GLY A 1 107 ? -7.665  -14.966 5.185   1.00 42.36  ? 127 GLY A C   1 
ATOM   850  O  O   . GLY A 1 107 ? -8.445  -15.616 5.883   1.00 45.91  ? 127 GLY A O   1 
ATOM   851  N  N   . VAL A 1 108 ? -6.908  -13.998 5.677   1.00 42.12  ? 128 VAL A N   1 
ATOM   852  C  CA  . VAL A 1 108 ? -7.203  -13.460 7.001   1.00 40.65  ? 128 VAL A CA  1 
ATOM   853  C  C   . VAL A 1 108 ? -7.864  -12.064 6.873   1.00 39.37  ? 128 VAL A C   1 
ATOM   854  O  O   . VAL A 1 108 ? -7.405  -11.185 6.117   1.00 34.94  ? 128 VAL A O   1 
ATOM   855  C  CB  . VAL A 1 108 ? -6.027  -13.628 8.004   1.00 39.80  ? 128 VAL A CB  1 
ATOM   856  C  CG1 . VAL A 1 108 ? -4.672  -13.446 7.322   1.00 47.09  ? 128 VAL A CG1 1 
ATOM   857  C  CG2 . VAL A 1 108 ? -6.163  -12.700 9.203   1.00 37.07  ? 128 VAL A CG2 1 
ATOM   858  N  N   . SER A 1 109 ? -8.998  -11.936 7.560   1.00 40.87  ? 129 SER A N   1 
ATOM   859  C  CA  . SER A 1 109 ? -9.848  -10.758 7.487   1.00 42.32  ? 129 SER A CA  1 
ATOM   860  C  C   . SER A 1 109 ? -9.871  -9.986  8.787   1.00 43.03  ? 129 SER A C   1 
ATOM   861  O  O   . SER A 1 109 ? -9.955  -10.568 9.868   1.00 40.87  ? 129 SER A O   1 
ATOM   862  C  CB  . SER A 1 109 ? -11.269 -11.163 7.124   1.00 44.13  ? 129 SER A CB  1 
ATOM   863  O  OG  . SER A 1 109 ? -11.372 -11.314 5.732   1.00 44.38  ? 129 SER A OG  1 
ATOM   864  N  N   . LYS A 1 110 ? -9.814  -8.663  8.666   1.00 45.97  ? 130 LYS A N   1 
ATOM   865  C  CA  . LYS A 1 110 ? -9.815  -7.762  9.811   1.00 44.86  ? 130 LYS A CA  1 
ATOM   866  C  C   . LYS A 1 110 ? -10.505 -6.445  9.421   1.00 41.74  ? 130 LYS A C   1 
ATOM   867  O  O   . LYS A 1 110 ? -10.443 -5.988  8.278   1.00 38.62  ? 130 LYS A O   1 
ATOM   868  C  CB  . LYS A 1 110 ? -8.377  -7.584  10.310  1.00 48.82  ? 130 LYS A CB  1 
ATOM   869  C  CG  . LYS A 1 110 ? -8.138  -6.451  11.284  1.00 61.93  ? 130 LYS A CG  1 
ATOM   870  C  CD  . LYS A 1 110 ? -8.015  -6.942  12.725  1.00 72.53  ? 130 LYS A CD  1 
ATOM   871  C  CE  . LYS A 1 110 ? -7.976  -5.763  13.698  1.00 67.14  ? 130 LYS A CE  1 
ATOM   872  N  NZ  . LYS A 1 110 ? -7.578  -6.246  15.043  1.00 71.74  ? 130 LYS A NZ  1 
ATOM   873  N  N   . ASP A 1 111 ? -11.215 -5.875  10.379  1.00 44.14  ? 131 ASP A N   1 
ATOM   874  C  CA  . ASP A 1 111 ? -11.860 -4.583  10.212  1.00 44.60  ? 131 ASP A CA  1 
ATOM   875  C  C   . ASP A 1 111 ? -10.882 -3.466  10.453  1.00 43.41  ? 131 ASP A C   1 
ATOM   876  O  O   . ASP A 1 111 ? -10.215 -3.448  11.482  1.00 46.61  ? 131 ASP A O   1 
ATOM   877  C  CB  . ASP A 1 111 ? -13.003 -4.438  11.203  1.00 44.53  ? 131 ASP A CB  1 
ATOM   878  C  CG  . ASP A 1 111 ? -14.243 -5.138  10.755  1.00 47.45  ? 131 ASP A CG  1 
ATOM   879  O  OD1 . ASP A 1 111 ? -14.333 -5.568  9.576   1.00 51.45  ? 131 ASP A OD1 1 
ATOM   880  O  OD2 . ASP A 1 111 ? -15.137 -5.246  11.603  1.00 48.49  ? 131 ASP A OD2 1 
ATOM   881  N  N   . ILE A 1 112 ? -10.808 -2.526  9.515   1.00 41.15  ? 132 ILE A N   1 
ATOM   882  C  CA  . ILE A 1 112 ? -9.873  -1.399  9.620   1.00 39.25  ? 132 ILE A CA  1 
ATOM   883  C  C   . ILE A 1 112 ? -10.531 -0.014  9.478   1.00 41.23  ? 132 ILE A C   1 
ATOM   884  O  O   . ILE A 1 112 ? -11.680 0.086   9.025   1.00 40.72  ? 132 ILE A O   1 
ATOM   885  C  CB  . ILE A 1 112 ? -8.699  -1.577  8.649   1.00 35.36  ? 132 ILE A CB  1 
ATOM   886  C  CG1 . ILE A 1 112 ? -9.196  -1.593  7.209   1.00 32.07  ? 132 ILE A CG1 1 
ATOM   887  C  CG2 . ILE A 1 112 ? -7.937  -2.855  9.001   1.00 35.23  ? 132 ILE A CG2 1 
ATOM   888  C  CD1 . ILE A 1 112 ? -8.123  -1.238  6.208   1.00 31.09  ? 132 ILE A CD1 1 
ATOM   889  N  N   . VAL A 1 113 ? -9.828  1.035   9.921   1.00 42.11  ? 133 VAL A N   1 
ATOM   890  C  CA  . VAL A 1 113 ? -10.272 2.425   9.670   1.00 41.48  ? 133 VAL A CA  1 
ATOM   891  C  C   . VAL A 1 113 ? -9.348  3.147   8.708   1.00 41.14  ? 133 VAL A C   1 
ATOM   892  O  O   . VAL A 1 113 ? -8.115  3.122   8.867   1.00 47.52  ? 133 VAL A O   1 
ATOM   893  C  CB  . VAL A 1 113 ? -10.467 3.279   10.946  1.00 40.85  ? 133 VAL A CB  1 
ATOM   894  C  CG1 . VAL A 1 113 ? -11.782 2.927   11.625  1.00 39.67  ? 133 VAL A CG1 1 
ATOM   895  C  CG2 . VAL A 1 113 ? -9.288  3.128   11.913  1.00 48.12  ? 133 VAL A CG2 1 
ATOM   896  N  N   . LEU A 1 114 ? -9.950  3.760   7.693   1.00 38.41  ? 134 LEU A N   1 
ATOM   897  C  CA  . LEU A 1 114 ? -9.226  4.640   6.769   1.00 35.64  ? 134 LEU A CA  1 
ATOM   898  C  C   . LEU A 1 114 ? -9.761  6.062   6.845   1.00 34.36  ? 134 LEU A C   1 
ATOM   899  O  O   . LEU A 1 114 ? -10.964 6.283   7.022   1.00 31.28  ? 134 LEU A O   1 
ATOM   900  C  CB  . LEU A 1 114 ? -9.292  4.137   5.333   1.00 34.13  ? 134 LEU A CB  1 
ATOM   901  C  CG  . LEU A 1 114 ? -8.943  2.669   5.097   1.00 33.85  ? 134 LEU A CG  1 
ATOM   902  C  CD1 . LEU A 1 114 ? -9.513  2.216   3.759   1.00 32.18  ? 134 LEU A CD1 1 
ATOM   903  C  CD2 . LEU A 1 114 ? -7.441  2.416   5.190   1.00 33.45  ? 134 LEU A CD2 1 
ATOM   904  N  N   . ASP A 1 115 ? -8.852  7.021   6.729   1.00 34.76  ? 135 ASP A N   1 
ATOM   905  C  CA  . ASP A 1 115 ? -9.237  8.407   6.723   1.00 36.47  ? 135 ASP A CA  1 
ATOM   906  C  C   . ASP A 1 115 ? -9.417  8.858   5.320   1.00 38.43  ? 135 ASP A C   1 
ATOM   907  O  O   . ASP A 1 115 ? -8.477  8.815   4.493   1.00 41.77  ? 135 ASP A O   1 
ATOM   908  C  CB  . ASP A 1 115 ? -8.239  9.255   7.473   1.00 38.46  ? 135 ASP A CB  1 
ATOM   909  C  CG  . ASP A 1 115 ? -8.299  8.995   8.949   1.00 42.38  ? 135 ASP A CG  1 
ATOM   910  O  OD1 . ASP A 1 115 ? -9.420  8.959   9.507   1.00 46.71  ? 135 ASP A OD1 1 
ATOM   911  O  OD2 . ASP A 1 115 ? -7.239  8.797   9.556   1.00 44.18  ? 135 ASP A OD2 1 
ATOM   912  N  N   . ALA A 1 116 ? -10.662 9.234   5.054   1.00 37.66  ? 136 ALA A N   1 
ATOM   913  C  CA  . ALA A 1 116 ? -11.085 9.660   3.747   1.00 37.54  ? 136 ALA A CA  1 
ATOM   914  C  C   . ALA A 1 116 ? -10.911 11.143  3.732   1.00 39.77  ? 136 ALA A C   1 
ATOM   915  O  O   . ALA A 1 116 ? -11.326 11.850  4.658   1.00 41.87  ? 136 ALA A O   1 
ATOM   916  C  CB  . ALA A 1 116 ? -12.524 9.289   3.513   1.00 36.15  ? 136 ALA A CB  1 
ATOM   917  N  N   . GLU A 1 117 ? -10.240 11.595  2.692   1.00 41.85  ? 137 GLU A N   1 
ATOM   918  C  CA  . GLU A 1 117 ? -10.040 12.988  2.460   1.00 44.65  ? 137 GLU A CA  1 
ATOM   919  C  C   . GLU A 1 117 ? -10.515 13.250  1.039   1.00 43.27  ? 137 GLU A C   1 
ATOM   920  O  O   . GLU A 1 117 ? -9.942  12.729  0.079   1.00 42.49  ? 137 GLU A O   1 
ATOM   921  C  CB  . GLU A 1 117 ? -8.571  13.308  2.649   1.00 53.85  ? 137 GLU A CB  1 
ATOM   922  C  CG  . GLU A 1 117 ? -8.244  14.790  2.592   1.00 65.37  ? 137 GLU A CG  1 
ATOM   923  C  CD  . GLU A 1 117 ? -7.465  15.226  3.804   1.00 72.18  ? 137 GLU A CD  1 
ATOM   924  O  OE1 . GLU A 1 117 ? -6.496  14.528  4.168   1.00 70.92  ? 137 GLU A OE1 1 
ATOM   925  O  OE2 . GLU A 1 117 ? -7.854  16.249  4.406   1.00 85.84  ? 137 GLU A OE2 1 
ATOM   926  N  N   . ILE A 1 118 ? -11.597 14.009  0.904   1.00 42.40  ? 138 ILE A N   1 
ATOM   927  C  CA  . ILE A 1 118 ? -12.149 14.283  -0.413  1.00 42.97  ? 138 ILE A CA  1 
ATOM   928  C  C   . ILE A 1 118 ? -11.410 15.461  -1.032  1.00 45.68  ? 138 ILE A C   1 
ATOM   929  O  O   . ILE A 1 118 ? -11.503 16.601  -0.551  1.00 49.53  ? 138 ILE A O   1 
ATOM   930  C  CB  . ILE A 1 118 ? -13.666 14.531  -0.398  1.00 40.88  ? 138 ILE A CB  1 
ATOM   931  C  CG1 . ILE A 1 118 ? -14.406 13.257  -0.068  1.00 37.21  ? 138 ILE A CG1 1 
ATOM   932  C  CG2 . ILE A 1 118 ? -14.146 14.965  -1.768  1.00 42.37  ? 138 ILE A CG2 1 
ATOM   933  C  CD1 . ILE A 1 118 ? -15.125 13.302  1.244   1.00 38.26  ? 138 ILE A CD1 1 
ATOM   934  N  N   . GLY A 1 119 ? -10.677 15.157  -2.102  1.00 46.75  ? 139 GLY A N   1 
ATOM   935  C  CA  . GLY A 1 119 ? -9.843  16.127  -2.805  1.00 45.75  ? 139 GLY A CA  1 
ATOM   936  C  C   . GLY A 1 119 ? -10.645 17.063  -3.689  1.00 44.89  ? 139 GLY A C   1 
ATOM   937  O  O   . GLY A 1 119 ? -10.260 18.216  -3.891  1.00 47.74  ? 139 GLY A O   1 
ATOM   938  N  N   . GLY A 1 120 ? -11.763 16.578  -4.214  1.00 42.30  ? 140 GLY A N   1 
ATOM   939  C  CA  . GLY A 1 120 ? -12.530 17.331  -5.193  1.00 42.24  ? 140 GLY A CA  1 
ATOM   940  C  C   . GLY A 1 120 ? -13.757 16.569  -5.631  1.00 44.29  ? 140 GLY A C   1 
ATOM   941  O  O   . GLY A 1 120 ? -13.702 15.355  -5.827  1.00 48.40  ? 140 GLY A O   1 
ATOM   942  N  N   . VAL A 1 121 ? -14.872 17.290  -5.751  1.00 42.10  ? 141 VAL A N   1 
ATOM   943  C  CA  . VAL A 1 121 ? -16.122 16.786  -6.301  1.00 39.51  ? 141 VAL A CA  1 
ATOM   944  C  C   . VAL A 1 121 ? -16.539 17.794  -7.350  1.00 43.52  ? 141 VAL A C   1 
ATOM   945  O  O   . VAL A 1 121 ? -16.621 18.980  -7.048  1.00 47.11  ? 141 VAL A O   1 
ATOM   946  C  CB  . VAL A 1 121 ? -17.192 16.726  -5.214  1.00 36.42  ? 141 VAL A CB  1 
ATOM   947  C  CG1 . VAL A 1 121 ? -18.524 16.273  -5.783  1.00 37.31  ? 141 VAL A CG1 1 
ATOM   948  C  CG2 . VAL A 1 121 ? -16.752 15.792  -4.108  1.00 35.09  ? 141 VAL A CG2 1 
ATOM   949  N  N   . ALA A 1 122 ? -16.769 17.348  -8.585  1.00 49.90  ? 142 ALA A N   1 
ATOM   950  C  CA  . ALA A 1 122 ? -17.196 18.260  -9.669  1.00 54.54  ? 142 ALA A CA  1 
ATOM   951  C  C   . ALA A 1 122 ? -18.178 17.604  -10.654 1.00 61.77  ? 142 ALA A C   1 
ATOM   952  O  O   . ALA A 1 122 ? -18.354 16.367  -10.640 1.00 63.92  ? 142 ALA A O   1 
ATOM   953  C  CB  . ALA A 1 122 ? -15.984 18.859  -10.393 1.00 48.99  ? 142 ALA A CB  1 
ATOM   954  N  N   . LYS A 1 123 ? -18.863 18.455  -11.436 1.00 70.56  ? 143 LYS A N   1 
ATOM   955  C  CA  . LYS A 1 123 ? -19.479 18.086  -12.724 1.00 77.38  ? 143 LYS A CA  1 
ATOM   956  C  C   . LYS A 1 123 ? -18.490 18.511  -13.783 1.00 81.09  ? 143 LYS A C   1 
ATOM   957  O  O   . LYS A 1 123 ? -18.065 19.668  -13.812 1.00 77.49  ? 143 LYS A O   1 
ATOM   958  C  CB  . LYS A 1 123 ? -20.801 18.804  -12.962 1.00 78.54  ? 143 LYS A CB  1 
ATOM   959  C  CG  . LYS A 1 123 ? -22.019 17.934  -12.777 1.00 81.42  ? 143 LYS A CG  1 
ATOM   960  C  CD  . LYS A 1 123 ? -23.263 18.778  -12.959 1.00 90.72  ? 143 LYS A CD  1 
ATOM   961  C  CE  . LYS A 1 123 ? -24.501 17.902  -13.026 1.00 97.85  ? 143 LYS A CE  1 
ATOM   962  N  NZ  . LYS A 1 123 ? -25.735 18.723  -13.186 1.00 106.27 ? 143 LYS A NZ  1 
ATOM   963  N  N   . GLY A 1 124 ? -18.120 17.571  -14.645 1.00 91.43  ? 144 GLY A N   1 
ATOM   964  C  CA  . GLY A 1 124 ? -16.982 17.762  -15.532 1.00 109.72 ? 144 GLY A CA  1 
ATOM   965  C  C   . GLY A 1 124 ? -17.241 18.730  -16.664 1.00 127.91 ? 144 GLY A C   1 
ATOM   966  O  O   . GLY A 1 124 ? -18.354 19.285  -16.784 1.00 127.46 ? 144 GLY A O   1 
ATOM   967  N  N   . LYS A 1 125 ? -16.183 18.946  -17.460 1.00 134.59 ? 145 LYS A N   1 
ATOM   968  C  CA  . LYS A 1 125 ? -16.245 19.503  -18.825 1.00 120.34 ? 145 LYS A CA  1 
ATOM   969  C  C   . LYS A 1 125 ? -17.610 19.180  -19.495 1.00 120.33 ? 145 LYS A C   1 
ATOM   970  O  O   . LYS A 1 125 ? -18.447 20.066  -19.707 1.00 107.72 ? 145 LYS A O   1 
ATOM   971  C  CB  . LYS A 1 125 ? -15.049 18.983  -19.675 1.00 106.73 ? 145 LYS A CB  1 
ATOM   972  C  CG  . LYS A 1 125 ? -14.569 17.547  -19.363 1.00 92.61  ? 145 LYS A CG  1 
ATOM   973  C  CD  . LYS A 1 125 ? -13.151 17.448  -18.792 1.00 85.09  ? 145 LYS A CD  1 
ATOM   974  C  CE  . LYS A 1 125 ? -12.977 18.009  -17.382 1.00 78.18  ? 145 LYS A CE  1 
ATOM   975  N  NZ  . LYS A 1 125 ? -13.112 19.493  -17.193 1.00 66.45  ? 145 LYS A NZ  1 
ATOM   976  N  N   . ASP A 1 126 ? -17.838 17.884  -19.713 1.00 113.37 ? 146 ASP A N   1 
ATOM   977  C  CA  . ASP A 1 126 ? -19.003 17.307  -20.377 1.00 99.36  ? 146 ASP A CA  1 
ATOM   978  C  C   . ASP A 1 126 ? -20.321 17.276  -19.571 1.00 92.08  ? 146 ASP A C   1 
ATOM   979  O  O   . ASP A 1 126 ? -21.303 16.715  -20.044 1.00 89.87  ? 146 ASP A O   1 
ATOM   980  C  CB  . ASP A 1 126 ? -18.633 15.865  -20.751 1.00 102.54 ? 146 ASP A CB  1 
ATOM   981  C  CG  . ASP A 1 126 ? -18.126 15.057  -19.543 1.00 102.46 ? 146 ASP A CG  1 
ATOM   982  O  OD1 . ASP A 1 126 ? -16.968 15.278  -19.107 1.00 98.37  ? 146 ASP A OD1 1 
ATOM   983  O  OD2 . ASP A 1 126 ? -18.890 14.212  -19.026 1.00 97.63  ? 146 ASP A OD2 1 
ATOM   984  N  N   . GLY A 1 127 ? -20.348 17.828  -18.359 1.00 88.40  ? 147 GLY A N   1 
ATOM   985  C  CA  . GLY A 1 127 ? -21.536 17.704  -17.494 1.00 89.77  ? 147 GLY A CA  1 
ATOM   986  C  C   . GLY A 1 127 ? -21.813 16.359  -16.794 1.00 91.19  ? 147 GLY A C   1 
ATOM   987  O  O   . GLY A 1 127 ? -22.818 16.229  -16.079 1.00 84.34  ? 147 GLY A O   1 
ATOM   988  N  N   . LYS A 1 128 ? -20.948 15.355  -16.990 1.00 93.56  ? 148 LYS A N   1 
ATOM   989  C  CA  . LYS A 1 128 ? -20.975 14.144  -16.135 1.00 85.60  ? 148 LYS A CA  1 
ATOM   990  C  C   . LYS A 1 128 ? -20.003 14.242  -14.930 1.00 80.95  ? 148 LYS A C   1 
ATOM   991  O  O   . LYS A 1 128 ? -18.924 14.854  -15.022 1.00 71.36  ? 148 LYS A O   1 
ATOM   992  C  CB  . LYS A 1 128 ? -20.802 12.846  -16.947 1.00 87.31  ? 148 LYS A CB  1 
ATOM   993  C  CG  . LYS A 1 128 ? -22.092 12.386  -17.624 1.00 96.66  ? 148 LYS A CG  1 
ATOM   994  C  CD  . LYS A 1 128 ? -22.010 11.004  -18.271 1.00 98.82  ? 148 LYS A CD  1 
ATOM   995  C  CE  . LYS A 1 128 ? -23.422 10.413  -18.452 1.00 102.60 ? 148 LYS A CE  1 
ATOM   996  N  NZ  . LYS A 1 128 ? -23.473 9.098   -19.164 1.00 109.14 ? 148 LYS A NZ  1 
ATOM   997  N  N   . GLU A 1 129 ? -20.428 13.641  -13.812 1.00 77.70  ? 149 GLU A N   1 
ATOM   998  C  CA  . GLU A 1 129 ? -19.785 13.731  -12.484 1.00 67.50  ? 149 GLU A CA  1 
ATOM   999  C  C   . GLU A 1 129 ? -18.398 13.119  -12.397 1.00 65.77  ? 149 GLU A C   1 
ATOM   1000 O  O   . GLU A 1 129 ? -18.119 12.050  -12.966 1.00 66.83  ? 149 GLU A O   1 
ATOM   1001 C  CB  . GLU A 1 129 ? -20.644 13.024  -11.427 1.00 64.93  ? 149 GLU A CB  1 
ATOM   1002 C  CG  . GLU A 1 129 ? -21.944 13.703  -11.041 1.00 66.19  ? 149 GLU A CG  1 
ATOM   1003 C  CD  . GLU A 1 129 ? -21.760 14.871  -10.092 1.00 70.13  ? 149 GLU A CD  1 
ATOM   1004 O  OE1 . GLU A 1 129 ? -22.610 15.780  -10.185 1.00 67.03  ? 149 GLU A OE1 1 
ATOM   1005 O  OE2 . GLU A 1 129 ? -20.791 14.878  -9.272  1.00 71.16  ? 149 GLU A OE2 1 
ATOM   1006 N  N   . LYS A 1 130 ? -17.542 13.796  -11.645 1.00 60.54  ? 150 LYS A N   1 
ATOM   1007 C  CA  . LYS A 1 130 ? -16.241 13.264  -11.279 1.00 55.11  ? 150 LYS A CA  1 
ATOM   1008 C  C   . LYS A 1 130 ? -16.075 13.446  -9.771  1.00 51.33  ? 150 LYS A C   1 
ATOM   1009 O  O   . LYS A 1 130 ? -16.869 14.182  -9.135  1.00 48.74  ? 150 LYS A O   1 
ATOM   1010 C  CB  . LYS A 1 130 ? -15.116 13.909  -12.105 1.00 53.05  ? 150 LYS A CB  1 
ATOM   1011 C  CG  . LYS A 1 130 ? -15.244 15.410  -12.252 1.00 60.17  ? 150 LYS A CG  1 
ATOM   1012 C  CD  . LYS A 1 130 ? -13.967 16.078  -12.724 1.00 66.63  ? 150 LYS A CD  1 
ATOM   1013 C  CE  . LYS A 1 130 ? -13.964 16.339  -14.212 1.00 71.33  ? 150 LYS A CE  1 
ATOM   1014 N  NZ  . LYS A 1 130 ? -12.605 16.877  -14.553 1.00 88.94  ? 150 LYS A NZ  1 
ATOM   1015 N  N   . ILE A 1 131 ? -15.122 12.692  -9.210  1.00 46.84  ? 151 ILE A N   1 
ATOM   1016 C  CA  . ILE A 1 131 ? -14.624 12.856  -7.829  1.00 47.11  ? 151 ILE A CA  1 
ATOM   1017 C  C   . ILE A 1 131 ? -13.170 12.477  -7.735  1.00 48.61  ? 151 ILE A C   1 
ATOM   1018 O  O   . ILE A 1 131 ? -12.698 11.624  -8.494  1.00 50.56  ? 151 ILE A O   1 
ATOM   1019 C  CB  . ILE A 1 131 ? -15.333 12.000  -6.742  1.00 44.23  ? 151 ILE A CB  1 
ATOM   1020 C  CG1 . ILE A 1 131 ? -15.405 10.535  -7.140  1.00 40.50  ? 151 ILE A CG1 1 
ATOM   1021 C  CG2 . ILE A 1 131 ? -16.702 12.562  -6.371  1.00 48.60  ? 151 ILE A CG2 1 
ATOM   1022 C  CD1 . ILE A 1 131 ? -15.685 9.652   -5.960  1.00 40.87  ? 151 ILE A CD1 1 
ATOM   1023 N  N   . GLY A 1 132 ? -12.487 13.097  -6.771  1.00 49.52  ? 152 GLY A N   1 
ATOM   1024 C  CA  . GLY A 1 132 ? -11.105 12.771  -6.387  1.00 49.27  ? 152 GLY A CA  1 
ATOM   1025 C  C   . GLY A 1 132 ? -10.983 12.724  -4.874  1.00 49.22  ? 152 GLY A C   1 
ATOM   1026 O  O   . GLY A 1 132 ? -11.421 13.640  -4.181  1.00 56.88  ? 152 GLY A O   1 
ATOM   1027 N  N   . PHE A 1 133 ? -10.417 11.653  -4.347  1.00 44.77  ? 153 PHE A N   1 
ATOM   1028 C  CA  . PHE A 1 133 ? -10.348 11.501  -2.905  1.00 43.43  ? 153 PHE A CA  1 
ATOM   1029 C  C   . PHE A 1 133 ? -9.212  10.587  -2.549  1.00 44.58  ? 153 PHE A C   1 
ATOM   1030 O  O   . PHE A 1 133 ? -8.689  9.865   -3.412  1.00 47.62  ? 153 PHE A O   1 
ATOM   1031 C  CB  . PHE A 1 133 ? -11.658 10.939  -2.353  1.00 40.90  ? 153 PHE A CB  1 
ATOM   1032 C  CG  . PHE A 1 133 ? -11.963 9.534   -2.807  1.00 42.18  ? 153 PHE A CG  1 
ATOM   1033 C  CD1 . PHE A 1 133 ? -12.586 9.290   -4.027  1.00 42.74  ? 153 PHE A CD1 1 
ATOM   1034 C  CD2 . PHE A 1 133 ? -11.652 8.442   -2.008  1.00 41.16  ? 153 PHE A CD2 1 
ATOM   1035 C  CE1 . PHE A 1 133 ? -12.877 7.988   -4.442  1.00 40.77  ? 153 PHE A CE1 1 
ATOM   1036 C  CE2 . PHE A 1 133 ? -11.948 7.144   -2.429  1.00 39.68  ? 153 PHE A CE2 1 
ATOM   1037 C  CZ  . PHE A 1 133 ? -12.563 6.915   -3.642  1.00 37.51  ? 153 PHE A CZ  1 
ATOM   1038 N  N   . SER A 1 134 ? -8.844  10.594  -1.275  1.00 43.21  ? 154 SER A N   1 
ATOM   1039 C  CA  . SER A 1 134 ? -7.840  9.660   -0.800  1.00 43.65  ? 154 SER A CA  1 
ATOM   1040 C  C   . SER A 1 134 ? -8.218  8.970   0.512   1.00 43.34  ? 154 SER A C   1 
ATOM   1041 O  O   . SER A 1 134 ? -8.793  9.584   1.414   1.00 45.05  ? 154 SER A O   1 
ATOM   1042 C  CB  . SER A 1 134 ? -6.499  10.353  -0.678  1.00 41.52  ? 154 SER A CB  1 
ATOM   1043 O  OG  . SER A 1 134 ? -6.511  11.104  0.510   1.00 47.67  ? 154 SER A OG  1 
ATOM   1044 N  N   . LEU A 1 135 ? -7.888  7.686   0.589   1.00 42.51  ? 155 LEU A N   1 
ATOM   1045 C  CA  . LEU A 1 135 ? -8.008  6.924   1.824   1.00 43.54  ? 155 LEU A CA  1 
ATOM   1046 C  C   . LEU A 1 135 ? -6.634  6.600   2.333   1.00 44.83  ? 155 LEU A C   1 
ATOM   1047 O  O   . LEU A 1 135 ? -5.773  6.157   1.550   1.00 41.31  ? 155 LEU A O   1 
ATOM   1048 C  CB  . LEU A 1 135 ? -8.743  5.620   1.586   1.00 39.36  ? 155 LEU A CB  1 
ATOM   1049 C  CG  . LEU A 1 135 ? -9.958  5.792   0.711   1.00 38.03  ? 155 LEU A CG  1 
ATOM   1050 C  CD1 . LEU A 1 135 ? -10.384 4.417   0.288   1.00 36.23  ? 155 LEU A CD1 1 
ATOM   1051 C  CD2 . LEU A 1 135 ? -11.067 6.495   1.474   1.00 38.76  ? 155 LEU A CD2 1 
ATOM   1052 N  N   . ASN A 1 136 ? -6.417  6.825   3.630   1.00 46.36  ? 156 ASN A N   1 
ATOM   1053 C  CA  . ASN A 1 136 ? -5.224  6.280   4.262   1.00 50.14  ? 156 ASN A CA  1 
ATOM   1054 C  C   . ASN A 1 136 ? -5.404  5.740   5.667   1.00 47.58  ? 156 ASN A C   1 
ATOM   1055 O  O   . ASN A 1 136 ? -6.387  6.047   6.329   1.00 45.18  ? 156 ASN A O   1 
ATOM   1056 C  CB  . ASN A 1 136 ? -4.016  7.216   4.136   1.00 60.04  ? 156 ASN A CB  1 
ATOM   1057 C  CG  . ASN A 1 136 ? -4.150  8.455   4.952   1.00 65.29  ? 156 ASN A CG  1 
ATOM   1058 O  OD1 . ASN A 1 136 ? -4.481  9.508   4.423   1.00 77.92  ? 156 ASN A OD1 1 
ATOM   1059 N  ND2 . ASN A 1 136 ? -3.874  8.351   6.243   1.00 66.54  ? 156 ASN A ND2 1 
ATOM   1060 N  N   . GLY A 1 137 ? -4.440  4.912   6.077   1.00 47.14  ? 157 GLY A N   1 
ATOM   1061 C  CA  . GLY A 1 137 ? -4.475  4.153   7.324   1.00 45.63  ? 157 GLY A CA  1 
ATOM   1062 C  C   . GLY A 1 137 ? -3.226  3.305   7.469   1.00 43.42  ? 157 GLY A C   1 
ATOM   1063 O  O   . GLY A 1 137 ? -2.610  2.915   6.474   1.00 43.40  ? 157 GLY A O   1 
ATOM   1064 N  N   . LYS A 1 138 ? -2.831  3.078   8.719   1.00 42.76  ? 158 LYS A N   1 
ATOM   1065 C  CA  . LYS A 1 138 ? -1.755  2.150   9.079   1.00 40.86  ? 158 LYS A CA  1 
ATOM   1066 C  C   . LYS A 1 138 ? -2.451  0.824   9.421   1.00 39.75  ? 158 LYS A C   1 
ATOM   1067 O  O   . LYS A 1 138 ? -3.439  0.834   10.125  1.00 38.08  ? 158 LYS A O   1 
ATOM   1068 C  CB  . LYS A 1 138 ? -0.869  2.697   10.255  1.00 35.38  ? 158 LYS A CB  1 
ATOM   1069 N  N   . ILE A 1 139 ? -1.979  -0.302  8.886   1.00 42.05  ? 159 ILE A N   1 
ATOM   1070 C  CA  . ILE A 1 139 ? -2.418  -1.645  9.359   1.00 42.45  ? 159 ILE A CA  1 
ATOM   1071 C  C   . ILE A 1 139 ? -1.213  -2.417  9.908   1.00 44.01  ? 159 ILE A C   1 
ATOM   1072 O  O   . ILE A 1 139 ? -0.060  -2.077  9.567   1.00 45.42  ? 159 ILE A O   1 
ATOM   1073 C  CB  . ILE A 1 139 ? -3.132  -2.465  8.265   1.00 39.65  ? 159 ILE A CB  1 
ATOM   1074 C  CG1 . ILE A 1 139 ? -2.286  -2.526  7.004   1.00 37.93  ? 159 ILE A CG1 1 
ATOM   1075 C  CG2 . ILE A 1 139 ? -4.472  -1.848  7.918   1.00 39.17  ? 159 ILE A CG2 1 
ATOM   1076 C  CD1 . ILE A 1 139 ? -2.561  -3.755  6.185   1.00 38.64  ? 159 ILE A CD1 1 
ATOM   1077 N  N   . LYS A 1 140 ? -1.460  -3.431  10.745  1.00 42.01  ? 160 LYS A N   1 
ATOM   1078 C  CA  . LYS A 1 140 ? -0.340  -4.165  11.356  1.00 41.26  ? 160 LYS A CA  1 
ATOM   1079 C  C   . LYS A 1 140 ? -0.172  -5.563  10.803  1.00 41.65  ? 160 LYS A C   1 
ATOM   1080 O  O   . LYS A 1 140 ? -1.027  -6.410  11.032  1.00 45.75  ? 160 LYS A O   1 
ATOM   1081 C  CB  . LYS A 1 140 ? -0.476  -4.231  12.870  1.00 39.23  ? 160 LYS A CB  1 
ATOM   1082 C  CG  . LYS A 1 140 ? -0.392  -2.877  13.518  1.00 43.16  ? 160 LYS A CG  1 
ATOM   1083 C  CD  . LYS A 1 140 ? 0.157   -2.946  14.925  1.00 51.29  ? 160 LYS A CD  1 
ATOM   1084 C  CE  . LYS A 1 140 ? -0.929  -3.042  15.994  1.00 54.91  ? 160 LYS A CE  1 
ATOM   1085 N  NZ  . LYS A 1 140 ? -0.539  -2.197  17.176  1.00 64.10  ? 160 LYS A NZ  1 
ATOM   1086 N  N   . ARG A 1 141 ? 0.921   -5.819  10.085  1.00 40.51  ? 161 ARG A N   1 
ATOM   1087 C  CA  . ARG A 1 141 ? 1.275   -7.185  9.644   1.00 39.93  ? 161 ARG A CA  1 
ATOM   1088 C  C   . ARG A 1 141 ? 0.823   -8.259  10.644  1.00 38.18  ? 161 ARG A C   1 
ATOM   1089 O  O   . ARG A 1 141 ? 0.215   -9.262  10.272  1.00 37.63  ? 161 ARG A O   1 
ATOM   1090 C  CB  . ARG A 1 141 ? 2.786   -7.311  9.450   1.00 42.15  ? 161 ARG A CB  1 
ATOM   1091 C  CG  . ARG A 1 141 ? 3.305   -6.869  8.094   1.00 46.13  ? 161 ARG A CG  1 
ATOM   1092 C  CD  . ARG A 1 141 ? 4.824   -6.758  8.055   1.00 46.14  ? 161 ARG A CD  1 
ATOM   1093 N  NE  . ARG A 1 141 ? 5.469   -8.005  8.447   1.00 50.74  ? 161 ARG A NE  1 
ATOM   1094 C  CZ  . ARG A 1 141 ? 6.535   -8.094  9.242   1.00 55.10  ? 161 ARG A CZ  1 
ATOM   1095 N  NH1 . ARG A 1 141 ? 7.113   -7.014  9.750   1.00 59.75  ? 161 ARG A NH1 1 
ATOM   1096 N  NH2 . ARG A 1 141 ? 7.029   -9.281  9.543   1.00 57.84  ? 161 ARG A NH2 1 
ATOM   1097 N  N   . SER A 1 142 ? 1.105   -8.012  11.917  1.00 36.87  ? 162 SER A N   1 
ATOM   1098 C  CA  . SER A 1 142 ? 0.806   -8.949  12.979  1.00 37.83  ? 162 SER A CA  1 
ATOM   1099 C  C   . SER A 1 142 ? -0.694  -9.240  13.124  1.00 40.95  ? 162 SER A C   1 
ATOM   1100 O  O   . SER A 1 142 ? -1.085  -10.351 13.473  1.00 42.69  ? 162 SER A O   1 
ATOM   1101 C  CB  . SER A 1 142 ? 1.404   -8.456  14.298  1.00 35.49  ? 162 SER A CB  1 
ATOM   1102 O  OG  . SER A 1 142 ? 0.745   -7.306  14.806  1.00 33.55  ? 162 SER A OG  1 
ATOM   1103 N  N   . ASP A 1 143 ? -1.527  -8.242  12.854  1.00 43.36  ? 163 ASP A N   1 
ATOM   1104 C  CA  . ASP A 1 143 ? -2.968  -8.393  12.933  1.00 43.68  ? 163 ASP A CA  1 
ATOM   1105 C  C   . ASP A 1 143 ? -3.488  -9.329  11.848  1.00 43.52  ? 163 ASP A C   1 
ATOM   1106 O  O   . ASP A 1 143 ? -4.518  -9.964  12.043  1.00 45.41  ? 163 ASP A O   1 
ATOM   1107 C  CB  . ASP A 1 143 ? -3.659  -7.041  12.779  1.00 48.70  ? 163 ASP A CB  1 
ATOM   1108 C  CG  . ASP A 1 143 ? -3.555  -6.166  14.006  1.00 47.55  ? 163 ASP A CG  1 
ATOM   1109 O  OD1 . ASP A 1 143 ? -3.398  -6.680  15.130  1.00 44.54  ? 163 ASP A OD1 1 
ATOM   1110 O  OD2 . ASP A 1 143 ? -3.655  -4.940  13.818  1.00 50.69  ? 163 ASP A OD2 1 
ATOM   1111 N  N   . PHE A 1 144 ? -2.787  -9.405  10.720  1.00 42.24  ? 164 PHE A N   1 
ATOM   1112 C  CA  . PHE A 1 144 ? -3.154  -10.319 9.641   1.00 44.09  ? 164 PHE A CA  1 
ATOM   1113 C  C   . PHE A 1 144 ? -2.258  -11.534 9.532   1.00 45.19  ? 164 PHE A C   1 
ATOM   1114 O  O   . PHE A 1 144 ? -2.227  -12.194 8.462   1.00 45.55  ? 164 PHE A O   1 
ATOM   1115 C  CB  . PHE A 1 144 ? -3.058  -9.606  8.317   1.00 45.75  ? 164 PHE A CB  1 
ATOM   1116 C  CG  . PHE A 1 144 ? -4.038  -8.519  8.152   1.00 46.41  ? 164 PHE A CG  1 
ATOM   1117 C  CD1 . PHE A 1 144 ? -3.772  -7.250  8.656   1.00 43.79  ? 164 PHE A CD1 1 
ATOM   1118 C  CD2 . PHE A 1 144 ? -5.225  -8.755  7.462   1.00 47.92  ? 164 PHE A CD2 1 
ATOM   1119 C  CE1 . PHE A 1 144 ? -4.678  -6.230  8.478   1.00 47.75  ? 164 PHE A CE1 1 
ATOM   1120 C  CE2 . PHE A 1 144 ? -6.144  -7.738  7.279   1.00 49.64  ? 164 PHE A CE2 1 
ATOM   1121 C  CZ  . PHE A 1 144 ? -5.871  -6.476  7.790   1.00 50.83  ? 164 PHE A CZ  1 
ATOM   1122 N  N   . LYS A 1 145 ? -1.519  -11.813 10.610  1.00 44.23  ? 165 LYS A N   1 
ATOM   1123 C  CA  . LYS A 1 145 ? -0.487  -12.849 10.622  1.00 46.76  ? 165 LYS A CA  1 
ATOM   1124 C  C   . LYS A 1 145 ? 0.202   -12.963 9.240   1.00 46.84  ? 165 LYS A C   1 
ATOM   1125 O  O   . LYS A 1 145 ? 0.266   -14.042 8.624   1.00 48.35  ? 165 LYS A O   1 
ATOM   1126 C  CB  . LYS A 1 145 ? -1.070  -14.165 11.121  1.00 45.66  ? 165 LYS A CB  1 
ATOM   1127 C  CG  . LYS A 1 145 ? -1.139  -14.248 12.635  1.00 51.91  ? 165 LYS A CG  1 
ATOM   1128 C  CD  . LYS A 1 145 ? -2.144  -15.309 13.003  1.00 60.37  ? 165 LYS A CD  1 
ATOM   1129 C  CE  . LYS A 1 145 ? -2.460  -15.399 14.484  1.00 67.00  ? 165 LYS A CE  1 
ATOM   1130 N  NZ  . LYS A 1 145 ? -3.842  -15.992 14.524  1.00 72.45  ? 165 LYS A NZ  1 
ATOM   1131 N  N   . PHE A 1 146 ? 0.686   -11.809 8.769   1.00 42.32  ? 166 PHE A N   1 
ATOM   1132 C  CA  . PHE A 1 146 ? 1.237   -11.659 7.449   1.00 40.65  ? 166 PHE A CA  1 
ATOM   1133 C  C   . PHE A 1 146 ? 2.759   -11.600 7.460   1.00 45.78  ? 166 PHE A C   1 
ATOM   1134 O  O   . PHE A 1 146 ? 3.367   -10.808 8.215   1.00 46.29  ? 166 PHE A O   1 
ATOM   1135 C  CB  . PHE A 1 146 ? 0.687   -10.408 6.797   1.00 38.79  ? 166 PHE A CB  1 
ATOM   1136 C  CG  . PHE A 1 146 ? 1.336   -10.095 5.485   1.00 40.65  ? 166 PHE A CG  1 
ATOM   1137 C  CD1 . PHE A 1 146 ? 0.907   -10.720 4.310   1.00 42.47  ? 166 PHE A CD1 1 
ATOM   1138 C  CD2 . PHE A 1 146 ? 2.408   -9.201  5.405   1.00 41.20  ? 166 PHE A CD2 1 
ATOM   1139 C  CE1 . PHE A 1 146 ? 1.519   -10.445 3.076   1.00 42.61  ? 166 PHE A CE1 1 
ATOM   1140 C  CE2 . PHE A 1 146 ? 3.024   -8.922  4.176   1.00 41.74  ? 166 PHE A CE2 1 
ATOM   1141 C  CZ  . PHE A 1 146 ? 2.581   -9.545  3.010   1.00 42.25  ? 166 PHE A CZ  1 
ATOM   1142 N  N   . ALA A 1 147 ? 3.345   -12.414 6.570   1.00 50.07  ? 167 ALA A N   1 
ATOM   1143 C  CA  . ALA A 1 147 ? 4.799   -12.663 6.465   1.00 51.47  ? 167 ALA A CA  1 
ATOM   1144 C  C   . ALA A 1 147 ? 5.454   -12.948 7.813   1.00 50.46  ? 167 ALA A C   1 
ATOM   1145 O  O   . ALA A 1 147 ? 6.499   -12.389 8.122   1.00 49.77  ? 167 ALA A O   1 
ATOM   1146 C  CB  . ALA A 1 147 ? 5.501   -11.512 5.749   1.00 49.38  ? 167 ALA A CB  1 
ATOM   1147 N  N   . THR A 1 148 ? 4.831   -13.828 8.597   1.00 50.72  ? 168 THR A N   1 
ATOM   1148 C  CA  . THR A 1 148 ? 5.193   -14.022 10.011  1.00 54.23  ? 168 THR A CA  1 
ATOM   1149 C  C   . THR A 1 148 ? 6.630   -14.473 10.230  1.00 54.66  ? 168 THR A C   1 
ATOM   1150 O  O   . THR A 1 148 ? 7.183   -14.180 11.284  1.00 52.90  ? 168 THR A O   1 
ATOM   1151 C  CB  . THR A 1 148 ? 4.236   -14.971 10.783  1.00 56.10  ? 168 THR A CB  1 
ATOM   1152 O  OG1 . THR A 1 148 ? 3.636   -15.912 9.866   1.00 68.11  ? 168 THR A OG1 1 
ATOM   1153 C  CG2 . THR A 1 148 ? 3.142   -14.163 11.563  1.00 57.65  ? 168 THR A CG2 1 
ATOM   1154 N  N   . SER A 1 149 ? 7.224   -15.156 9.240   1.00 57.85  ? 169 SER A N   1 
ATOM   1155 C  CA  . SER A 1 149 ? 8.623   -15.614 9.307   1.00 57.09  ? 169 SER A CA  1 
ATOM   1156 C  C   . SER A 1 149 ? 9.666   -14.477 9.209   1.00 60.32  ? 169 SER A C   1 
ATOM   1157 O  O   . SER A 1 149 ? 10.806  -14.637 9.675   1.00 63.45  ? 169 SER A O   1 
ATOM   1158 C  CB  . SER A 1 149 ? 8.899   -16.718 8.285   1.00 56.33  ? 169 SER A CB  1 
ATOM   1159 O  OG  . SER A 1 149 ? 8.491   -16.325 6.995   1.00 62.84  ? 169 SER A OG  1 
ATOM   1160 N  N   . THR A 1 150 ? 9.277   -13.334 8.630   1.00 59.51  ? 170 THR A N   1 
ATOM   1161 C  CA  . THR A 1 150 ? 10.110  -12.111 8.653   1.00 54.92  ? 170 THR A CA  1 
ATOM   1162 C  C   . THR A 1 150 ? 9.926   -11.335 9.957   1.00 56.14  ? 170 THR A C   1 
ATOM   1163 O  O   . THR A 1 150 ? 8.792   -11.074 10.361  1.00 60.90  ? 170 THR A O   1 
ATOM   1164 C  CB  . THR A 1 150 ? 9.770   -11.181 7.491   1.00 52.62  ? 170 THR A CB  1 
ATOM   1165 O  OG1 . THR A 1 150 ? 9.445   -11.959 6.330   1.00 52.34  ? 170 THR A OG1 1 
ATOM   1166 C  CG2 . THR A 1 150 ? 10.935  -10.261 7.196   1.00 54.39  ? 170 THR A CG2 1 
ATOM   1167 N  N   . SER A 1 151 ? 11.034  -10.974 10.607  1.00 56.58  ? 171 SER A N   1 
ATOM   1168 C  CA  . SER A 1 151 ? 11.011  -10.265 11.893  1.00 54.25  ? 171 SER A CA  1 
ATOM   1169 C  C   . SER A 1 151 ? 10.448  -8.870  11.762  1.00 52.86  ? 171 SER A C   1 
ATOM   1170 O  O   . SER A 1 151 ? 10.577  -8.230  10.707  1.00 52.60  ? 171 SER A O   1 
ATOM   1171 C  CB  . SER A 1 151 ? 12.412  -10.130 12.452  1.00 56.70  ? 171 SER A CB  1 
ATOM   1172 O  OG  . SER A 1 151 ? 12.355  -9.566  13.740  1.00 62.48  ? 171 SER A OG  1 
ATOM   1173 N  N   . THR A 1 152 ? 9.852   -8.386  12.848  1.00 49.42  ? 172 THR A N   1 
ATOM   1174 C  CA  . THR A 1 152 ? 9.388   -7.000  12.881  1.00 49.64  ? 172 THR A CA  1 
ATOM   1175 C  C   . THR A 1 152 ? 10.565  -5.989  13.015  1.00 50.20  ? 172 THR A C   1 
ATOM   1176 O  O   . THR A 1 152 ? 10.375  -4.774  12.913  1.00 56.26  ? 172 THR A O   1 
ATOM   1177 C  CB  . THR A 1 152 ? 8.320   -6.784  13.957  1.00 48.33  ? 172 THR A CB  1 
ATOM   1178 O  OG1 . THR A 1 152 ? 8.900   -7.063  15.219  1.00 51.15  ? 172 THR A OG1 1 
ATOM   1179 C  CG2 . THR A 1 152 ? 7.116   -7.721  13.749  1.00 54.11  ? 172 THR A CG2 1 
ATOM   1180 N  N   . ILE A 1 153 ? 11.777  -6.507  13.215  1.00 47.47  ? 173 ILE A N   1 
ATOM   1181 C  CA  . ILE A 1 153 ? 12.999  -5.725  13.131  1.00 44.70  ? 173 ILE A CA  1 
ATOM   1182 C  C   . ILE A 1 153 ? 13.369  -5.437  11.675  1.00 46.46  ? 173 ILE A C   1 
ATOM   1183 O  O   . ILE A 1 153 ? 13.460  -4.273  11.283  1.00 49.10  ? 173 ILE A O   1 
ATOM   1184 C  CB  . ILE A 1 153 ? 14.186  -6.427  13.809  1.00 44.49  ? 173 ILE A CB  1 
ATOM   1185 C  CG1 . ILE A 1 153 ? 13.872  -6.757  15.274  1.00 44.57  ? 173 ILE A CG1 1 
ATOM   1186 C  CG2 . ILE A 1 153 ? 15.416  -5.537  13.730  1.00 44.13  ? 173 ILE A CG2 1 
ATOM   1187 C  CD1 . ILE A 1 153 ? 14.793  -7.783  15.916  1.00 42.57  ? 173 ILE A CD1 1 
ATOM   1188 N  N   . THR A 1 154 ? 13.592  -6.494  10.892  1.00 47.53  ? 174 THR A N   1 
ATOM   1189 C  CA  . THR A 1 154 ? 13.975  -6.378  9.483   1.00 49.76  ? 174 THR A CA  1 
ATOM   1190 C  C   . THR A 1 154 ? 12.972  -5.538  8.671   1.00 50.38  ? 174 THR A C   1 
ATOM   1191 O  O   . THR A 1 154 ? 13.368  -4.641  7.915   1.00 48.96  ? 174 THR A O   1 
ATOM   1192 C  CB  . THR A 1 154 ? 14.153  -7.785  8.876   1.00 53.73  ? 174 THR A CB  1 
ATOM   1193 O  OG1 . THR A 1 154 ? 15.168  -8.469  9.627   1.00 62.34  ? 174 THR A OG1 1 
ATOM   1194 C  CG2 . THR A 1 154 ? 14.502  -7.761  7.319   1.00 51.60  ? 174 THR A CG2 1 
ATOM   1195 N  N   . LEU A 1 155 ? 11.685  -5.840  8.862   1.00 49.07  ? 175 LEU A N   1 
ATOM   1196 C  CA  . LEU A 1 155 ? 10.560  -5.238  8.143   1.00 43.77  ? 175 LEU A CA  1 
ATOM   1197 C  C   . LEU A 1 155 ? 9.575   -4.754  9.187   1.00 45.29  ? 175 LEU A C   1 
ATOM   1198 O  O   . LEU A 1 155 ? 9.234   -5.514  10.094  1.00 45.55  ? 175 LEU A O   1 
ATOM   1199 C  CB  . LEU A 1 155 ? 9.896   -6.299  7.279   1.00 39.88  ? 175 LEU A CB  1 
ATOM   1200 C  CG  . LEU A 1 155 ? 8.743   -5.962  6.347   1.00 40.09  ? 175 LEU A CG  1 
ATOM   1201 C  CD1 . LEU A 1 155 ? 9.172   -5.042  5.232   1.00 41.32  ? 175 LEU A CD1 1 
ATOM   1202 C  CD2 . LEU A 1 155 ? 8.176   -7.215  5.720   1.00 40.27  ? 175 LEU A CD2 1 
ATOM   1203 N  N   . SER A 1 156 ? 9.138   -3.497  9.064   1.00 46.01  ? 176 SER A N   1 
ATOM   1204 C  CA  . SER A 1 156 ? 8.227   -2.866  10.023  1.00 45.75  ? 176 SER A CA  1 
ATOM   1205 C  C   . SER A 1 156 ? 6.920   -3.626  10.112  1.00 44.81  ? 176 SER A C   1 
ATOM   1206 O  O   . SER A 1 156 ? 6.404   -4.081  9.088   1.00 44.63  ? 176 SER A O   1 
ATOM   1207 C  CB  . SER A 1 156 ? 7.914   -1.427  9.613   1.00 48.58  ? 176 SER A CB  1 
ATOM   1208 O  OG  . SER A 1 156 ? 7.185   -0.770  10.639  1.00 53.60  ? 176 SER A OG  1 
ATOM   1209 N  N   . ASP A 1 157 ? 6.376   -3.744  11.323  1.00 43.17  ? 177 ASP A N   1 
ATOM   1210 C  CA  . ASP A 1 157 ? 5.051   -4.326  11.499  1.00 43.97  ? 177 ASP A CA  1 
ATOM   1211 C  C   . ASP A 1 157 ? 3.947   -3.469  10.872  1.00 46.78  ? 177 ASP A C   1 
ATOM   1212 O  O   . ASP A 1 157 ? 2.873   -3.987  10.549  1.00 47.82  ? 177 ASP A O   1 
ATOM   1213 C  CB  . ASP A 1 157 ? 4.750   -4.564  12.970  1.00 45.17  ? 177 ASP A CB  1 
ATOM   1214 C  CG  . ASP A 1 157 ? 3.593   -5.538  13.186  1.00 47.34  ? 177 ASP A CG  1 
ATOM   1215 O  OD1 . ASP A 1 157 ? 3.449   -6.536  12.429  1.00 49.39  ? 177 ASP A OD1 1 
ATOM   1216 O  OD2 . ASP A 1 157 ? 2.834   -5.307  14.140  1.00 46.00  ? 177 ASP A OD2 1 
ATOM   1217 N  N   . ASP A 1 158 ? 4.221   -2.172  10.694  1.00 48.35  ? 178 ASP A N   1 
ATOM   1218 C  CA  . ASP A 1 158 ? 3.242   -1.221  10.170  1.00 47.18  ? 178 ASP A CA  1 
ATOM   1219 C  C   . ASP A 1 158 ? 3.348   -1.112  8.678   1.00 46.27  ? 178 ASP A C   1 
ATOM   1220 O  O   . ASP A 1 158 ? 4.453   -0.931  8.132   1.00 45.97  ? 178 ASP A O   1 
ATOM   1221 C  CB  . ASP A 1 158 ? 3.412   0.167   10.793  1.00 49.40  ? 178 ASP A CB  1 
ATOM   1222 C  CG  . ASP A 1 158 ? 3.338   0.137   12.298  1.00 56.64  ? 178 ASP A CG  1 
ATOM   1223 O  OD1 . ASP A 1 158 ? 2.234   -0.002  12.874  1.00 60.64  ? 178 ASP A OD1 1 
ATOM   1224 O  OD2 . ASP A 1 158 ? 4.411   0.237   12.915  1.00 63.02  ? 178 ASP A OD2 1 
ATOM   1225 N  N   . ILE A 1 159 ? 2.183   -1.228  8.034   1.00 46.01  ? 179 ILE A N   1 
ATOM   1226 C  CA  . ILE A 1 159 ? 2.013   -0.886  6.619   1.00 44.64  ? 179 ILE A CA  1 
ATOM   1227 C  C   . ILE A 1 159 ? 1.125   0.345   6.529   1.00 43.99  ? 179 ILE A C   1 
ATOM   1228 O  O   . ILE A 1 159 ? 0.044   0.353   7.111   1.00 41.76  ? 179 ILE A O   1 
ATOM   1229 C  CB  . ILE A 1 159 ? 1.376   -2.035  5.812   1.00 42.74  ? 179 ILE A CB  1 
ATOM   1230 C  CG1 . ILE A 1 159 ? 2.085   -3.351  6.125   1.00 43.74  ? 179 ILE A CG1 1 
ATOM   1231 C  CG2 . ILE A 1 159 ? 1.430   -1.729  4.317   1.00 41.60  ? 179 ILE A CG2 1 
ATOM   1232 C  CD1 . ILE A 1 159 ? 1.496   -4.574  5.461   1.00 45.50  ? 179 ILE A CD1 1 
ATOM   1233 N  N   . ASN A 1 160 ? 1.592   1.376   5.822   1.00 45.94  ? 180 ASN A N   1 
ATOM   1234 C  CA  . ASN A 1 160 ? 0.769   2.554   5.545   1.00 50.89  ? 180 ASN A CA  1 
ATOM   1235 C  C   . ASN A 1 160 ? 0.167   2.456   4.183   1.00 49.19  ? 180 ASN A C   1 
ATOM   1236 O  O   . ASN A 1 160 ? 0.851   2.259   3.184   1.00 48.95  ? 180 ASN A O   1 
ATOM   1237 C  CB  . ASN A 1 160 ? 1.539   3.870   5.684   1.00 56.60  ? 180 ASN A CB  1 
ATOM   1238 C  CG  . ASN A 1 160 ? 1.860   4.216   7.133   1.00 64.23  ? 180 ASN A CG  1 
ATOM   1239 O  OD1 . ASN A 1 160 ? 1.104   3.921   8.074   1.00 75.30  ? 180 ASN A OD1 1 
ATOM   1240 N  ND2 . ASN A 1 160 ? 2.992   4.852   7.322   1.00 71.37  ? 180 ASN A ND2 1 
ATOM   1241 N  N   . LEU A 1 161 ? -1.141  2.588   4.169   1.00 48.78  ? 181 LEU A N   1 
ATOM   1242 C  CA  . LEU A 1 161 ? -1.903  2.483   2.951   1.00 48.30  ? 181 LEU A CA  1 
ATOM   1243 C  C   . LEU A 1 161 ? -2.140  3.885   2.469   1.00 49.22  ? 181 LEU A C   1 
ATOM   1244 O  O   . LEU A 1 161 ? -2.517  4.743   3.251   1.00 50.12  ? 181 LEU A O   1 
ATOM   1245 C  CB  . LEU A 1 161 ? -3.227  1.786   3.243   1.00 45.33  ? 181 LEU A CB  1 
ATOM   1246 C  CG  . LEU A 1 161 ? -3.088  0.564   4.149   1.00 44.08  ? 181 LEU A CG  1 
ATOM   1247 C  CD1 . LEU A 1 161 ? -4.437  0.022   4.588   1.00 43.54  ? 181 LEU A CD1 1 
ATOM   1248 C  CD2 . LEU A 1 161 ? -2.258  -0.498  3.453   1.00 45.24  ? 181 LEU A CD2 1 
ATOM   1249 N  N   . CYS A 1 162 ? -1.843  4.133   1.204   1.00 50.59  ? 182 CYS A N   1 
ATOM   1250 C  CA  . CYS A 1 162 ? -2.338  5.320   0.553   1.00 52.57  ? 182 CYS A CA  1 
ATOM   1251 C  C   . CYS A 1 162 ? -3.089  4.972   -0.724  1.00 52.14  ? 182 CYS A C   1 
ATOM   1252 O  O   . CYS A 1 162 ? -2.458  4.626   -1.743  1.00 56.72  ? 182 CYS A O   1 
ATOM   1253 C  CB  . CYS A 1 162 ? -1.224  6.310   0.245   1.00 58.88  ? 182 CYS A CB  1 
ATOM   1254 S  SG  . CYS A 1 162 ? -1.924  7.922   -0.217  1.00 88.06  ? 182 CYS A SG  1 
ATOM   1255 N  N   . ILE A 1 163 ? -4.424  5.064   -0.662  1.00 45.61  ? 183 ILE A N   1 
ATOM   1256 C  CA  . ILE A 1 163 ? -5.278  4.936   -1.852  1.00 43.38  ? 183 ILE A CA  1 
ATOM   1257 C  C   . ILE A 1 163 ? -5.618  6.327   -2.374  1.00 46.47  ? 183 ILE A C   1 
ATOM   1258 O  O   . ILE A 1 163 ? -6.294  7.097   -1.705  1.00 50.04  ? 183 ILE A O   1 
ATOM   1259 C  CB  . ILE A 1 163 ? -6.589  4.140   -1.608  1.00 38.31  ? 183 ILE A CB  1 
ATOM   1260 C  CG1 . ILE A 1 163 ? -6.405  2.985   -0.612  1.00 35.35  ? 183 ILE A CG1 1 
ATOM   1261 C  CG2 . ILE A 1 163 ? -7.193  3.675   -2.917  1.00 33.11  ? 183 ILE A CG2 1 
ATOM   1262 C  CD1 . ILE A 1 163 ? -5.359  1.957   -0.955  1.00 35.26  ? 183 ILE A CD1 1 
ATOM   1263 N  N   . GLU A 1 164 ? -5.113  6.631   -3.564  1.00 50.38  ? 184 GLU A N   1 
ATOM   1264 C  CA  . GLU A 1 164 ? -5.389  7.857   -4.290  1.00 52.52  ? 184 GLU A CA  1 
ATOM   1265 C  C   . GLU A 1 164 ? -6.349  7.508   -5.430  1.00 51.02  ? 184 GLU A C   1 
ATOM   1266 O  O   . GLU A 1 164 ? -6.020  6.678   -6.275  1.00 51.02  ? 184 GLU A O   1 
ATOM   1267 C  CB  . GLU A 1 164 ? -4.077  8.392   -4.865  1.00 60.31  ? 184 GLU A CB  1 
ATOM   1268 C  CG  . GLU A 1 164 ? -4.096  9.870   -5.196  1.00 74.12  ? 184 GLU A CG  1 
ATOM   1269 C  CD  . GLU A 1 164 ? -3.989  10.706  -3.943  1.00 90.36  ? 184 GLU A CD  1 
ATOM   1270 O  OE1 . GLU A 1 164 ? -2.863  10.760  -3.393  1.00 98.89  ? 184 GLU A OE1 1 
ATOM   1271 O  OE2 . GLU A 1 164 ? -5.024  11.279  -3.504  1.00 95.92  ? 184 GLU A OE2 1 
ATOM   1272 N  N   . VAL A 1 165 ? -7.537  8.109   -5.455  1.00 46.71  ? 185 VAL A N   1 
ATOM   1273 C  CA  . VAL A 1 165 ? -8.508  7.799   -6.517  1.00 44.41  ? 185 VAL A CA  1 
ATOM   1274 C  C   . VAL A 1 165 ? -8.930  9.053   -7.255  1.00 45.42  ? 185 VAL A C   1 
ATOM   1275 O  O   . VAL A 1 165 ? -9.188  10.079  -6.615  1.00 47.67  ? 185 VAL A O   1 
ATOM   1276 C  CB  . VAL A 1 165 ? -9.778  7.103   -5.972  1.00 42.52  ? 185 VAL A CB  1 
ATOM   1277 C  CG1 . VAL A 1 165 ? -10.691 6.667   -7.109  1.00 42.90  ? 185 VAL A CG1 1 
ATOM   1278 C  CG2 . VAL A 1 165 ? -9.423  5.905   -5.108  1.00 37.76  ? 185 VAL A CG2 1 
ATOM   1279 N  N   . GLU A 1 166 ? -8.922  8.976   -8.593  1.00 46.98  ? 186 GLU A N   1 
ATOM   1280 C  CA  . GLU A 1 166 ? -9.737  9.843   -9.479  1.00 47.92  ? 186 GLU A CA  1 
ATOM   1281 C  C   . GLU A 1 166 ? -10.776 8.878   -10.035 1.00 48.65  ? 186 GLU A C   1 
ATOM   1282 O  O   . GLU A 1 166 ? -10.430 7.736   -10.346 1.00 48.79  ? 186 GLU A O   1 
ATOM   1283 C  CB  . GLU A 1 166 ? -8.921  10.519  -10.605 1.00 41.07  ? 186 GLU A CB  1 
ATOM   1284 N  N   . ALA A 1 167 ? -12.046 9.294   -10.089 1.00 48.35  ? 187 ALA A N   1 
ATOM   1285 C  CA  . ALA A 1 167 ? -13.132 8.444   -10.614 1.00 48.46  ? 187 ALA A CA  1 
ATOM   1286 C  C   . ALA A 1 167 ? -14.240 9.264   -11.289 1.00 52.59  ? 187 ALA A C   1 
ATOM   1287 O  O   . ALA A 1 167 ? -14.552 10.377  -10.847 1.00 60.03  ? 187 ALA A O   1 
ATOM   1288 C  CB  . ALA A 1 167 ? -13.706 7.545   -9.526  1.00 42.69  ? 187 ALA A CB  1 
ATOM   1289 N  N   . ASN A 1 168 ? -14.825 8.709   -12.355 1.00 51.56  ? 188 ASN A N   1 
ATOM   1290 C  CA  . ASN A 1 168 ? -15.904 9.357   -13.107 1.00 48.34  ? 188 ASN A CA  1 
ATOM   1291 C  C   . ASN A 1 168 ? -17.175 8.548   -13.004 1.00 49.33  ? 188 ASN A C   1 
ATOM   1292 O  O   . ASN A 1 168 ? -17.129 7.380   -12.655 1.00 51.01  ? 188 ASN A O   1 
ATOM   1293 C  CB  . ASN A 1 168 ? -15.501 9.484   -14.562 1.00 48.50  ? 188 ASN A CB  1 
ATOM   1294 C  CG  . ASN A 1 168 ? -14.220 10.271  -14.737 1.00 51.87  ? 188 ASN A CG  1 
ATOM   1295 O  OD1 . ASN A 1 168 ? -14.225 11.511  -14.783 1.00 53.69  ? 188 ASN A OD1 1 
ATOM   1296 N  ND2 . ASN A 1 168 ? -13.106 9.555   -14.828 1.00 53.54  ? 188 ASN A ND2 1 
ATOM   1297 N  N   . GLU A 1 169 ? -18.306 9.173   -13.302 1.00 51.19  ? 189 GLU A N   1 
ATOM   1298 C  CA  . GLU A 1 169 ? -19.623 8.528   -13.258 1.00 56.90  ? 189 GLU A CA  1 
ATOM   1299 C  C   . GLU A 1 169 ? -19.773 7.364   -14.280 1.00 65.43  ? 189 GLU A C   1 
ATOM   1300 O  O   . GLU A 1 169 ? -19.047 7.355   -15.268 1.00 71.71  ? 189 GLU A O   1 
ATOM   1301 C  CB  . GLU A 1 169 ? -20.653 9.603   -13.536 1.00 54.79  ? 189 GLU A CB  1 
ATOM   1302 C  CG  . GLU A 1 169 ? -22.004 9.335   -12.916 1.00 60.93  ? 189 GLU A CG  1 
ATOM   1303 C  CD  . GLU A 1 169 ? -23.016 10.429  -13.181 1.00 63.52  ? 189 GLU A CD  1 
ATOM   1304 O  OE1 . GLU A 1 169 ? -24.167 10.258  -12.700 1.00 64.82  ? 189 GLU A OE1 1 
ATOM   1305 O  OE2 . GLU A 1 169 ? -22.670 11.439  -13.853 1.00 62.72  ? 189 GLU A OE2 1 
ATOM   1306 N  N   . LYS A 1 170 ? -20.708 6.419   -14.063 1.00 71.55  ? 190 LYS A N   1 
ATOM   1307 C  CA  . LYS A 1 170 ? -20.848 5.189   -14.899 1.00 82.98  ? 190 LYS A CA  1 
ATOM   1308 C  C   . LYS A 1 170 ? -21.914 5.235   -16.045 1.00 95.30  ? 190 LYS A C   1 
ATOM   1309 O  O   . LYS A 1 170 ? -22.687 6.202   -16.116 1.00 99.63  ? 190 LYS A O   1 
ATOM   1310 C  CB  . LYS A 1 170 ? -21.020 3.924   -14.010 1.00 87.43  ? 190 LYS A CB  1 
ATOM   1311 C  CG  . LYS A 1 170 ? -20.192 2.733   -14.510 1.00 93.98  ? 190 LYS A CG  1 
ATOM   1312 C  CD  . LYS A 1 170 ? -20.771 1.343   -14.260 1.00 87.72  ? 190 LYS A CD  1 
ATOM   1313 C  CE  . LYS A 1 170 ? -20.075 0.388   -15.242 1.00 95.23  ? 190 LYS A CE  1 
ATOM   1314 N  NZ  . LYS A 1 170 ? -20.528 -1.036  -15.189 1.00 103.64 ? 190 LYS A NZ  1 
ATOM   1315 N  N   . GLU A 1 171 ? -21.934 4.189   -16.910 1.00 102.29 ? 191 GLU A N   1 
ATOM   1316 C  CA  . GLU A 1 171 ? -22.883 3.978   -18.059 1.00 93.40  ? 191 GLU A CA  1 
ATOM   1317 C  C   . GLU A 1 171 ? -22.962 5.168   -19.012 1.00 96.82  ? 191 GLU A C   1 
ATOM   1318 O  O   . GLU A 1 171 ? -21.967 5.874   -19.207 1.00 96.73  ? 191 GLU A O   1 
ATOM   1319 C  CB  . GLU A 1 171 ? -24.298 3.547   -17.614 1.00 80.19  ? 191 GLU A CB  1 
HETATM 1320 C  C1  . LFA B 2 .   ? -6.177  -1.732  0.422   1.00 33.28  ? 301 LFA A C1  1 
HETATM 1321 C  C2  . LFA B 2 .   ? -4.707  -1.788  -0.013  1.00 39.56  ? 301 LFA A C2  1 
HETATM 1322 C  C3  . LFA B 2 .   ? -3.849  -2.681  0.895   1.00 41.86  ? 301 LFA A C3  1 
HETATM 1323 C  C4  . LFA B 2 .   ? -2.329  -2.636  0.702   1.00 42.32  ? 301 LFA A C4  1 
HETATM 1324 C  C5  . LFA B 2 .   ? -1.632  -3.702  1.588   1.00 43.18  ? 301 LFA A C5  1 
HETATM 1325 C  C6  . LFA B 2 .   ? -0.355  -4.271  0.953   1.00 42.98  ? 301 LFA A C6  1 
HETATM 1326 C  C7  . LFA B 2 .   ? 0.655   -4.869  1.930   1.00 42.56  ? 301 LFA A C7  1 
HETATM 1327 C  C8  . LFA B 2 .   ? 2.048   -4.926  1.258   1.00 45.83  ? 301 LFA A C8  1 
HETATM 1328 C  C9  . LFA B 2 .   ? 3.240   -5.526  2.060   1.00 44.45  ? 301 LFA A C9  1 
HETATM 1329 C  C10 . LFA B 2 .   ? 4.603   -5.416  1.333   1.00 44.68  ? 301 LFA A C10 1 
HETATM 1330 C  C11 . LFA B 2 .   ? 5.880   -5.868  2.074   1.00 48.80  ? 301 LFA A C11 1 
HETATM 1331 C  C12 . LFA B 2 .   ? 7.213   -5.574  1.330   1.00 55.22  ? 301 LFA A C12 1 
HETATM 1332 C  C13 . LFA B 2 .   ? 8.410   -6.482  1.734   1.00 61.74  ? 301 LFA A C13 1 
HETATM 1333 C  C14 . LFA B 2 .   ? 9.832   -6.100  1.236   1.00 65.49  ? 301 LFA A C14 1 
HETATM 1334 C  C15 . LFA B 2 .   ? 10.928  -7.189  1.380   1.00 65.39  ? 301 LFA A C15 1 
HETATM 1335 C  C16 . LFA B 2 .   ? 12.197  -6.745  2.129   1.00 66.24  ? 301 LFA A C16 1 
HETATM 1336 C  C17 . LFA B 2 .   ? 12.575  -7.649  3.311   1.00 59.57  ? 301 LFA A C17 1 
HETATM 1337 S  S   . SO4 C 3 .   ? -11.850 -7.858  13.405  0.90 88.84  ? 302 SO4 A S   1 
HETATM 1338 O  O1  . SO4 C 3 .   ? -12.624 -8.344  14.576  0.90 77.27  ? 302 SO4 A O1  1 
HETATM 1339 O  O2  . SO4 C 3 .   ? -12.535 -8.122  12.103  0.90 86.22  ? 302 SO4 A O2  1 
HETATM 1340 O  O3  . SO4 C 3 .   ? -10.546 -8.573  13.451  0.90 102.60 ? 302 SO4 A O3  1 
HETATM 1341 O  O4  . SO4 C 3 .   ? -11.621 -6.398  13.518  0.90 87.73  ? 302 SO4 A O4  1 
HETATM 1342 S  S   . SO4 D 3 .   ? 14.580  -11.708 8.820   0.45 24.05  ? 303 SO4 A S   1 
HETATM 1343 O  O1  . SO4 D 3 .   ? 14.494  -13.177 8.678   0.45 24.63  ? 303 SO4 A O1  1 
HETATM 1344 O  O2  . SO4 D 3 .   ? 14.766  -11.083 7.478   0.45 23.94  ? 303 SO4 A O2  1 
HETATM 1345 O  O3  . SO4 D 3 .   ? 13.328  -11.210 9.420   0.45 24.49  ? 303 SO4 A O3  1 
HETATM 1346 O  O4  . SO4 D 3 .   ? 15.692  -11.357 9.733   0.45 24.06  ? 303 SO4 A O4  1 
HETATM 1347 N  N   . SEC E 4 .   ? -2.292  12.148  1.504   1.00 109.62 ? 304 SEC A N   1 
HETATM 1348 C  CA  . SEC E 4 .   ? -1.537  11.308  2.484   1.00 114.91 ? 304 SEC A CA  1 
HETATM 1349 C  CB  . SEC E 4 .   ? -2.337  10.036  2.831   1.00 112.65 ? 304 SEC A CB  1 
HETATM 1350 SE SE  . SEC E 4 .   ? -2.850  9.011   1.237   1.00 100.41 ? 304 SEC A SE  1 
HETATM 1351 C  C   . SEC E 4 .   ? -0.172  11.006  1.909   1.00 124.68 ? 304 SEC A C   1 
HETATM 1352 O  O   . SEC E 4 .   ? 0.154   9.868   1.556   1.00 127.40 ? 304 SEC A O   1 
HETATM 1353 O  OXT . SEC E 4 .   ? 0.672   11.899  1.770   1.00 132.52 ? 304 SEC A OXT 1 
HETATM 1354 O  O   . HOH F 5 .   ? -16.278 4.716   9.797   1.00 28.81  ? 401 HOH A O   1 
HETATM 1355 O  O   . HOH F 5 .   ? -12.405 -8.075  2.502   1.00 36.64  ? 402 HOH A O   1 
HETATM 1356 O  O   . HOH F 5 .   ? 2.289   -14.871 6.112   1.00 46.61  ? 403 HOH A O   1 
HETATM 1357 O  O   . HOH F 5 .   ? -0.481  -24.806 1.653   1.00 40.51  ? 404 HOH A O   1 
HETATM 1358 O  O   . HOH F 5 .   ? -10.908 8.586   11.778  1.00 41.02  ? 405 HOH A O   1 
HETATM 1359 O  O   . HOH F 5 .   ? 6.108   -20.521 -3.342  1.00 43.65  ? 406 HOH A O   1 
HETATM 1360 O  O   . HOH F 5 .   ? -15.118 -4.957  -7.673  1.00 29.08  ? 407 HOH A O   1 
HETATM 1361 O  O   . HOH F 5 .   ? 2.973   -18.867 9.243   1.00 43.31  ? 408 HOH A O   1 
HETATM 1362 O  O   . HOH F 5 .   ? 13.789  -12.553 -10.913 1.00 46.26  ? 409 HOH A O   1 
HETATM 1363 O  O   . HOH F 5 .   ? 15.404  -1.116  -3.461  1.00 21.84  ? 410 HOH A O   1 
HETATM 1364 O  O   . HOH F 5 .   ? 14.267  -4.770  -11.791 1.00 32.11  ? 411 HOH A O   1 
HETATM 1365 O  O   . HOH F 5 .   ? 8.673   -10.280 15.406  1.00 14.23  ? 412 HOH A O   1 
HETATM 1366 O  O   . HOH F 5 .   ? 55.046  8.338   2.359   1.00 47.15  ? 413 HOH A O   1 
HETATM 1367 O  O   . HOH F 5 .   ? 1.087   5.608   2.173   1.00 37.08  ? 414 HOH A O   1 
HETATM 1368 O  O   . HOH F 5 .   ? -13.440 -0.815  -12.228 1.00 32.77  ? 415 HOH A O   1 
HETATM 1369 O  O   . HOH F 5 .   ? 12.348  6.649   2.047   1.00 26.44  ? 416 HOH A O   1 
HETATM 1370 O  O   . HOH F 5 .   ? 12.029  -1.138  10.501  1.00 20.56  ? 417 HOH A O   1 
HETATM 1371 O  O   . HOH F 5 .   ? 3.306   3.957   -11.552 1.00 31.14  ? 418 HOH A O   1 
HETATM 1372 O  O   . HOH F 5 .   ? 2.363   -3.449  19.440  1.00 22.53  ? 419 HOH A O   1 
# 
